data_7H4M
# 
_entry.id   7H4M 
# 
_audit_conform.dict_name       mmcif_pdbx.dic 
_audit_conform.dict_version    5.397 
_audit_conform.dict_location   http://mmcif.pdb.org/dictionaries/ascii/mmcif_pdbx.dic 
# 
loop_
_database_2.database_id 
_database_2.database_code 
_database_2.pdbx_database_accession 
_database_2.pdbx_DOI 
PDB   7H4M         pdb_00007h4m 10.2210/pdb7h4m/pdb 
WWPDB D_1001407017 ?            ?                   
# 
loop_
_pdbx_audit_revision_history.ordinal 
_pdbx_audit_revision_history.data_content_type 
_pdbx_audit_revision_history.major_revision 
_pdbx_audit_revision_history.minor_revision 
_pdbx_audit_revision_history.revision_date 
1 'Structure model' 1 0 2024-04-24 
2 'Structure model' 1 1 2024-10-16 
# 
_pdbx_audit_revision_details.ordinal             1 
_pdbx_audit_revision_details.revision_ordinal    1 
_pdbx_audit_revision_details.data_content_type   'Structure model' 
_pdbx_audit_revision_details.provider            repository 
_pdbx_audit_revision_details.type                'Initial release' 
_pdbx_audit_revision_details.description         ? 
_pdbx_audit_revision_details.details             ? 
# 
loop_
_pdbx_audit_revision_group.ordinal 
_pdbx_audit_revision_group.revision_ordinal 
_pdbx_audit_revision_group.data_content_type 
_pdbx_audit_revision_group.group 
1 2 'Structure model' 'Database references' 
2 2 'Structure model' 'Structure summary'   
# 
loop_
_pdbx_audit_revision_category.ordinal 
_pdbx_audit_revision_category.revision_ordinal 
_pdbx_audit_revision_category.data_content_type 
_pdbx_audit_revision_category.category 
1 2 'Structure model' citation           
2 2 'Structure model' citation_author    
3 2 'Structure model' pdbx_entry_details 
# 
loop_
_pdbx_audit_revision_item.ordinal 
_pdbx_audit_revision_item.revision_ordinal 
_pdbx_audit_revision_item.data_content_type 
_pdbx_audit_revision_item.item 
1 2 'Structure model' '_citation.country'                 
2 2 'Structure model' '_citation.journal_abbrev'          
3 2 'Structure model' '_citation.journal_id_CSD'          
4 2 'Structure model' '_citation.journal_id_ISSN'         
5 2 'Structure model' '_citation.pdbx_database_id_DOI'    
6 2 'Structure model' '_citation.pdbx_database_id_PubMed' 
7 2 'Structure model' '_citation.title'                   
8 2 'Structure model' '_citation.year'                    
# 
_pdbx_database_status.entry_id                        7H4M 
_pdbx_database_status.status_code                     REL 
_pdbx_database_status.status_code_sf                  REL 
_pdbx_database_status.status_code_mr                  ? 
_pdbx_database_status.status_code_cs                  ? 
_pdbx_database_status.recvd_initial_deposition_date   2024-04-04 
_pdbx_database_status.status_code_nmr_data            ? 
_pdbx_database_status.deposit_site                    RCSB 
_pdbx_database_status.process_site                    RCSB 
_pdbx_database_status.SG_entry                        ? 
_pdbx_database_status.pdb_format_compatible           Y 
_pdbx_database_status.methods_development_category    ? 
# 
_pdbx_contact_author.id                 1 
_pdbx_contact_author.email              frank.von-delft@diamond.ac.uk 
_pdbx_contact_author.name_first         Frank 
_pdbx_contact_author.name_last          'von Delft' 
_pdbx_contact_author.role               'principal investigator/group leader' 
_pdbx_contact_author.identifier_ORCID   0000-0003-0378-0017 
_pdbx_contact_author.name_mi            ? 
# 
loop_
_audit_author.name 
_audit_author.pdbx_ordinal 
'Lithgo, R.M.'        1  
'Fairhead, M.'        2  
'Koekemoer, L.'       3  
'Balcomb, B.H.'       4  
'Capkin, E.'          5  
'Chandran, A.V.'      6  
'Golding, M.'         7  
'Godoy, A.S.'         8  
'Aschenbrenner, J.C.' 9  
'Marples, P.G.'       10 
'Ni, X.'              11 
'Thompson, W.'        12 
'Tomlinson, C.W.E.'   13 
'Wild, C.'            14 
'Winokan, M.'         15 
'Xavier, M.-A.E.'     16 
'Fearon, D.'          17 
'von Delft, F.'       18 
# 
_citation.id                        primary 
_citation.title                     
;Crystallographic Fragment Screen of Coxsackievirus A16 2A Protease identifies new opportunities for the development of broad-spectrum anti-enterovirals.
;
_citation.journal_abbrev            Biorxiv 
_citation.journal_volume            ? 
_citation.page_first                ? 
_citation.page_last                 ? 
_citation.year                      2024 
_citation.journal_id_ASTM           ? 
_citation.country                   US 
_citation.journal_id_ISSN           2692-8205 
_citation.journal_id_CSD            ? 
_citation.book_publisher            ? 
_citation.pdbx_database_id_PubMed   38746446 
_citation.pdbx_database_id_DOI      10.1101/2024.04.29.591684 
# 
loop_
_citation_author.citation_id 
_citation_author.name 
_citation_author.identifier_ORCID 
_citation_author.ordinal 
primary 'Lithgo, R.M.'        0000-0002-4706-9916 1  
primary 'Tomlinson, C.W.E.'   0000-0002-1845-6028 2  
primary 'Fairhead, M.'        0000-0001-5361-3933 3  
primary 'Winokan, M.'         ?                   4  
primary 'Thompson, W.'        0000-0003-1474-7810 5  
primary 'Wild, C.'            0000-0003-0654-8141 6  
primary 'Aschenbrenner, J.C.' 0000-0002-4318-0481 7  
primary 'Balcomb, B.H.'       0000-0001-7599-8467 8  
primary 'Marples, P.G.'       0000-0002-8787-7969 9  
primary 'Chandran, A.V.'      0000-0001-9942-2614 10 
primary 'Golding, M.'         0009-0004-7472-8333 11 
primary 'Koekemoer, L.'       0000-0001-9226-9127 12 
primary 'Williams, E.P.'      0000-0002-1331-9518 13 
primary 'Wang, S.'            ?                   14 
primary 'Ni, X.'              0000-0002-7769-8297 15 
primary 'MacLean, E.'         0000-0003-1680-4292 16 
primary 'Giroud, C.'          0000-0002-1629-1581 17 
primary 'Godoy, A.S.'         0000-0002-0613-9164 18 
primary 'Xavier, M.A.'        0000-0002-1709-9479 19 
primary 'Walsh, M.'           0000-0001-5683-1151 20 
primary 'Fearon, D.'          0000-0003-3529-7863 21 
primary 'von Delft, F.'       0000-0003-0378-0017 22 
# 
loop_
_entity.id 
_entity.type 
_entity.src_method 
_entity.pdbx_description 
_entity.formula_weight 
_entity.pdbx_number_of_molecules 
_entity.pdbx_ec 
_entity.pdbx_mutation 
_entity.pdbx_fragment 
_entity.details 
1 polymer     man 'Protease 2A'                                     16493.311 1  3.4.22.29 ? ? ? 
2 non-polymer man '(3S)-N-methyl-N-phenylpyrrolidine-3-carboxamide' 204.268   1  ?         ? ? ? 
3 non-polymer syn 'ZINC ION'                                        65.409    1  ?         ? ? ? 
4 non-polymer syn 'DIMETHYL SULFOXIDE'                              78.133    3  ?         ? ? ? 
5 water       nat water                                             18.015    80 ?         ? ? ? 
# 
_entity_name_com.entity_id   1 
_entity_name_com.name        'P2A,Picornain 2A,Protein 2A' 
# 
_entity_poly.entity_id                      1 
_entity_poly.type                           'polypeptide(L)' 
_entity_poly.nstd_linkage                   no 
_entity_poly.nstd_monomer                   no 
_entity_poly.pdbx_seq_one_letter_code       
;QEQTGGSGAIYVGNYRVVNRHLATHNDWANLVWEDSSRDLLVSSTTAQGCDTIARCDCQTGVYYCSSRRKHYPVSFSKPS
LIFVEASEYYPARYQSHLMLAVGHSEPGDCGGILRCQHGVVGIVSTGGNGLVGFADVRDLLWLDEEAMEQ
;
_entity_poly.pdbx_seq_one_letter_code_can   
;QEQTGGSGAIYVGNYRVVNRHLATHNDWANLVWEDSSRDLLVSSTTAQGCDTIARCDCQTGVYYCSSRRKHYPVSFSKPS
LIFVEASEYYPARYQSHLMLAVGHSEPGDCGGILRCQHGVVGIVSTGGNGLVGFADVRDLLWLDEEAMEQ
;
_entity_poly.pdbx_strand_id                 A 
_entity_poly.pdbx_target_identifier         ? 
# 
loop_
_pdbx_entity_nonpoly.entity_id 
_pdbx_entity_nonpoly.name 
_pdbx_entity_nonpoly.comp_id 
2 '(3S)-N-methyl-N-phenylpyrrolidine-3-carboxamide' O3A 
3 'ZINC ION'                                        ZN  
4 'DIMETHYL SULFOXIDE'                              DMS 
5 water                                             HOH 
# 
loop_
_entity_poly_seq.entity_id 
_entity_poly_seq.num 
_entity_poly_seq.mon_id 
_entity_poly_seq.hetero 
1 1   GLN n 
1 2   GLU n 
1 3   GLN n 
1 4   THR n 
1 5   GLY n 
1 6   GLY n 
1 7   SER n 
1 8   GLY n 
1 9   ALA n 
1 10  ILE n 
1 11  TYR n 
1 12  VAL n 
1 13  GLY n 
1 14  ASN n 
1 15  TYR n 
1 16  ARG n 
1 17  VAL n 
1 18  VAL n 
1 19  ASN n 
1 20  ARG n 
1 21  HIS n 
1 22  LEU n 
1 23  ALA n 
1 24  THR n 
1 25  HIS n 
1 26  ASN n 
1 27  ASP n 
1 28  TRP n 
1 29  ALA n 
1 30  ASN n 
1 31  LEU n 
1 32  VAL n 
1 33  TRP n 
1 34  GLU n 
1 35  ASP n 
1 36  SER n 
1 37  SER n 
1 38  ARG n 
1 39  ASP n 
1 40  LEU n 
1 41  LEU n 
1 42  VAL n 
1 43  SER n 
1 44  SER n 
1 45  THR n 
1 46  THR n 
1 47  ALA n 
1 48  GLN n 
1 49  GLY n 
1 50  CYS n 
1 51  ASP n 
1 52  THR n 
1 53  ILE n 
1 54  ALA n 
1 55  ARG n 
1 56  CYS n 
1 57  ASP n 
1 58  CYS n 
1 59  GLN n 
1 60  THR n 
1 61  GLY n 
1 62  VAL n 
1 63  TYR n 
1 64  TYR n 
1 65  CYS n 
1 66  SER n 
1 67  SER n 
1 68  ARG n 
1 69  ARG n 
1 70  LYS n 
1 71  HIS n 
1 72  TYR n 
1 73  PRO n 
1 74  VAL n 
1 75  SER n 
1 76  PHE n 
1 77  SER n 
1 78  LYS n 
1 79  PRO n 
1 80  SER n 
1 81  LEU n 
1 82  ILE n 
1 83  PHE n 
1 84  VAL n 
1 85  GLU n 
1 86  ALA n 
1 87  SER n 
1 88  GLU n 
1 89  TYR n 
1 90  TYR n 
1 91  PRO n 
1 92  ALA n 
1 93  ARG n 
1 94  TYR n 
1 95  GLN n 
1 96  SER n 
1 97  HIS n 
1 98  LEU n 
1 99  MET n 
1 100 LEU n 
1 101 ALA n 
1 102 VAL n 
1 103 GLY n 
1 104 HIS n 
1 105 SER n 
1 106 GLU n 
1 107 PRO n 
1 108 GLY n 
1 109 ASP n 
1 110 CYS n 
1 111 GLY n 
1 112 GLY n 
1 113 ILE n 
1 114 LEU n 
1 115 ARG n 
1 116 CYS n 
1 117 GLN n 
1 118 HIS n 
1 119 GLY n 
1 120 VAL n 
1 121 VAL n 
1 122 GLY n 
1 123 ILE n 
1 124 VAL n 
1 125 SER n 
1 126 THR n 
1 127 GLY n 
1 128 GLY n 
1 129 ASN n 
1 130 GLY n 
1 131 LEU n 
1 132 VAL n 
1 133 GLY n 
1 134 PHE n 
1 135 ALA n 
1 136 ASP n 
1 137 VAL n 
1 138 ARG n 
1 139 ASP n 
1 140 LEU n 
1 141 LEU n 
1 142 TRP n 
1 143 LEU n 
1 144 ASP n 
1 145 GLU n 
1 146 GLU n 
1 147 ALA n 
1 148 MET n 
1 149 GLU n 
1 150 GLN n 
# 
loop_
_entity_src_gen.entity_id 
_entity_src_gen.pdbx_src_id 
_entity_src_gen.pdbx_alt_source_flag 
_entity_src_gen.pdbx_seq_type 
_entity_src_gen.pdbx_beg_seq_num 
_entity_src_gen.pdbx_end_seq_num 
_entity_src_gen.gene_src_common_name 
_entity_src_gen.gene_src_genus 
_entity_src_gen.pdbx_gene_src_gene 
_entity_src_gen.gene_src_species 
_entity_src_gen.gene_src_strain 
_entity_src_gen.gene_src_tissue 
_entity_src_gen.gene_src_tissue_fraction 
_entity_src_gen.gene_src_details 
_entity_src_gen.pdbx_gene_src_fragment 
_entity_src_gen.pdbx_gene_src_scientific_name 
_entity_src_gen.pdbx_gene_src_ncbi_taxonomy_id 
_entity_src_gen.pdbx_gene_src_variant 
_entity_src_gen.pdbx_gene_src_cell_line 
_entity_src_gen.pdbx_gene_src_atcc 
_entity_src_gen.pdbx_gene_src_organ 
_entity_src_gen.pdbx_gene_src_organelle 
_entity_src_gen.pdbx_gene_src_cell 
_entity_src_gen.pdbx_gene_src_cellular_location 
_entity_src_gen.host_org_common_name 
_entity_src_gen.pdbx_host_org_scientific_name 
_entity_src_gen.pdbx_host_org_ncbi_taxonomy_id 
_entity_src_gen.host_org_genus 
_entity_src_gen.pdbx_host_org_gene 
_entity_src_gen.pdbx_host_org_organ 
_entity_src_gen.host_org_species 
_entity_src_gen.pdbx_host_org_tissue 
_entity_src_gen.pdbx_host_org_tissue_fraction 
_entity_src_gen.pdbx_host_org_strain 
_entity_src_gen.pdbx_host_org_variant 
_entity_src_gen.pdbx_host_org_cell_line 
_entity_src_gen.pdbx_host_org_atcc 
_entity_src_gen.pdbx_host_org_culture_collection 
_entity_src_gen.pdbx_host_org_cell 
_entity_src_gen.pdbx_host_org_organelle 
_entity_src_gen.pdbx_host_org_cellular_location 
_entity_src_gen.pdbx_host_org_vector_type 
_entity_src_gen.pdbx_host_org_vector 
_entity_src_gen.host_org_details 
_entity_src_gen.expression_system_id 
_entity_src_gen.plasmid_name 
_entity_src_gen.plasmid_details 
_entity_src_gen.pdbx_description 
1 1 sample 'Biological sequence' 1 150 ? ? ? ? ? ? ? ? ? 'Coxsackievirus A16' 31704 ? ? ? ? ? ? ? ? 'Escherichia coli' 562 ? ? ? ? 
? ? ? ? ? ? ? ? ? ? ? ? ? ? ? ? ? 
2 1 sample ?                     ? ?   ? ? ? ? ? ? ? ? ? 'Coxsackievirus A16' 31704 ? ? ? ? ? ? ? ? 'Escherichia coli' 562 ? ? ? ? 
? ? ? ? ? ? ? ? ? ? ? ? ? ? ? ? ? 
# 
loop_
_chem_comp.id 
_chem_comp.type 
_chem_comp.mon_nstd_flag 
_chem_comp.name 
_chem_comp.pdbx_synonyms 
_chem_comp.formula 
_chem_comp.formula_weight 
ALA 'L-peptide linking' y ALANINE                                           ? 'C3 H7 N O2'     89.093  
ARG 'L-peptide linking' y ARGININE                                          ? 'C6 H15 N4 O2 1' 175.209 
ASN 'L-peptide linking' y ASPARAGINE                                        ? 'C4 H8 N2 O3'    132.118 
ASP 'L-peptide linking' y 'ASPARTIC ACID'                                   ? 'C4 H7 N O4'     133.103 
CYS 'L-peptide linking' y CYSTEINE                                          ? 'C3 H7 N O2 S'   121.158 
DMS non-polymer         . 'DIMETHYL SULFOXIDE'                              ? 'C2 H6 O S'      78.133  
GLN 'L-peptide linking' y GLUTAMINE                                         ? 'C5 H10 N2 O3'   146.144 
GLU 'L-peptide linking' y 'GLUTAMIC ACID'                                   ? 'C5 H9 N O4'     147.129 
GLY 'peptide linking'   y GLYCINE                                           ? 'C2 H5 N O2'     75.067  
HIS 'L-peptide linking' y HISTIDINE                                         ? 'C6 H10 N3 O2 1' 156.162 
HOH non-polymer         . WATER                                             ? 'H2 O'           18.015  
ILE 'L-peptide linking' y ISOLEUCINE                                        ? 'C6 H13 N O2'    131.173 
LEU 'L-peptide linking' y LEUCINE                                           ? 'C6 H13 N O2'    131.173 
LYS 'L-peptide linking' y LYSINE                                            ? 'C6 H15 N2 O2 1' 147.195 
MET 'L-peptide linking' y METHIONINE                                        ? 'C5 H11 N O2 S'  149.211 
O3A non-polymer         . '(3S)-N-methyl-N-phenylpyrrolidine-3-carboxamide' ? 'C12 H16 N2 O'   204.268 
PHE 'L-peptide linking' y PHENYLALANINE                                     ? 'C9 H11 N O2'    165.189 
PRO 'L-peptide linking' y PROLINE                                           ? 'C5 H9 N O2'     115.130 
SER 'L-peptide linking' y SERINE                                            ? 'C3 H7 N O3'     105.093 
THR 'L-peptide linking' y THREONINE                                         ? 'C4 H9 N O3'     119.119 
TRP 'L-peptide linking' y TRYPTOPHAN                                        ? 'C11 H12 N2 O2'  204.225 
TYR 'L-peptide linking' y TYROSINE                                          ? 'C9 H11 N O3'    181.189 
VAL 'L-peptide linking' y VALINE                                            ? 'C5 H11 N O2'    117.146 
ZN  non-polymer         . 'ZINC ION'                                        ? 'Zn 2'           65.409  
# 
loop_
_pdbx_poly_seq_scheme.asym_id 
_pdbx_poly_seq_scheme.entity_id 
_pdbx_poly_seq_scheme.seq_id 
_pdbx_poly_seq_scheme.mon_id 
_pdbx_poly_seq_scheme.ndb_seq_num 
_pdbx_poly_seq_scheme.pdb_seq_num 
_pdbx_poly_seq_scheme.auth_seq_num 
_pdbx_poly_seq_scheme.pdb_mon_id 
_pdbx_poly_seq_scheme.auth_mon_id 
_pdbx_poly_seq_scheme.pdb_strand_id 
_pdbx_poly_seq_scheme.pdb_ins_code 
_pdbx_poly_seq_scheme.hetero 
A 1 1   GLN 1   1   ?   ?   ?   A . n 
A 1 2   GLU 2   2   ?   ?   ?   A . n 
A 1 3   GLN 3   3   ?   ?   ?   A . n 
A 1 4   THR 4   4   ?   ?   ?   A . n 
A 1 5   GLY 5   5   ?   ?   ?   A . n 
A 1 6   GLY 6   6   ?   ?   ?   A . n 
A 1 7   SER 7   7   7   SER SER A . n 
A 1 8   GLY 8   8   8   GLY GLY A . n 
A 1 9   ALA 9   9   9   ALA ALA A . n 
A 1 10  ILE 10  10  10  ILE ILE A . n 
A 1 11  TYR 11  11  11  TYR TYR A . n 
A 1 12  VAL 12  12  12  VAL VAL A . n 
A 1 13  GLY 13  13  13  GLY GLY A . n 
A 1 14  ASN 14  14  14  ASN ASN A . n 
A 1 15  TYR 15  15  15  TYR TYR A . n 
A 1 16  ARG 16  16  16  ARG ARG A . n 
A 1 17  VAL 17  17  17  VAL VAL A . n 
A 1 18  VAL 18  18  18  VAL VAL A . n 
A 1 19  ASN 19  19  19  ASN ASN A . n 
A 1 20  ARG 20  20  20  ARG ARG A . n 
A 1 21  HIS 21  21  21  HIS HIS A . n 
A 1 22  LEU 22  22  22  LEU LEU A . n 
A 1 23  ALA 23  23  23  ALA ALA A . n 
A 1 24  THR 24  24  24  THR THR A . n 
A 1 25  HIS 25  25  25  HIS HIS A . n 
A 1 26  ASN 26  26  26  ASN ASN A . n 
A 1 27  ASP 27  27  27  ASP ASP A . n 
A 1 28  TRP 28  28  28  TRP TRP A . n 
A 1 29  ALA 29  29  29  ALA ALA A . n 
A 1 30  ASN 30  30  30  ASN ASN A . n 
A 1 31  LEU 31  31  31  LEU LEU A . n 
A 1 32  VAL 32  32  32  VAL VAL A . n 
A 1 33  TRP 33  33  33  TRP TRP A . n 
A 1 34  GLU 34  34  34  GLU GLU A . n 
A 1 35  ASP 35  35  35  ASP ASP A . n 
A 1 36  SER 36  36  36  SER SER A . n 
A 1 37  SER 37  37  37  SER SER A . n 
A 1 38  ARG 38  38  38  ARG ARG A . n 
A 1 39  ASP 39  39  39  ASP ASP A . n 
A 1 40  LEU 40  40  40  LEU LEU A . n 
A 1 41  LEU 41  41  41  LEU LEU A . n 
A 1 42  VAL 42  42  42  VAL VAL A . n 
A 1 43  SER 43  43  43  SER SER A . n 
A 1 44  SER 44  44  44  SER SER A . n 
A 1 45  THR 45  45  45  THR THR A . n 
A 1 46  THR 46  46  46  THR THR A . n 
A 1 47  ALA 47  47  47  ALA ALA A . n 
A 1 48  GLN 48  48  48  GLN GLN A . n 
A 1 49  GLY 49  49  49  GLY GLY A . n 
A 1 50  CYS 50  50  50  CYS CYS A . n 
A 1 51  ASP 51  51  51  ASP ASP A . n 
A 1 52  THR 52  52  52  THR THR A . n 
A 1 53  ILE 53  53  53  ILE ILE A . n 
A 1 54  ALA 54  54  54  ALA ALA A . n 
A 1 55  ARG 55  55  55  ARG ARG A . n 
A 1 56  CYS 56  56  56  CYS CYS A . n 
A 1 57  ASP 57  57  57  ASP ASP A . n 
A 1 58  CYS 58  58  58  CYS CYS A . n 
A 1 59  GLN 59  59  59  GLN GLN A . n 
A 1 60  THR 60  60  60  THR THR A . n 
A 1 61  GLY 61  61  61  GLY GLY A . n 
A 1 62  VAL 62  62  62  VAL VAL A . n 
A 1 63  TYR 63  63  63  TYR TYR A . n 
A 1 64  TYR 64  64  64  TYR TYR A . n 
A 1 65  CYS 65  65  65  CYS CYS A . n 
A 1 66  SER 66  66  66  SER SER A . n 
A 1 67  SER 67  67  67  SER SER A . n 
A 1 68  ARG 68  68  68  ARG ARG A . n 
A 1 69  ARG 69  69  69  ARG ARG A . n 
A 1 70  LYS 70  70  70  LYS LYS A . n 
A 1 71  HIS 71  71  71  HIS HIS A . n 
A 1 72  TYR 72  72  72  TYR TYR A . n 
A 1 73  PRO 73  73  73  PRO PRO A . n 
A 1 74  VAL 74  74  74  VAL VAL A . n 
A 1 75  SER 75  75  75  SER SER A . n 
A 1 76  PHE 76  76  76  PHE PHE A . n 
A 1 77  SER 77  77  77  SER SER A . n 
A 1 78  LYS 78  78  78  LYS LYS A . n 
A 1 79  PRO 79  79  79  PRO PRO A . n 
A 1 80  SER 80  80  80  SER SER A . n 
A 1 81  LEU 81  81  81  LEU LEU A . n 
A 1 82  ILE 82  82  82  ILE ILE A . n 
A 1 83  PHE 83  83  83  PHE PHE A . n 
A 1 84  VAL 84  84  84  VAL VAL A . n 
A 1 85  GLU 85  85  85  GLU GLU A . n 
A 1 86  ALA 86  86  86  ALA ALA A . n 
A 1 87  SER 87  87  87  SER SER A . n 
A 1 88  GLU 88  88  88  GLU GLU A . n 
A 1 89  TYR 89  89  89  TYR TYR A . n 
A 1 90  TYR 90  90  90  TYR TYR A . n 
A 1 91  PRO 91  91  91  PRO PRO A . n 
A 1 92  ALA 92  92  92  ALA ALA A . n 
A 1 93  ARG 93  93  93  ARG ARG A . n 
A 1 94  TYR 94  94  94  TYR TYR A . n 
A 1 95  GLN 95  95  95  GLN GLN A . n 
A 1 96  SER 96  96  96  SER SER A . n 
A 1 97  HIS 97  97  97  HIS HIS A . n 
A 1 98  LEU 98  98  98  LEU LEU A . n 
A 1 99  MET 99  99  99  MET MET A . n 
A 1 100 LEU 100 100 100 LEU LEU A . n 
A 1 101 ALA 101 101 101 ALA ALA A . n 
A 1 102 VAL 102 102 102 VAL VAL A . n 
A 1 103 GLY 103 103 103 GLY GLY A . n 
A 1 104 HIS 104 104 104 HIS HIS A . n 
A 1 105 SER 105 105 105 SER SER A . n 
A 1 106 GLU 106 106 106 GLU GLU A . n 
A 1 107 PRO 107 107 107 PRO PRO A . n 
A 1 108 GLY 108 108 108 GLY GLY A . n 
A 1 109 ASP 109 109 109 ASP ASP A . n 
A 1 110 CYS 110 110 110 CYS CYS A . n 
A 1 111 GLY 111 111 111 GLY GLY A . n 
A 1 112 GLY 112 112 112 GLY GLY A . n 
A 1 113 ILE 113 113 113 ILE ILE A . n 
A 1 114 LEU 114 114 114 LEU LEU A . n 
A 1 115 ARG 115 115 115 ARG ARG A . n 
A 1 116 CYS 116 116 116 CYS CYS A . n 
A 1 117 GLN 117 117 117 GLN GLN A . n 
A 1 118 HIS 118 118 118 HIS HIS A . n 
A 1 119 GLY 119 119 119 GLY GLY A . n 
A 1 120 VAL 120 120 120 VAL VAL A . n 
A 1 121 VAL 121 121 121 VAL VAL A . n 
A 1 122 GLY 122 122 122 GLY GLY A . n 
A 1 123 ILE 123 123 123 ILE ILE A . n 
A 1 124 VAL 124 124 124 VAL VAL A . n 
A 1 125 SER 125 125 125 SER SER A . n 
A 1 126 THR 126 126 126 THR THR A . n 
A 1 127 GLY 127 127 127 GLY GLY A . n 
A 1 128 GLY 128 128 128 GLY GLY A . n 
A 1 129 ASN 129 129 129 ASN ASN A . n 
A 1 130 GLY 130 130 130 GLY GLY A . n 
A 1 131 LEU 131 131 131 LEU LEU A . n 
A 1 132 VAL 132 132 132 VAL VAL A . n 
A 1 133 GLY 133 133 133 GLY GLY A . n 
A 1 134 PHE 134 134 134 PHE PHE A . n 
A 1 135 ALA 135 135 135 ALA ALA A . n 
A 1 136 ASP 136 136 136 ASP ASP A . n 
A 1 137 VAL 137 137 137 VAL VAL A . n 
A 1 138 ARG 138 138 138 ARG ARG A . n 
A 1 139 ASP 139 139 139 ASP ASP A . n 
A 1 140 LEU 140 140 140 LEU LEU A . n 
A 1 141 LEU 141 141 141 LEU LEU A . n 
A 1 142 TRP 142 142 142 TRP TRP A . n 
A 1 143 LEU 143 143 143 LEU LEU A . n 
A 1 144 ASP 144 144 144 ASP ASP A . n 
A 1 145 GLU 145 145 145 GLU GLU A . n 
A 1 146 GLU 146 146 ?   ?   ?   A . n 
A 1 147 ALA 147 147 ?   ?   ?   A . n 
A 1 148 MET 148 148 ?   ?   ?   A . n 
A 1 149 GLU 149 149 ?   ?   ?   A . n 
A 1 150 GLN 150 150 ?   ?   ?   A . n 
# 
loop_
_pdbx_nonpoly_scheme.asym_id 
_pdbx_nonpoly_scheme.entity_id 
_pdbx_nonpoly_scheme.mon_id 
_pdbx_nonpoly_scheme.ndb_seq_num 
_pdbx_nonpoly_scheme.pdb_seq_num 
_pdbx_nonpoly_scheme.auth_seq_num 
_pdbx_nonpoly_scheme.pdb_mon_id 
_pdbx_nonpoly_scheme.auth_mon_id 
_pdbx_nonpoly_scheme.pdb_strand_id 
_pdbx_nonpoly_scheme.pdb_ins_code 
B 2 O3A 1  201 147 O3A LIG A . 
C 3 ZN  1  202 1   ZN  ZN  A . 
D 4 DMS 1  203 0   DMS DMS A . 
E 4 DMS 1  204 1   DMS DMS A . 
F 4 DMS 1  205 3   DMS DMS A . 
G 5 HOH 1  301 85  HOH HOH A . 
G 5 HOH 2  302 20  HOH HOH A . 
G 5 HOH 3  303 65  HOH HOH A . 
G 5 HOH 4  304 57  HOH HOH A . 
G 5 HOH 5  305 5   HOH HOH A . 
G 5 HOH 6  306 45  HOH HOH A . 
G 5 HOH 7  307 73  HOH HOH A . 
G 5 HOH 8  308 62  HOH HOH A . 
G 5 HOH 9  309 56  HOH HOH A . 
G 5 HOH 10 310 29  HOH HOH A . 
G 5 HOH 11 311 78  HOH HOH A . 
G 5 HOH 12 312 19  HOH HOH A . 
G 5 HOH 13 313 67  HOH HOH A . 
G 5 HOH 14 314 25  HOH HOH A . 
G 5 HOH 15 315 53  HOH HOH A . 
G 5 HOH 16 316 6   HOH HOH A . 
G 5 HOH 17 317 7   HOH HOH A . 
G 5 HOH 18 318 32  HOH HOH A . 
G 5 HOH 19 319 11  HOH HOH A . 
G 5 HOH 20 320 75  HOH HOH A . 
G 5 HOH 21 321 54  HOH HOH A . 
G 5 HOH 22 322 1   HOH HOH A . 
G 5 HOH 23 323 34  HOH HOH A . 
G 5 HOH 24 324 4   HOH HOH A . 
G 5 HOH 25 325 9   HOH HOH A . 
G 5 HOH 26 326 40  HOH HOH A . 
G 5 HOH 27 327 8   HOH HOH A . 
G 5 HOH 28 328 16  HOH HOH A . 
G 5 HOH 29 329 41  HOH HOH A . 
G 5 HOH 30 330 30  HOH HOH A . 
G 5 HOH 31 331 64  HOH HOH A . 
G 5 HOH 32 332 51  HOH HOH A . 
G 5 HOH 33 333 55  HOH HOH A . 
G 5 HOH 34 334 33  HOH HOH A . 
G 5 HOH 35 335 24  HOH HOH A . 
G 5 HOH 36 336 71  HOH HOH A . 
G 5 HOH 37 337 35  HOH HOH A . 
G 5 HOH 38 338 49  HOH HOH A . 
G 5 HOH 39 339 74  HOH HOH A . 
G 5 HOH 40 340 60  HOH HOH A . 
G 5 HOH 41 341 63  HOH HOH A . 
G 5 HOH 42 342 46  HOH HOH A . 
G 5 HOH 43 343 68  HOH HOH A . 
G 5 HOH 44 344 17  HOH HOH A . 
G 5 HOH 45 345 18  HOH HOH A . 
G 5 HOH 46 346 39  HOH HOH A . 
G 5 HOH 47 347 15  HOH HOH A . 
G 5 HOH 48 348 10  HOH HOH A . 
G 5 HOH 49 349 27  HOH HOH A . 
G 5 HOH 50 350 70  HOH HOH A . 
G 5 HOH 51 351 77  HOH HOH A . 
G 5 HOH 52 352 2   HOH HOH A . 
G 5 HOH 53 353 59  HOH HOH A . 
G 5 HOH 54 354 36  HOH HOH A . 
G 5 HOH 55 355 26  HOH HOH A . 
G 5 HOH 56 356 28  HOH HOH A . 
G 5 HOH 57 357 66  HOH HOH A . 
G 5 HOH 58 358 76  HOH HOH A . 
G 5 HOH 59 359 72  HOH HOH A . 
G 5 HOH 60 360 3   HOH HOH A . 
G 5 HOH 61 361 12  HOH HOH A . 
G 5 HOH 62 362 81  HOH HOH A . 
G 5 HOH 63 363 14  HOH HOH A . 
G 5 HOH 64 364 52  HOH HOH A . 
G 5 HOH 65 365 22  HOH HOH A . 
G 5 HOH 66 366 82  HOH HOH A . 
G 5 HOH 67 367 21  HOH HOH A . 
G 5 HOH 68 368 69  HOH HOH A . 
G 5 HOH 69 369 50  HOH HOH A . 
G 5 HOH 70 370 84  HOH HOH A . 
G 5 HOH 71 371 87  HOH HOH A . 
G 5 HOH 72 372 58  HOH HOH A . 
G 5 HOH 73 373 38  HOH HOH A . 
G 5 HOH 74 374 23  HOH HOH A . 
G 5 HOH 75 375 79  HOH HOH A . 
G 5 HOH 76 376 43  HOH HOH A . 
G 5 HOH 77 377 83  HOH HOH A . 
G 5 HOH 78 378 61  HOH HOH A . 
G 5 HOH 79 379 80  HOH HOH A . 
G 5 HOH 80 380 86  HOH HOH A . 
# 
loop_
_software.classification 
_software.name 
_software.version 
_software.citation_id 
_software.pdbx_ordinal 
refinement       REFMAC  5.8.0267 ? 1 
refinement       REFMAC5 .        ? 2 
'data scaling'   Aimless .        ? 3 
phasing          PHASER  .        ? 4 
'data reduction' XDS     .        ? 5 
# 
_cell.entry_id           7H4M 
_cell.length_a           72.182 
_cell.length_b           60.216 
_cell.length_c           32.197 
_cell.angle_alpha        90.00 
_cell.angle_beta         92.75 
_cell.angle_gamma        90.00 
_cell.Z_PDB              4 
_cell.pdbx_unique_axis   ? 
# 
_symmetry.entry_id                         7H4M 
_symmetry.space_group_name_H-M             'C 1 2 1' 
_symmetry.pdbx_full_space_group_name_H-M   ? 
_symmetry.cell_setting                     ? 
_symmetry.Int_Tables_number                5 
# 
_exptl.entry_id          7H4M 
_exptl.method            'X-RAY DIFFRACTION' 
_exptl.crystals_number   1 
# 
_exptl_crystal.id                    1 
_exptl_crystal.density_meas          ? 
_exptl_crystal.density_Matthews      2.12 
_exptl_crystal.density_percent_sol   41.95 
_exptl_crystal.description           ? 
# 
_exptl_crystal_grow.crystal_id      1 
_exptl_crystal_grow.method          'VAPOR DIFFUSION, SITTING DROP' 
_exptl_crystal_grow.pH              6.05 
_exptl_crystal_grow.temp            293.15 
_exptl_crystal_grow.pdbx_details    '0.1 M MES, pH 6.05, 16 % PEG 20,000' 
_exptl_crystal_grow.temp_details    ? 
_exptl_crystal_grow.pdbx_pH_range   ? 
# 
_diffrn.id                     1 
_diffrn.ambient_temp           100 
_diffrn.crystal_id             1 
_diffrn.ambient_temp_details   ? 
# 
_diffrn_detector.detector               PIXEL 
_diffrn_detector.type                   'DECTRIS EIGER2 XE 16M' 
_diffrn_detector.pdbx_collection_date   2023-12-03 
_diffrn_detector.diffrn_id              1 
_diffrn_detector.details                ? 
# 
_diffrn_radiation.diffrn_id                        1 
_diffrn_radiation.wavelength_id                    1 
_diffrn_radiation.pdbx_diffrn_protocol             'SINGLE WAVELENGTH' 
_diffrn_radiation.pdbx_monochromatic_or_laue_m_l   ? 
_diffrn_radiation.monochromator                    ? 
_diffrn_radiation.pdbx_scattering_type             x-ray 
# 
_diffrn_radiation_wavelength.id           1 
_diffrn_radiation_wavelength.wavelength   0.94054 
_diffrn_radiation_wavelength.wt           1.0 
# 
_diffrn_source.diffrn_id                   1 
_diffrn_source.source                      SYNCHROTRON 
_diffrn_source.type                        'DIAMOND BEAMLINE I03' 
_diffrn_source.pdbx_wavelength_list        0.94054 
_diffrn_source.pdbx_synchrotron_site       Diamond 
_diffrn_source.pdbx_synchrotron_beamline   I03 
_diffrn_source.pdbx_wavelength             ? 
# 
_reflns.entry_id                     7H4M 
_reflns.pdbx_diffrn_id               1 
_reflns.pdbx_ordinal                 1 
_reflns.d_resolution_low             46.25 
_reflns.d_resolution_high            1.42 
_reflns.number_obs                   25610 
_reflns.percent_possible_obs         99.2 
_reflns.pdbx_Rmerge_I_obs            0.115 
_reflns.pdbx_netI_over_sigmaI        7.7 
_reflns.pdbx_redundancy              6.9 
_reflns.pdbx_Rrim_I_all              0.124 
_reflns.pdbx_Rpim_I_all              0.047 
_reflns.pdbx_CC_half                 0.998 
_reflns.pdbx_number_measured_all     176371 
_reflns.pdbx_chi_squared             0.43 
_reflns.observed_criterion_sigma_I   ? 
_reflns.observed_criterion_sigma_F   ? 
_reflns.number_all                   ? 
_reflns.pdbx_Rsym_value              ? 
_reflns.B_iso_Wilson_estimate        ? 
# 
_reflns_shell.pdbx_diffrn_id              1 
_reflns_shell.pdbx_ordinal                1 
_reflns_shell.d_res_high                  1.42 
_reflns_shell.d_res_low                   1.45 
_reflns_shell.number_measured_all         8816 
_reflns_shell.number_unique_obs           1266 
_reflns_shell.Rmerge_I_obs                2.338 
_reflns_shell.pdbx_chi_squared            0.11 
_reflns_shell.pdbx_redundancy             7.0 
_reflns_shell.percent_possible_obs        96.2 
_reflns_shell.pdbx_netI_over_sigmaI_obs   0.3 
_reflns_shell.pdbx_Rrim_I_all             2.525 
_reflns_shell.pdbx_Rpim_I_all             0.944 
_reflns_shell.pdbx_CC_half                0.281 
_reflns_shell.percent_possible_all        ? 
_reflns_shell.pdbx_Rsym_value             ? 
_reflns_shell.meanI_over_sigI_obs         ? 
# 
_refine.pdbx_refine_id                           'X-RAY DIFFRACTION' 
_refine.entry_id                                 7H4M 
_refine.pdbx_diffrn_id                           1 
_refine.pdbx_TLS_residual_ADP_flag               ? 
_refine.ls_number_reflns_obs                     24001 
_refine.ls_number_reflns_all                     ? 
_refine.pdbx_ls_sigma_I                          ? 
_refine.pdbx_ls_sigma_F                          ? 
_refine.pdbx_data_cutoff_high_absF               ? 
_refine.pdbx_data_cutoff_low_absF                ? 
_refine.pdbx_data_cutoff_high_rms_absF           ? 
_refine.ls_d_res_low                             46.22 
_refine.ls_d_res_high                            1.42 
_refine.ls_percent_reflns_obs                    97.48 
_refine.ls_R_factor_obs                          0.23150 
_refine.ls_R_factor_all                          ? 
_refine.ls_R_factor_R_work                       0.22944 
_refine.ls_R_factor_R_free                       0.27906 
_refine.ls_R_factor_R_free_error                 ? 
_refine.ls_R_factor_R_free_error_details         ? 
_refine.ls_percent_reflns_R_free                 4.7 
_refine.ls_number_reflns_R_free                  1183 
_refine.ls_number_parameters                     ? 
_refine.ls_number_restraints                     ? 
_refine.occupancy_min                            ? 
_refine.occupancy_max                            ? 
_refine.correlation_coeff_Fo_to_Fc               0.956 
_refine.correlation_coeff_Fo_to_Fc_free          0.935 
_refine.B_iso_mean                               28.461 
_refine.aniso_B[1][1]                            0.72 
_refine.aniso_B[2][2]                            0.01 
_refine.aniso_B[3][3]                            -0.68 
_refine.aniso_B[1][2]                            -0.00 
_refine.aniso_B[1][3]                            -0.45 
_refine.aniso_B[2][3]                            0.00 
_refine.solvent_model_details                    MASK 
_refine.solvent_model_param_ksol                 ? 
_refine.solvent_model_param_bsol                 ? 
_refine.pdbx_solvent_vdw_probe_radii             1.20 
_refine.pdbx_solvent_ion_probe_radii             0.80 
_refine.pdbx_solvent_shrinkage_radii             0.80 
_refine.pdbx_ls_cross_valid_method               THROUGHOUT 
_refine.details                                  'HYDROGENS HAVE BEEN ADDED IN THE RIDING POSITIONS' 
_refine.pdbx_starting_model                      ? 
_refine.pdbx_method_to_determine_struct          'MOLECULAR REPLACEMENT' 
_refine.pdbx_isotropic_thermal_model             ? 
_refine.pdbx_stereochemistry_target_values       'MAXIMUM LIKELIHOOD' 
_refine.pdbx_stereochem_target_val_spec_case     ? 
_refine.pdbx_R_Free_selection_details            RANDOM 
_refine.pdbx_overall_ESU_R                       0.120 
_refine.pdbx_overall_ESU_R_Free                  0.118 
_refine.overall_SU_ML                            ? 
_refine.pdbx_overall_phase_error                 ? 
_refine.overall_SU_B                             ? 
_refine.overall_SU_R_Cruickshank_DPI             ? 
_refine.pdbx_overall_SU_R_free_Cruickshank_DPI   ? 
_refine.pdbx_overall_SU_R_Blow_DPI               ? 
_refine.pdbx_overall_SU_R_free_Blow_DPI          ? 
# 
_refine_hist.pdbx_refine_id                   'X-RAY DIFFRACTION' 
_refine_hist.cycle_id                         1 
_refine_hist.pdbx_number_atoms_protein        1074 
_refine_hist.pdbx_number_atoms_nucleic_acid   0 
_refine_hist.pdbx_number_atoms_ligand         28 
_refine_hist.number_atoms_solvent             80 
_refine_hist.number_atoms_total               1182 
_refine_hist.d_res_high                       1.42 
_refine_hist.d_res_low                        46.22 
# 
loop_
_refine_ls_restr.type 
_refine_ls_restr.dev_ideal 
_refine_ls_restr.dev_ideal_target 
_refine_ls_restr.weight 
_refine_ls_restr.number 
_refine_ls_restr.pdbx_refine_id 
_refine_ls_restr.pdbx_restraint_function 
r_bond_refined_d             0.009  0.014  ? 2558 'X-RAY DIFFRACTION' ? 
r_bond_other_d               0.036  0.015  ? 1732 'X-RAY DIFFRACTION' ? 
r_angle_refined_deg          1.580  1.631  ? 2705 'X-RAY DIFFRACTION' ? 
r_angle_other_deg            2.532  1.603  ? 3987 'X-RAY DIFFRACTION' ? 
r_dihedral_angle_1_deg       6.984  5.000  ? 260  'X-RAY DIFFRACTION' ? 
r_dihedral_angle_2_deg       32.160 20.926 ? 108  'X-RAY DIFFRACTION' ? 
r_dihedral_angle_3_deg       16.728 15.000 ? 279  'X-RAY DIFFRACTION' ? 
r_dihedral_angle_4_deg       21.686 15.000 ? 15   'X-RAY DIFFRACTION' ? 
r_chiral_restr               0.076  0.200  ? 233  'X-RAY DIFFRACTION' ? 
r_gen_planes_refined         0.011  0.020  ? 2477 'X-RAY DIFFRACTION' ? 
r_gen_planes_other           0.013  0.020  ? 517  'X-RAY DIFFRACTION' ? 
r_nbd_refined                ?      ?      ? ?    'X-RAY DIFFRACTION' ? 
r_nbd_other                  ?      ?      ? ?    'X-RAY DIFFRACTION' ? 
r_nbtor_refined              ?      ?      ? ?    'X-RAY DIFFRACTION' ? 
r_nbtor_other                ?      ?      ? ?    'X-RAY DIFFRACTION' ? 
r_xyhbond_nbd_refined        ?      ?      ? ?    'X-RAY DIFFRACTION' ? 
r_xyhbond_nbd_other          ?      ?      ? ?    'X-RAY DIFFRACTION' ? 
r_metal_ion_refined          ?      ?      ? ?    'X-RAY DIFFRACTION' ? 
r_metal_ion_other            ?      ?      ? ?    'X-RAY DIFFRACTION' ? 
r_symmetry_vdw_refined       ?      ?      ? ?    'X-RAY DIFFRACTION' ? 
r_symmetry_vdw_other         ?      ?      ? ?    'X-RAY DIFFRACTION' ? 
r_symmetry_hbond_refined     ?      ?      ? ?    'X-RAY DIFFRACTION' ? 
r_symmetry_hbond_other       ?      ?      ? ?    'X-RAY DIFFRACTION' ? 
r_symmetry_metal_ion_refined ?      ?      ? ?    'X-RAY DIFFRACTION' ? 
r_symmetry_metal_ion_other   ?      ?      ? ?    'X-RAY DIFFRACTION' ? 
r_mcbond_it                  1.972  2.955  ? 1297 'X-RAY DIFFRACTION' ? 
r_mcbond_other               2.002  2.949  ? 1258 'X-RAY DIFFRACTION' ? 
r_mcangle_it                 3.641  4.194  ? 1262 'X-RAY DIFFRACTION' ? 
r_mcangle_other              3.639  4.197  ? 1263 'X-RAY DIFFRACTION' ? 
r_scbond_it                  2.069  3.262  ? 1248 'X-RAY DIFFRACTION' ? 
r_scbond_other               2.073  3.252  ? 1238 'X-RAY DIFFRACTION' ? 
r_scangle_it                 ?      ?      ? ?    'X-RAY DIFFRACTION' ? 
r_scangle_other              3.487  4.628  ? 1418 'X-RAY DIFFRACTION' ? 
r_long_range_B_refined       6.751  32.217 ? 2183 'X-RAY DIFFRACTION' ? 
r_long_range_B_other         6.761  32.164 ? 2165 'X-RAY DIFFRACTION' ? 
r_rigid_bond_restr           ?      ?      ? ?    'X-RAY DIFFRACTION' ? 
r_sphericity_free            ?      ?      ? ?    'X-RAY DIFFRACTION' ? 
r_sphericity_bonded          ?      ?      ? ?    'X-RAY DIFFRACTION' ? 
# 
_refine_ls_shell.pdbx_refine_id                   'X-RAY DIFFRACTION' 
_refine_ls_shell.pdbx_total_number_of_bins_used   20 
_refine_ls_shell.d_res_high                       1.424 
_refine_ls_shell.d_res_low                        1.461 
_refine_ls_shell.number_reflns_R_work             1384 
_refine_ls_shell.R_factor_R_work                  0.417 
_refine_ls_shell.percent_reflns_obs               77.42 
_refine_ls_shell.R_factor_R_free                  0.429 
_refine_ls_shell.R_factor_R_free_error            ? 
_refine_ls_shell.percent_reflns_R_free            ? 
_refine_ls_shell.number_reflns_R_free             80 
_refine_ls_shell.number_reflns_all                ? 
_refine_ls_shell.R_factor_all                     ? 
# 
_struct.entry_id                  7H4M 
_struct.title                     
;Group deposition for crystallographic fragment screening of Coxsackievirus A16 (G-10) 2A protease -- Crystal structure of Coxsackievirus A16 (G-10) 2A protease in complex with Z1457921102 (A71EV2A-x0911)
;
_struct.pdbx_model_details        ? 
_struct.pdbx_CASP_flag            ? 
_struct.pdbx_model_type_details   ? 
# 
_struct_keywords.entry_id        7H4M 
_struct_keywords.pdbx_keywords   HYDROLASE 
_struct_keywords.text            
;Diamond Light Source, I03, ASAP, Coxsackievirus A16, crystallographic fragment screening, PanDDA, Pandda2, XChemExplorer, viral protein, HYDROLASE
;
# 
loop_
_struct_asym.id 
_struct_asym.pdbx_blank_PDB_chainid_flag 
_struct_asym.pdbx_modified 
_struct_asym.entity_id 
_struct_asym.details 
A N N 1 ? 
B N N 2 ? 
C N N 3 ? 
D N N 4 ? 
E N N 4 ? 
F N N 4 ? 
G N N 5 ? 
# 
_struct_ref.id                         1 
_struct_ref.db_name                    UNP 
_struct_ref.db_code                    POLG_CX16G 
_struct_ref.pdbx_db_accession          Q65900 
_struct_ref.pdbx_db_isoform            ? 
_struct_ref.entity_id                  1 
_struct_ref.pdbx_seq_one_letter_code   
;SGAIYVGNYRVVNRHLATHNDWANLVWEDSSRDLLVSSTTAQGCDTIARCDCQTGVYYCSSRRKHYPVSFSKPSLIFVEA
SEYYPARYQSHLMLAVGHSEPGDCGGILRCQHGVVGIVSTGGNGLVGFADVRDLLWLDEEAMEQ
;
_struct_ref.pdbx_align_begin           869 
# 
_struct_ref_seq.align_id                      1 
_struct_ref_seq.ref_id                        1 
_struct_ref_seq.pdbx_PDB_id_code              7H4M 
_struct_ref_seq.pdbx_strand_id                A 
_struct_ref_seq.seq_align_beg                 7 
_struct_ref_seq.pdbx_seq_align_beg_ins_code   ? 
_struct_ref_seq.seq_align_end                 150 
_struct_ref_seq.pdbx_seq_align_end_ins_code   ? 
_struct_ref_seq.pdbx_db_accession             Q65900 
_struct_ref_seq.db_align_beg                  869 
_struct_ref_seq.pdbx_db_align_beg_ins_code    ? 
_struct_ref_seq.db_align_end                  1012 
_struct_ref_seq.pdbx_db_align_end_ins_code    ? 
_struct_ref_seq.pdbx_auth_seq_align_beg       7 
_struct_ref_seq.pdbx_auth_seq_align_end       150 
# 
loop_
_struct_ref_seq_dif.align_id 
_struct_ref_seq_dif.pdbx_pdb_id_code 
_struct_ref_seq_dif.mon_id 
_struct_ref_seq_dif.pdbx_pdb_strand_id 
_struct_ref_seq_dif.seq_num 
_struct_ref_seq_dif.pdbx_pdb_ins_code 
_struct_ref_seq_dif.pdbx_seq_db_name 
_struct_ref_seq_dif.pdbx_seq_db_accession_code 
_struct_ref_seq_dif.db_mon_id 
_struct_ref_seq_dif.pdbx_seq_db_seq_num 
_struct_ref_seq_dif.details 
_struct_ref_seq_dif.pdbx_auth_seq_num 
_struct_ref_seq_dif.pdbx_ordinal 
1 7H4M GLN A 1 ? UNP Q65900 ? ? 'expression tag' 1 1 
1 7H4M GLU A 2 ? UNP Q65900 ? ? 'expression tag' 2 2 
1 7H4M GLN A 3 ? UNP Q65900 ? ? 'expression tag' 3 3 
1 7H4M THR A 4 ? UNP Q65900 ? ? 'expression tag' 4 4 
1 7H4M GLY A 5 ? UNP Q65900 ? ? 'expression tag' 5 5 
1 7H4M GLY A 6 ? UNP Q65900 ? ? 'expression tag' 6 6 
# 
_pdbx_struct_assembly.id                   1 
_pdbx_struct_assembly.details              author_and_software_defined_assembly 
_pdbx_struct_assembly.method_details       PISA 
_pdbx_struct_assembly.oligomeric_details   monomeric 
_pdbx_struct_assembly.oligomeric_count     1 
# 
loop_
_pdbx_struct_assembly_prop.biol_id 
_pdbx_struct_assembly_prop.type 
_pdbx_struct_assembly_prop.value 
_pdbx_struct_assembly_prop.details 
1 'ABSA (A^2)' 360  ? 
1 MORE         1    ? 
1 'SSA (A^2)'  7240 ? 
# 
_pdbx_struct_assembly_gen.assembly_id       1 
_pdbx_struct_assembly_gen.oper_expression   1 
_pdbx_struct_assembly_gen.asym_id_list      A,B,C,D,E,F,G 
# 
_pdbx_struct_oper_list.id                   1 
_pdbx_struct_oper_list.type                 'identity operation' 
_pdbx_struct_oper_list.name                 1_555 
_pdbx_struct_oper_list.symmetry_operation   x,y,z 
_pdbx_struct_oper_list.matrix[1][1]         1.0000000000 
_pdbx_struct_oper_list.matrix[1][2]         0.0000000000 
_pdbx_struct_oper_list.matrix[1][3]         0.0000000000 
_pdbx_struct_oper_list.vector[1]            0.0000000000 
_pdbx_struct_oper_list.matrix[2][1]         0.0000000000 
_pdbx_struct_oper_list.matrix[2][2]         1.0000000000 
_pdbx_struct_oper_list.matrix[2][3]         0.0000000000 
_pdbx_struct_oper_list.vector[2]            0.0000000000 
_pdbx_struct_oper_list.matrix[3][1]         0.0000000000 
_pdbx_struct_oper_list.matrix[3][2]         0.0000000000 
_pdbx_struct_oper_list.matrix[3][3]         1.0000000000 
_pdbx_struct_oper_list.vector[3]            0.0000000000 
# 
loop_
_struct_conf.conf_type_id 
_struct_conf.id 
_struct_conf.pdbx_PDB_helix_id 
_struct_conf.beg_label_comp_id 
_struct_conf.beg_label_asym_id 
_struct_conf.beg_label_seq_id 
_struct_conf.pdbx_beg_PDB_ins_code 
_struct_conf.end_label_comp_id 
_struct_conf.end_label_asym_id 
_struct_conf.end_label_seq_id 
_struct_conf.pdbx_end_PDB_ins_code 
_struct_conf.beg_auth_comp_id 
_struct_conf.beg_auth_asym_id 
_struct_conf.beg_auth_seq_id 
_struct_conf.end_auth_comp_id 
_struct_conf.end_auth_asym_id 
_struct_conf.end_auth_seq_id 
_struct_conf.pdbx_PDB_helix_class 
_struct_conf.details 
_struct_conf.pdbx_PDB_helix_length 
HELX_P HELX_P1 AA1 HIS A 21  ? ALA A 23  ? HIS A 21  ALA A 23  5 ? 3 
HELX_P HELX_P2 AA2 THR A 24  ? ASN A 30  ? THR A 24  ASN A 30  1 ? 7 
HELX_P HELX_P3 AA3 SER A 36  ? ARG A 38  ? SER A 36  ARG A 38  5 ? 3 
HELX_P HELX_P4 AA4 SER A 66  ? ARG A 69  ? SER A 66  ARG A 69  5 ? 4 
HELX_P HELX_P5 AA5 GLU A 106 ? CYS A 110 ? GLU A 106 CYS A 110 5 ? 5 
HELX_P HELX_P6 AA6 LEU A 140 ? GLU A 145 ? LEU A 140 GLU A 145 5 ? 6 
# 
_struct_conf_type.id          HELX_P 
_struct_conf_type.criteria    ? 
_struct_conf_type.reference   ? 
# 
loop_
_struct_conn.id 
_struct_conn.conn_type_id 
_struct_conn.pdbx_leaving_atom_flag 
_struct_conn.pdbx_PDB_id 
_struct_conn.ptnr1_label_asym_id 
_struct_conn.ptnr1_label_comp_id 
_struct_conn.ptnr1_label_seq_id 
_struct_conn.ptnr1_label_atom_id 
_struct_conn.pdbx_ptnr1_label_alt_id 
_struct_conn.pdbx_ptnr1_PDB_ins_code 
_struct_conn.pdbx_ptnr1_standard_comp_id 
_struct_conn.ptnr1_symmetry 
_struct_conn.ptnr2_label_asym_id 
_struct_conn.ptnr2_label_comp_id 
_struct_conn.ptnr2_label_seq_id 
_struct_conn.ptnr2_label_atom_id 
_struct_conn.pdbx_ptnr2_label_alt_id 
_struct_conn.pdbx_ptnr2_PDB_ins_code 
_struct_conn.ptnr1_auth_asym_id 
_struct_conn.ptnr1_auth_comp_id 
_struct_conn.ptnr1_auth_seq_id 
_struct_conn.ptnr2_auth_asym_id 
_struct_conn.ptnr2_auth_comp_id 
_struct_conn.ptnr2_auth_seq_id 
_struct_conn.ptnr2_symmetry 
_struct_conn.pdbx_ptnr3_label_atom_id 
_struct_conn.pdbx_ptnr3_label_seq_id 
_struct_conn.pdbx_ptnr3_label_comp_id 
_struct_conn.pdbx_ptnr3_label_asym_id 
_struct_conn.pdbx_ptnr3_label_alt_id 
_struct_conn.pdbx_ptnr3_PDB_ins_code 
_struct_conn.details 
_struct_conn.pdbx_dist_value 
_struct_conn.pdbx_value_order 
_struct_conn.pdbx_role 
metalc1 metalc ? ? A CYS 56  SG  ? ? ? 1_555 C ZN . ZN ? ? A CYS 56  A ZN 202 1_555 ? ? ? ? ? ? ? 2.281 ? ? 
metalc2 metalc ? ? A CYS 58  SG  ? ? ? 1_555 C ZN . ZN ? ? A CYS 58  A ZN 202 1_555 ? ? ? ? ? ? ? 2.259 ? ? 
metalc3 metalc ? ? A CYS 116 SG  ? ? ? 1_555 C ZN . ZN ? ? A CYS 116 A ZN 202 1_555 ? ? ? ? ? ? ? 2.361 ? ? 
metalc4 metalc ? ? A HIS 118 ND1 ? ? ? 1_555 C ZN . ZN ? ? A HIS 118 A ZN 202 1_555 ? ? ? ? ? ? ? 2.180 ? ? 
# 
_struct_conn_type.id          metalc 
_struct_conn_type.criteria    ? 
_struct_conn_type.reference   ? 
# 
loop_
_pdbx_struct_conn_angle.id 
_pdbx_struct_conn_angle.ptnr1_label_atom_id 
_pdbx_struct_conn_angle.ptnr1_label_alt_id 
_pdbx_struct_conn_angle.ptnr1_label_asym_id 
_pdbx_struct_conn_angle.ptnr1_label_comp_id 
_pdbx_struct_conn_angle.ptnr1_label_seq_id 
_pdbx_struct_conn_angle.ptnr1_auth_atom_id 
_pdbx_struct_conn_angle.ptnr1_auth_asym_id 
_pdbx_struct_conn_angle.ptnr1_auth_comp_id 
_pdbx_struct_conn_angle.ptnr1_auth_seq_id 
_pdbx_struct_conn_angle.ptnr1_PDB_ins_code 
_pdbx_struct_conn_angle.ptnr1_symmetry 
_pdbx_struct_conn_angle.ptnr2_label_atom_id 
_pdbx_struct_conn_angle.ptnr2_label_alt_id 
_pdbx_struct_conn_angle.ptnr2_label_asym_id 
_pdbx_struct_conn_angle.ptnr2_label_comp_id 
_pdbx_struct_conn_angle.ptnr2_label_seq_id 
_pdbx_struct_conn_angle.ptnr2_auth_atom_id 
_pdbx_struct_conn_angle.ptnr2_auth_asym_id 
_pdbx_struct_conn_angle.ptnr2_auth_comp_id 
_pdbx_struct_conn_angle.ptnr2_auth_seq_id 
_pdbx_struct_conn_angle.ptnr2_PDB_ins_code 
_pdbx_struct_conn_angle.ptnr2_symmetry 
_pdbx_struct_conn_angle.ptnr3_label_atom_id 
_pdbx_struct_conn_angle.ptnr3_label_alt_id 
_pdbx_struct_conn_angle.ptnr3_label_asym_id 
_pdbx_struct_conn_angle.ptnr3_label_comp_id 
_pdbx_struct_conn_angle.ptnr3_label_seq_id 
_pdbx_struct_conn_angle.ptnr3_auth_atom_id 
_pdbx_struct_conn_angle.ptnr3_auth_asym_id 
_pdbx_struct_conn_angle.ptnr3_auth_comp_id 
_pdbx_struct_conn_angle.ptnr3_auth_seq_id 
_pdbx_struct_conn_angle.ptnr3_PDB_ins_code 
_pdbx_struct_conn_angle.ptnr3_symmetry 
_pdbx_struct_conn_angle.value 
_pdbx_struct_conn_angle.value_esd 
1 SG ? A CYS 56  ? A CYS 56  ? 1_555 ZN ? C ZN . ? A ZN 202 ? 1_555 SG  ? A CYS 58  ? A CYS 58  ? 1_555 109.8 ? 
2 SG ? A CYS 56  ? A CYS 56  ? 1_555 ZN ? C ZN . ? A ZN 202 ? 1_555 SG  ? A CYS 116 ? A CYS 116 ? 1_555 108.6 ? 
3 SG ? A CYS 58  ? A CYS 58  ? 1_555 ZN ? C ZN . ? A ZN 202 ? 1_555 SG  ? A CYS 116 ? A CYS 116 ? 1_555 116.0 ? 
4 SG ? A CYS 56  ? A CYS 56  ? 1_555 ZN ? C ZN . ? A ZN 202 ? 1_555 ND1 ? A HIS 118 ? A HIS 118 ? 1_555 104.8 ? 
5 SG ? A CYS 58  ? A CYS 58  ? 1_555 ZN ? C ZN . ? A ZN 202 ? 1_555 ND1 ? A HIS 118 ? A HIS 118 ? 1_555 102.1 ? 
6 SG ? A CYS 116 ? A CYS 116 ? 1_555 ZN ? C ZN . ? A ZN 202 ? 1_555 ND1 ? A HIS 118 ? A HIS 118 ? 1_555 114.9 ? 
# 
loop_
_struct_sheet.id 
_struct_sheet.type 
_struct_sheet.number_strands 
_struct_sheet.details 
AA1 ? 3 ? 
AA2 ? 7 ? 
# 
loop_
_struct_sheet_order.sheet_id 
_struct_sheet_order.range_id_1 
_struct_sheet_order.range_id_2 
_struct_sheet_order.offset 
_struct_sheet_order.sense 
AA1 1 2 ? anti-parallel 
AA1 2 3 ? anti-parallel 
AA2 1 2 ? anti-parallel 
AA2 2 3 ? anti-parallel 
AA2 3 4 ? anti-parallel 
AA2 4 5 ? anti-parallel 
AA2 5 6 ? anti-parallel 
AA2 6 7 ? anti-parallel 
# 
loop_
_struct_sheet_range.sheet_id 
_struct_sheet_range.id 
_struct_sheet_range.beg_label_comp_id 
_struct_sheet_range.beg_label_asym_id 
_struct_sheet_range.beg_label_seq_id 
_struct_sheet_range.pdbx_beg_PDB_ins_code 
_struct_sheet_range.end_label_comp_id 
_struct_sheet_range.end_label_asym_id 
_struct_sheet_range.end_label_seq_id 
_struct_sheet_range.pdbx_end_PDB_ins_code 
_struct_sheet_range.beg_auth_comp_id 
_struct_sheet_range.beg_auth_asym_id 
_struct_sheet_range.beg_auth_seq_id 
_struct_sheet_range.end_auth_comp_id 
_struct_sheet_range.end_auth_asym_id 
_struct_sheet_range.end_auth_seq_id 
AA1 1 LEU A 31  ? ASP A 35  ? LEU A 31  ASP A 35  
AA1 2 LEU A 40  ? CYS A 50  ? LEU A 40  CYS A 50  
AA1 3 ILE A 10  ? ASN A 19  ? ILE A 10  ASN A 19  
AA2 1 LYS A 70  ? SER A 75  ? LYS A 70  SER A 75  
AA2 2 THR A 60  ? CYS A 65  ? THR A 60  CYS A 65  
AA2 3 ILE A 113 ? CYS A 116 ? ILE A 113 CYS A 116 
AA2 4 GLY A 119 ? GLY A 128 ? GLY A 119 GLY A 128 
AA2 5 LEU A 131 ? ASP A 136 ? LEU A 131 ASP A 136 
AA2 6 ALA A 92  ? VAL A 102 ? ALA A 92  VAL A 102 
AA2 7 SER A 80  ? GLU A 85  ? SER A 80  GLU A 85  
# 
loop_
_pdbx_struct_sheet_hbond.sheet_id 
_pdbx_struct_sheet_hbond.range_id_1 
_pdbx_struct_sheet_hbond.range_id_2 
_pdbx_struct_sheet_hbond.range_1_label_atom_id 
_pdbx_struct_sheet_hbond.range_1_label_comp_id 
_pdbx_struct_sheet_hbond.range_1_label_asym_id 
_pdbx_struct_sheet_hbond.range_1_label_seq_id 
_pdbx_struct_sheet_hbond.range_1_PDB_ins_code 
_pdbx_struct_sheet_hbond.range_1_auth_atom_id 
_pdbx_struct_sheet_hbond.range_1_auth_comp_id 
_pdbx_struct_sheet_hbond.range_1_auth_asym_id 
_pdbx_struct_sheet_hbond.range_1_auth_seq_id 
_pdbx_struct_sheet_hbond.range_2_label_atom_id 
_pdbx_struct_sheet_hbond.range_2_label_comp_id 
_pdbx_struct_sheet_hbond.range_2_label_asym_id 
_pdbx_struct_sheet_hbond.range_2_label_seq_id 
_pdbx_struct_sheet_hbond.range_2_PDB_ins_code 
_pdbx_struct_sheet_hbond.range_2_auth_atom_id 
_pdbx_struct_sheet_hbond.range_2_auth_comp_id 
_pdbx_struct_sheet_hbond.range_2_auth_asym_id 
_pdbx_struct_sheet_hbond.range_2_auth_seq_id 
AA1 1 2 N VAL A 32  ? N VAL A 32  O VAL A 42  ? O VAL A 42  
AA1 2 3 N GLY A 49  ? N GLY A 49  O GLY A 13  ? O GLY A 13  
AA2 1 2 O LYS A 70  ? O LYS A 70  N CYS A 65  ? N CYS A 65  
AA2 2 3 N VAL A 62  ? N VAL A 62  O ARG A 115 ? O ARG A 115 
AA2 3 4 N LEU A 114 ? N LEU A 114 O VAL A 121 ? O VAL A 121 
AA2 4 5 N SER A 125 ? N SER A 125 O GLY A 133 ? O GLY A 133 
AA2 5 6 O PHE A 134 ? O PHE A 134 N MET A 99  ? N MET A 99  
AA2 6 7 O ARG A 93  ? O ARG A 93  N VAL A 84  ? N VAL A 84  
# 
_pdbx_entry_details.entry_id                   7H4M 
_pdbx_entry_details.compound_details           ? 
_pdbx_entry_details.source_details             ? 
_pdbx_entry_details.nonpolymer_details         ? 
_pdbx_entry_details.sequence_details           ? 
_pdbx_entry_details.has_ligand_of_interest     ? 
_pdbx_entry_details.has_protein_modification   N 
# 
_pdbx_validate_symm_contact.id                1 
_pdbx_validate_symm_contact.PDB_model_num     1 
_pdbx_validate_symm_contact.auth_atom_id_1    OD1 
_pdbx_validate_symm_contact.auth_asym_id_1    A 
_pdbx_validate_symm_contact.auth_comp_id_1    ASN 
_pdbx_validate_symm_contact.auth_seq_id_1     26 
_pdbx_validate_symm_contact.PDB_ins_code_1    ? 
_pdbx_validate_symm_contact.label_alt_id_1    ? 
_pdbx_validate_symm_contact.site_symmetry_1   1_555 
_pdbx_validate_symm_contact.auth_atom_id_2    OD1 
_pdbx_validate_symm_contact.auth_asym_id_2    A 
_pdbx_validate_symm_contact.auth_comp_id_2    ASN 
_pdbx_validate_symm_contact.auth_seq_id_2     26 
_pdbx_validate_symm_contact.PDB_ins_code_2    ? 
_pdbx_validate_symm_contact.label_alt_id_2    ? 
_pdbx_validate_symm_contact.site_symmetry_2   2_656 
_pdbx_validate_symm_contact.dist              2.04 
# 
loop_
_pdbx_validate_torsion.id 
_pdbx_validate_torsion.PDB_model_num 
_pdbx_validate_torsion.auth_comp_id 
_pdbx_validate_torsion.auth_asym_id 
_pdbx_validate_torsion.auth_seq_id 
_pdbx_validate_torsion.PDB_ins_code 
_pdbx_validate_torsion.label_alt_id 
_pdbx_validate_torsion.phi 
_pdbx_validate_torsion.psi 
1  1 ASN A 14  ? ? -99.63  35.64  
2  1 ARG A 69  ? ? 35.67   51.09  
3  1 ALA A 86  ? ? 36.38   131.27 
4  1 SER A 87  ? ? -178.69 -98.48 
5  1 GLU A 88  ? ? 143.22  -19.17 
6  1 TYR A 90  ? ? -162.17 80.60  
7  1 PRO A 91  ? ? -56.61  -2.75  
8  1 ALA A 92  ? ? -174.19 116.13 
9  1 SER A 125 ? ? -133.74 -34.08 
10 1 ASP A 144 ? ? -102.78 41.14  
# 
loop_
_pdbx_unobs_or_zero_occ_residues.id 
_pdbx_unobs_or_zero_occ_residues.PDB_model_num 
_pdbx_unobs_or_zero_occ_residues.polymer_flag 
_pdbx_unobs_or_zero_occ_residues.occupancy_flag 
_pdbx_unobs_or_zero_occ_residues.auth_asym_id 
_pdbx_unobs_or_zero_occ_residues.auth_comp_id 
_pdbx_unobs_or_zero_occ_residues.auth_seq_id 
_pdbx_unobs_or_zero_occ_residues.PDB_ins_code 
_pdbx_unobs_or_zero_occ_residues.label_asym_id 
_pdbx_unobs_or_zero_occ_residues.label_comp_id 
_pdbx_unobs_or_zero_occ_residues.label_seq_id 
1  1 Y 1 A GLN 1   ? A GLN 1   
2  1 Y 1 A GLU 2   ? A GLU 2   
3  1 Y 1 A GLN 3   ? A GLN 3   
4  1 Y 1 A THR 4   ? A THR 4   
5  1 Y 1 A GLY 5   ? A GLY 5   
6  1 Y 1 A GLY 6   ? A GLY 6   
7  1 Y 1 A GLU 146 ? A GLU 146 
8  1 Y 1 A ALA 147 ? A ALA 147 
9  1 Y 1 A MET 148 ? A MET 148 
10 1 Y 1 A GLU 149 ? A GLU 149 
11 1 Y 1 A GLN 150 ? A GLN 150 
# 
loop_
_chem_comp_atom.comp_id 
_chem_comp_atom.atom_id 
_chem_comp_atom.type_symbol 
_chem_comp_atom.pdbx_aromatic_flag 
_chem_comp_atom.pdbx_stereo_config 
_chem_comp_atom.pdbx_ordinal 
ALA N    N  N N 1   
ALA CA   C  N S 2   
ALA C    C  N N 3   
ALA O    O  N N 4   
ALA CB   C  N N 5   
ALA OXT  O  N N 6   
ALA H    H  N N 7   
ALA H2   H  N N 8   
ALA HA   H  N N 9   
ALA HB1  H  N N 10  
ALA HB2  H  N N 11  
ALA HB3  H  N N 12  
ALA HXT  H  N N 13  
ARG N    N  N N 14  
ARG CA   C  N S 15  
ARG C    C  N N 16  
ARG O    O  N N 17  
ARG CB   C  N N 18  
ARG CG   C  N N 19  
ARG CD   C  N N 20  
ARG NE   N  N N 21  
ARG CZ   C  N N 22  
ARG NH1  N  N N 23  
ARG NH2  N  N N 24  
ARG OXT  O  N N 25  
ARG H    H  N N 26  
ARG H2   H  N N 27  
ARG HA   H  N N 28  
ARG HB2  H  N N 29  
ARG HB3  H  N N 30  
ARG HG2  H  N N 31  
ARG HG3  H  N N 32  
ARG HD2  H  N N 33  
ARG HD3  H  N N 34  
ARG HE   H  N N 35  
ARG HH11 H  N N 36  
ARG HH12 H  N N 37  
ARG HH21 H  N N 38  
ARG HH22 H  N N 39  
ARG HXT  H  N N 40  
ASN N    N  N N 41  
ASN CA   C  N S 42  
ASN C    C  N N 43  
ASN O    O  N N 44  
ASN CB   C  N N 45  
ASN CG   C  N N 46  
ASN OD1  O  N N 47  
ASN ND2  N  N N 48  
ASN OXT  O  N N 49  
ASN H    H  N N 50  
ASN H2   H  N N 51  
ASN HA   H  N N 52  
ASN HB2  H  N N 53  
ASN HB3  H  N N 54  
ASN HD21 H  N N 55  
ASN HD22 H  N N 56  
ASN HXT  H  N N 57  
ASP N    N  N N 58  
ASP CA   C  N S 59  
ASP C    C  N N 60  
ASP O    O  N N 61  
ASP CB   C  N N 62  
ASP CG   C  N N 63  
ASP OD1  O  N N 64  
ASP OD2  O  N N 65  
ASP OXT  O  N N 66  
ASP H    H  N N 67  
ASP H2   H  N N 68  
ASP HA   H  N N 69  
ASP HB2  H  N N 70  
ASP HB3  H  N N 71  
ASP HD2  H  N N 72  
ASP HXT  H  N N 73  
CYS N    N  N N 74  
CYS CA   C  N R 75  
CYS C    C  N N 76  
CYS O    O  N N 77  
CYS CB   C  N N 78  
CYS SG   S  N N 79  
CYS OXT  O  N N 80  
CYS H    H  N N 81  
CYS H2   H  N N 82  
CYS HA   H  N N 83  
CYS HB2  H  N N 84  
CYS HB3  H  N N 85  
CYS HG   H  N N 86  
CYS HXT  H  N N 87  
DMS S    S  N N 88  
DMS O    O  N N 89  
DMS C1   C  N N 90  
DMS C2   C  N N 91  
DMS H11  H  N N 92  
DMS H12  H  N N 93  
DMS H13  H  N N 94  
DMS H21  H  N N 95  
DMS H22  H  N N 96  
DMS H23  H  N N 97  
GLN N    N  N N 98  
GLN CA   C  N S 99  
GLN C    C  N N 100 
GLN O    O  N N 101 
GLN CB   C  N N 102 
GLN CG   C  N N 103 
GLN CD   C  N N 104 
GLN OE1  O  N N 105 
GLN NE2  N  N N 106 
GLN OXT  O  N N 107 
GLN H    H  N N 108 
GLN H2   H  N N 109 
GLN HA   H  N N 110 
GLN HB2  H  N N 111 
GLN HB3  H  N N 112 
GLN HG2  H  N N 113 
GLN HG3  H  N N 114 
GLN HE21 H  N N 115 
GLN HE22 H  N N 116 
GLN HXT  H  N N 117 
GLU N    N  N N 118 
GLU CA   C  N S 119 
GLU C    C  N N 120 
GLU O    O  N N 121 
GLU CB   C  N N 122 
GLU CG   C  N N 123 
GLU CD   C  N N 124 
GLU OE1  O  N N 125 
GLU OE2  O  N N 126 
GLU OXT  O  N N 127 
GLU H    H  N N 128 
GLU H2   H  N N 129 
GLU HA   H  N N 130 
GLU HB2  H  N N 131 
GLU HB3  H  N N 132 
GLU HG2  H  N N 133 
GLU HG3  H  N N 134 
GLU HE2  H  N N 135 
GLU HXT  H  N N 136 
GLY N    N  N N 137 
GLY CA   C  N N 138 
GLY C    C  N N 139 
GLY O    O  N N 140 
GLY OXT  O  N N 141 
GLY H    H  N N 142 
GLY H2   H  N N 143 
GLY HA2  H  N N 144 
GLY HA3  H  N N 145 
GLY HXT  H  N N 146 
HIS N    N  N N 147 
HIS CA   C  N S 148 
HIS C    C  N N 149 
HIS O    O  N N 150 
HIS CB   C  N N 151 
HIS CG   C  Y N 152 
HIS ND1  N  Y N 153 
HIS CD2  C  Y N 154 
HIS CE1  C  Y N 155 
HIS NE2  N  Y N 156 
HIS OXT  O  N N 157 
HIS H    H  N N 158 
HIS H2   H  N N 159 
HIS HA   H  N N 160 
HIS HB2  H  N N 161 
HIS HB3  H  N N 162 
HIS HD1  H  N N 163 
HIS HD2  H  N N 164 
HIS HE1  H  N N 165 
HIS HE2  H  N N 166 
HIS HXT  H  N N 167 
HOH O    O  N N 168 
HOH H1   H  N N 169 
HOH H2   H  N N 170 
ILE N    N  N N 171 
ILE CA   C  N S 172 
ILE C    C  N N 173 
ILE O    O  N N 174 
ILE CB   C  N S 175 
ILE CG1  C  N N 176 
ILE CG2  C  N N 177 
ILE CD1  C  N N 178 
ILE OXT  O  N N 179 
ILE H    H  N N 180 
ILE H2   H  N N 181 
ILE HA   H  N N 182 
ILE HB   H  N N 183 
ILE HG12 H  N N 184 
ILE HG13 H  N N 185 
ILE HG21 H  N N 186 
ILE HG22 H  N N 187 
ILE HG23 H  N N 188 
ILE HD11 H  N N 189 
ILE HD12 H  N N 190 
ILE HD13 H  N N 191 
ILE HXT  H  N N 192 
LEU N    N  N N 193 
LEU CA   C  N S 194 
LEU C    C  N N 195 
LEU O    O  N N 196 
LEU CB   C  N N 197 
LEU CG   C  N N 198 
LEU CD1  C  N N 199 
LEU CD2  C  N N 200 
LEU OXT  O  N N 201 
LEU H    H  N N 202 
LEU H2   H  N N 203 
LEU HA   H  N N 204 
LEU HB2  H  N N 205 
LEU HB3  H  N N 206 
LEU HG   H  N N 207 
LEU HD11 H  N N 208 
LEU HD12 H  N N 209 
LEU HD13 H  N N 210 
LEU HD21 H  N N 211 
LEU HD22 H  N N 212 
LEU HD23 H  N N 213 
LEU HXT  H  N N 214 
LYS N    N  N N 215 
LYS CA   C  N S 216 
LYS C    C  N N 217 
LYS O    O  N N 218 
LYS CB   C  N N 219 
LYS CG   C  N N 220 
LYS CD   C  N N 221 
LYS CE   C  N N 222 
LYS NZ   N  N N 223 
LYS OXT  O  N N 224 
LYS H    H  N N 225 
LYS H2   H  N N 226 
LYS HA   H  N N 227 
LYS HB2  H  N N 228 
LYS HB3  H  N N 229 
LYS HG2  H  N N 230 
LYS HG3  H  N N 231 
LYS HD2  H  N N 232 
LYS HD3  H  N N 233 
LYS HE2  H  N N 234 
LYS HE3  H  N N 235 
LYS HZ1  H  N N 236 
LYS HZ2  H  N N 237 
LYS HZ3  H  N N 238 
LYS HXT  H  N N 239 
MET N    N  N N 240 
MET CA   C  N S 241 
MET C    C  N N 242 
MET O    O  N N 243 
MET CB   C  N N 244 
MET CG   C  N N 245 
MET SD   S  N N 246 
MET CE   C  N N 247 
MET OXT  O  N N 248 
MET H    H  N N 249 
MET H2   H  N N 250 
MET HA   H  N N 251 
MET HB2  H  N N 252 
MET HB3  H  N N 253 
MET HG2  H  N N 254 
MET HG3  H  N N 255 
MET HE1  H  N N 256 
MET HE2  H  N N 257 
MET HE3  H  N N 258 
MET HXT  H  N N 259 
O3A N1   N  N N 260 
O3A C4   C  N N 261 
O3A C5   C  N N 262 
O3A C6   C  N N 263 
O3A C7   C  Y N 264 
O3A C8   C  Y N 265 
O3A C10  C  Y N 266 
O3A C1   C  N N 267 
O3A C11  C  Y N 268 
O3A C12  C  Y N 269 
O3A C2   C  N N 270 
O3A C3   C  N S 271 
O3A C9   C  Y N 272 
O3A N2   N  N N 273 
O3A O1   O  N N 274 
O3A H1   H  N N 275 
O3A H2   H  N N 276 
O3A H3   H  N N 277 
O3A H4   H  N N 278 
O3A H5   H  N N 279 
O3A H6   H  N N 280 
O3A H7   H  N N 281 
O3A H8   H  N N 282 
O3A H9   H  N N 283 
O3A H10  H  N N 284 
O3A H11  H  N N 285 
O3A H12  H  N N 286 
O3A H13  H  N N 287 
O3A H14  H  N N 288 
O3A H15  H  N N 289 
O3A H16  H  N N 290 
PHE N    N  N N 291 
PHE CA   C  N S 292 
PHE C    C  N N 293 
PHE O    O  N N 294 
PHE CB   C  N N 295 
PHE CG   C  Y N 296 
PHE CD1  C  Y N 297 
PHE CD2  C  Y N 298 
PHE CE1  C  Y N 299 
PHE CE2  C  Y N 300 
PHE CZ   C  Y N 301 
PHE OXT  O  N N 302 
PHE H    H  N N 303 
PHE H2   H  N N 304 
PHE HA   H  N N 305 
PHE HB2  H  N N 306 
PHE HB3  H  N N 307 
PHE HD1  H  N N 308 
PHE HD2  H  N N 309 
PHE HE1  H  N N 310 
PHE HE2  H  N N 311 
PHE HZ   H  N N 312 
PHE HXT  H  N N 313 
PRO N    N  N N 314 
PRO CA   C  N S 315 
PRO C    C  N N 316 
PRO O    O  N N 317 
PRO CB   C  N N 318 
PRO CG   C  N N 319 
PRO CD   C  N N 320 
PRO OXT  O  N N 321 
PRO H    H  N N 322 
PRO HA   H  N N 323 
PRO HB2  H  N N 324 
PRO HB3  H  N N 325 
PRO HG2  H  N N 326 
PRO HG3  H  N N 327 
PRO HD2  H  N N 328 
PRO HD3  H  N N 329 
PRO HXT  H  N N 330 
SER N    N  N N 331 
SER CA   C  N S 332 
SER C    C  N N 333 
SER O    O  N N 334 
SER CB   C  N N 335 
SER OG   O  N N 336 
SER OXT  O  N N 337 
SER H    H  N N 338 
SER H2   H  N N 339 
SER HA   H  N N 340 
SER HB2  H  N N 341 
SER HB3  H  N N 342 
SER HG   H  N N 343 
SER HXT  H  N N 344 
THR N    N  N N 345 
THR CA   C  N S 346 
THR C    C  N N 347 
THR O    O  N N 348 
THR CB   C  N R 349 
THR OG1  O  N N 350 
THR CG2  C  N N 351 
THR OXT  O  N N 352 
THR H    H  N N 353 
THR H2   H  N N 354 
THR HA   H  N N 355 
THR HB   H  N N 356 
THR HG1  H  N N 357 
THR HG21 H  N N 358 
THR HG22 H  N N 359 
THR HG23 H  N N 360 
THR HXT  H  N N 361 
TRP N    N  N N 362 
TRP CA   C  N S 363 
TRP C    C  N N 364 
TRP O    O  N N 365 
TRP CB   C  N N 366 
TRP CG   C  Y N 367 
TRP CD1  C  Y N 368 
TRP CD2  C  Y N 369 
TRP NE1  N  Y N 370 
TRP CE2  C  Y N 371 
TRP CE3  C  Y N 372 
TRP CZ2  C  Y N 373 
TRP CZ3  C  Y N 374 
TRP CH2  C  Y N 375 
TRP OXT  O  N N 376 
TRP H    H  N N 377 
TRP H2   H  N N 378 
TRP HA   H  N N 379 
TRP HB2  H  N N 380 
TRP HB3  H  N N 381 
TRP HD1  H  N N 382 
TRP HE1  H  N N 383 
TRP HE3  H  N N 384 
TRP HZ2  H  N N 385 
TRP HZ3  H  N N 386 
TRP HH2  H  N N 387 
TRP HXT  H  N N 388 
TYR N    N  N N 389 
TYR CA   C  N S 390 
TYR C    C  N N 391 
TYR O    O  N N 392 
TYR CB   C  N N 393 
TYR CG   C  Y N 394 
TYR CD1  C  Y N 395 
TYR CD2  C  Y N 396 
TYR CE1  C  Y N 397 
TYR CE2  C  Y N 398 
TYR CZ   C  Y N 399 
TYR OH   O  N N 400 
TYR OXT  O  N N 401 
TYR H    H  N N 402 
TYR H2   H  N N 403 
TYR HA   H  N N 404 
TYR HB2  H  N N 405 
TYR HB3  H  N N 406 
TYR HD1  H  N N 407 
TYR HD2  H  N N 408 
TYR HE1  H  N N 409 
TYR HE2  H  N N 410 
TYR HH   H  N N 411 
TYR HXT  H  N N 412 
VAL N    N  N N 413 
VAL CA   C  N S 414 
VAL C    C  N N 415 
VAL O    O  N N 416 
VAL CB   C  N N 417 
VAL CG1  C  N N 418 
VAL CG2  C  N N 419 
VAL OXT  O  N N 420 
VAL H    H  N N 421 
VAL H2   H  N N 422 
VAL HA   H  N N 423 
VAL HB   H  N N 424 
VAL HG11 H  N N 425 
VAL HG12 H  N N 426 
VAL HG13 H  N N 427 
VAL HG21 H  N N 428 
VAL HG22 H  N N 429 
VAL HG23 H  N N 430 
VAL HXT  H  N N 431 
ZN  ZN   ZN N N 432 
# 
loop_
_chem_comp_bond.comp_id 
_chem_comp_bond.atom_id_1 
_chem_comp_bond.atom_id_2 
_chem_comp_bond.value_order 
_chem_comp_bond.pdbx_aromatic_flag 
_chem_comp_bond.pdbx_stereo_config 
_chem_comp_bond.pdbx_ordinal 
ALA N   CA   sing N N 1   
ALA N   H    sing N N 2   
ALA N   H2   sing N N 3   
ALA CA  C    sing N N 4   
ALA CA  CB   sing N N 5   
ALA CA  HA   sing N N 6   
ALA C   O    doub N N 7   
ALA C   OXT  sing N N 8   
ALA CB  HB1  sing N N 9   
ALA CB  HB2  sing N N 10  
ALA CB  HB3  sing N N 11  
ALA OXT HXT  sing N N 12  
ARG N   CA   sing N N 13  
ARG N   H    sing N N 14  
ARG N   H2   sing N N 15  
ARG CA  C    sing N N 16  
ARG CA  CB   sing N N 17  
ARG CA  HA   sing N N 18  
ARG C   O    doub N N 19  
ARG C   OXT  sing N N 20  
ARG CB  CG   sing N N 21  
ARG CB  HB2  sing N N 22  
ARG CB  HB3  sing N N 23  
ARG CG  CD   sing N N 24  
ARG CG  HG2  sing N N 25  
ARG CG  HG3  sing N N 26  
ARG CD  NE   sing N N 27  
ARG CD  HD2  sing N N 28  
ARG CD  HD3  sing N N 29  
ARG NE  CZ   sing N N 30  
ARG NE  HE   sing N N 31  
ARG CZ  NH1  sing N N 32  
ARG CZ  NH2  doub N N 33  
ARG NH1 HH11 sing N N 34  
ARG NH1 HH12 sing N N 35  
ARG NH2 HH21 sing N N 36  
ARG NH2 HH22 sing N N 37  
ARG OXT HXT  sing N N 38  
ASN N   CA   sing N N 39  
ASN N   H    sing N N 40  
ASN N   H2   sing N N 41  
ASN CA  C    sing N N 42  
ASN CA  CB   sing N N 43  
ASN CA  HA   sing N N 44  
ASN C   O    doub N N 45  
ASN C   OXT  sing N N 46  
ASN CB  CG   sing N N 47  
ASN CB  HB2  sing N N 48  
ASN CB  HB3  sing N N 49  
ASN CG  OD1  doub N N 50  
ASN CG  ND2  sing N N 51  
ASN ND2 HD21 sing N N 52  
ASN ND2 HD22 sing N N 53  
ASN OXT HXT  sing N N 54  
ASP N   CA   sing N N 55  
ASP N   H    sing N N 56  
ASP N   H2   sing N N 57  
ASP CA  C    sing N N 58  
ASP CA  CB   sing N N 59  
ASP CA  HA   sing N N 60  
ASP C   O    doub N N 61  
ASP C   OXT  sing N N 62  
ASP CB  CG   sing N N 63  
ASP CB  HB2  sing N N 64  
ASP CB  HB3  sing N N 65  
ASP CG  OD1  doub N N 66  
ASP CG  OD2  sing N N 67  
ASP OD2 HD2  sing N N 68  
ASP OXT HXT  sing N N 69  
CYS N   CA   sing N N 70  
CYS N   H    sing N N 71  
CYS N   H2   sing N N 72  
CYS CA  C    sing N N 73  
CYS CA  CB   sing N N 74  
CYS CA  HA   sing N N 75  
CYS C   O    doub N N 76  
CYS C   OXT  sing N N 77  
CYS CB  SG   sing N N 78  
CYS CB  HB2  sing N N 79  
CYS CB  HB3  sing N N 80  
CYS SG  HG   sing N N 81  
CYS OXT HXT  sing N N 82  
DMS S   O    doub N N 83  
DMS S   C1   sing N N 84  
DMS S   C2   sing N N 85  
DMS C1  H11  sing N N 86  
DMS C1  H12  sing N N 87  
DMS C1  H13  sing N N 88  
DMS C2  H21  sing N N 89  
DMS C2  H22  sing N N 90  
DMS C2  H23  sing N N 91  
GLN N   CA   sing N N 92  
GLN N   H    sing N N 93  
GLN N   H2   sing N N 94  
GLN CA  C    sing N N 95  
GLN CA  CB   sing N N 96  
GLN CA  HA   sing N N 97  
GLN C   O    doub N N 98  
GLN C   OXT  sing N N 99  
GLN CB  CG   sing N N 100 
GLN CB  HB2  sing N N 101 
GLN CB  HB3  sing N N 102 
GLN CG  CD   sing N N 103 
GLN CG  HG2  sing N N 104 
GLN CG  HG3  sing N N 105 
GLN CD  OE1  doub N N 106 
GLN CD  NE2  sing N N 107 
GLN NE2 HE21 sing N N 108 
GLN NE2 HE22 sing N N 109 
GLN OXT HXT  sing N N 110 
GLU N   CA   sing N N 111 
GLU N   H    sing N N 112 
GLU N   H2   sing N N 113 
GLU CA  C    sing N N 114 
GLU CA  CB   sing N N 115 
GLU CA  HA   sing N N 116 
GLU C   O    doub N N 117 
GLU C   OXT  sing N N 118 
GLU CB  CG   sing N N 119 
GLU CB  HB2  sing N N 120 
GLU CB  HB3  sing N N 121 
GLU CG  CD   sing N N 122 
GLU CG  HG2  sing N N 123 
GLU CG  HG3  sing N N 124 
GLU CD  OE1  doub N N 125 
GLU CD  OE2  sing N N 126 
GLU OE2 HE2  sing N N 127 
GLU OXT HXT  sing N N 128 
GLY N   CA   sing N N 129 
GLY N   H    sing N N 130 
GLY N   H2   sing N N 131 
GLY CA  C    sing N N 132 
GLY CA  HA2  sing N N 133 
GLY CA  HA3  sing N N 134 
GLY C   O    doub N N 135 
GLY C   OXT  sing N N 136 
GLY OXT HXT  sing N N 137 
HIS N   CA   sing N N 138 
HIS N   H    sing N N 139 
HIS N   H2   sing N N 140 
HIS CA  C    sing N N 141 
HIS CA  CB   sing N N 142 
HIS CA  HA   sing N N 143 
HIS C   O    doub N N 144 
HIS C   OXT  sing N N 145 
HIS CB  CG   sing N N 146 
HIS CB  HB2  sing N N 147 
HIS CB  HB3  sing N N 148 
HIS CG  ND1  sing Y N 149 
HIS CG  CD2  doub Y N 150 
HIS ND1 CE1  doub Y N 151 
HIS ND1 HD1  sing N N 152 
HIS CD2 NE2  sing Y N 153 
HIS CD2 HD2  sing N N 154 
HIS CE1 NE2  sing Y N 155 
HIS CE1 HE1  sing N N 156 
HIS NE2 HE2  sing N N 157 
HIS OXT HXT  sing N N 158 
HOH O   H1   sing N N 159 
HOH O   H2   sing N N 160 
ILE N   CA   sing N N 161 
ILE N   H    sing N N 162 
ILE N   H2   sing N N 163 
ILE CA  C    sing N N 164 
ILE CA  CB   sing N N 165 
ILE CA  HA   sing N N 166 
ILE C   O    doub N N 167 
ILE C   OXT  sing N N 168 
ILE CB  CG1  sing N N 169 
ILE CB  CG2  sing N N 170 
ILE CB  HB   sing N N 171 
ILE CG1 CD1  sing N N 172 
ILE CG1 HG12 sing N N 173 
ILE CG1 HG13 sing N N 174 
ILE CG2 HG21 sing N N 175 
ILE CG2 HG22 sing N N 176 
ILE CG2 HG23 sing N N 177 
ILE CD1 HD11 sing N N 178 
ILE CD1 HD12 sing N N 179 
ILE CD1 HD13 sing N N 180 
ILE OXT HXT  sing N N 181 
LEU N   CA   sing N N 182 
LEU N   H    sing N N 183 
LEU N   H2   sing N N 184 
LEU CA  C    sing N N 185 
LEU CA  CB   sing N N 186 
LEU CA  HA   sing N N 187 
LEU C   O    doub N N 188 
LEU C   OXT  sing N N 189 
LEU CB  CG   sing N N 190 
LEU CB  HB2  sing N N 191 
LEU CB  HB3  sing N N 192 
LEU CG  CD1  sing N N 193 
LEU CG  CD2  sing N N 194 
LEU CG  HG   sing N N 195 
LEU CD1 HD11 sing N N 196 
LEU CD1 HD12 sing N N 197 
LEU CD1 HD13 sing N N 198 
LEU CD2 HD21 sing N N 199 
LEU CD2 HD22 sing N N 200 
LEU CD2 HD23 sing N N 201 
LEU OXT HXT  sing N N 202 
LYS N   CA   sing N N 203 
LYS N   H    sing N N 204 
LYS N   H2   sing N N 205 
LYS CA  C    sing N N 206 
LYS CA  CB   sing N N 207 
LYS CA  HA   sing N N 208 
LYS C   O    doub N N 209 
LYS C   OXT  sing N N 210 
LYS CB  CG   sing N N 211 
LYS CB  HB2  sing N N 212 
LYS CB  HB3  sing N N 213 
LYS CG  CD   sing N N 214 
LYS CG  HG2  sing N N 215 
LYS CG  HG3  sing N N 216 
LYS CD  CE   sing N N 217 
LYS CD  HD2  sing N N 218 
LYS CD  HD3  sing N N 219 
LYS CE  NZ   sing N N 220 
LYS CE  HE2  sing N N 221 
LYS CE  HE3  sing N N 222 
LYS NZ  HZ1  sing N N 223 
LYS NZ  HZ2  sing N N 224 
LYS NZ  HZ3  sing N N 225 
LYS OXT HXT  sing N N 226 
MET N   CA   sing N N 227 
MET N   H    sing N N 228 
MET N   H2   sing N N 229 
MET CA  C    sing N N 230 
MET CA  CB   sing N N 231 
MET CA  HA   sing N N 232 
MET C   O    doub N N 233 
MET C   OXT  sing N N 234 
MET CB  CG   sing N N 235 
MET CB  HB2  sing N N 236 
MET CB  HB3  sing N N 237 
MET CG  SD   sing N N 238 
MET CG  HG2  sing N N 239 
MET CG  HG3  sing N N 240 
MET SD  CE   sing N N 241 
MET CE  HE1  sing N N 242 
MET CE  HE2  sing N N 243 
MET CE  HE3  sing N N 244 
MET OXT HXT  sing N N 245 
O3A C9  C8   doub Y N 246 
O3A C9  C10  sing Y N 247 
O3A C8  C7   sing Y N 248 
O3A O1  C2   doub N N 249 
O3A C10 C11  doub Y N 250 
O3A C7  N1   sing N N 251 
O3A C7  C12  doub Y N 252 
O3A C1  N1   sing N N 253 
O3A N1  C2   sing N N 254 
O3A C2  C3   sing N N 255 
O3A C11 C12  sing Y N 256 
O3A C3  C4   sing N N 257 
O3A C3  C6   sing N N 258 
O3A C4  C5   sing N N 259 
O3A C5  N2   sing N N 260 
O3A N2  C6   sing N N 261 
O3A C4  H1   sing N N 262 
O3A C4  H2   sing N N 263 
O3A C5  H3   sing N N 264 
O3A C5  H4   sing N N 265 
O3A C6  H5   sing N N 266 
O3A C6  H6   sing N N 267 
O3A C8  H7   sing N N 268 
O3A C10 H8   sing N N 269 
O3A C1  H9   sing N N 270 
O3A C1  H10  sing N N 271 
O3A C1  H11  sing N N 272 
O3A C11 H12  sing N N 273 
O3A C12 H13  sing N N 274 
O3A C3  H14  sing N N 275 
O3A C9  H15  sing N N 276 
O3A N2  H16  sing N N 277 
PHE N   CA   sing N N 278 
PHE N   H    sing N N 279 
PHE N   H2   sing N N 280 
PHE CA  C    sing N N 281 
PHE CA  CB   sing N N 282 
PHE CA  HA   sing N N 283 
PHE C   O    doub N N 284 
PHE C   OXT  sing N N 285 
PHE CB  CG   sing N N 286 
PHE CB  HB2  sing N N 287 
PHE CB  HB3  sing N N 288 
PHE CG  CD1  doub Y N 289 
PHE CG  CD2  sing Y N 290 
PHE CD1 CE1  sing Y N 291 
PHE CD1 HD1  sing N N 292 
PHE CD2 CE2  doub Y N 293 
PHE CD2 HD2  sing N N 294 
PHE CE1 CZ   doub Y N 295 
PHE CE1 HE1  sing N N 296 
PHE CE2 CZ   sing Y N 297 
PHE CE2 HE2  sing N N 298 
PHE CZ  HZ   sing N N 299 
PHE OXT HXT  sing N N 300 
PRO N   CA   sing N N 301 
PRO N   CD   sing N N 302 
PRO N   H    sing N N 303 
PRO CA  C    sing N N 304 
PRO CA  CB   sing N N 305 
PRO CA  HA   sing N N 306 
PRO C   O    doub N N 307 
PRO C   OXT  sing N N 308 
PRO CB  CG   sing N N 309 
PRO CB  HB2  sing N N 310 
PRO CB  HB3  sing N N 311 
PRO CG  CD   sing N N 312 
PRO CG  HG2  sing N N 313 
PRO CG  HG3  sing N N 314 
PRO CD  HD2  sing N N 315 
PRO CD  HD3  sing N N 316 
PRO OXT HXT  sing N N 317 
SER N   CA   sing N N 318 
SER N   H    sing N N 319 
SER N   H2   sing N N 320 
SER CA  C    sing N N 321 
SER CA  CB   sing N N 322 
SER CA  HA   sing N N 323 
SER C   O    doub N N 324 
SER C   OXT  sing N N 325 
SER CB  OG   sing N N 326 
SER CB  HB2  sing N N 327 
SER CB  HB3  sing N N 328 
SER OG  HG   sing N N 329 
SER OXT HXT  sing N N 330 
THR N   CA   sing N N 331 
THR N   H    sing N N 332 
THR N   H2   sing N N 333 
THR CA  C    sing N N 334 
THR CA  CB   sing N N 335 
THR CA  HA   sing N N 336 
THR C   O    doub N N 337 
THR C   OXT  sing N N 338 
THR CB  OG1  sing N N 339 
THR CB  CG2  sing N N 340 
THR CB  HB   sing N N 341 
THR OG1 HG1  sing N N 342 
THR CG2 HG21 sing N N 343 
THR CG2 HG22 sing N N 344 
THR CG2 HG23 sing N N 345 
THR OXT HXT  sing N N 346 
TRP N   CA   sing N N 347 
TRP N   H    sing N N 348 
TRP N   H2   sing N N 349 
TRP CA  C    sing N N 350 
TRP CA  CB   sing N N 351 
TRP CA  HA   sing N N 352 
TRP C   O    doub N N 353 
TRP C   OXT  sing N N 354 
TRP CB  CG   sing N N 355 
TRP CB  HB2  sing N N 356 
TRP CB  HB3  sing N N 357 
TRP CG  CD1  doub Y N 358 
TRP CG  CD2  sing Y N 359 
TRP CD1 NE1  sing Y N 360 
TRP CD1 HD1  sing N N 361 
TRP CD2 CE2  doub Y N 362 
TRP CD2 CE3  sing Y N 363 
TRP NE1 CE2  sing Y N 364 
TRP NE1 HE1  sing N N 365 
TRP CE2 CZ2  sing Y N 366 
TRP CE3 CZ3  doub Y N 367 
TRP CE3 HE3  sing N N 368 
TRP CZ2 CH2  doub Y N 369 
TRP CZ2 HZ2  sing N N 370 
TRP CZ3 CH2  sing Y N 371 
TRP CZ3 HZ3  sing N N 372 
TRP CH2 HH2  sing N N 373 
TRP OXT HXT  sing N N 374 
TYR N   CA   sing N N 375 
TYR N   H    sing N N 376 
TYR N   H2   sing N N 377 
TYR CA  C    sing N N 378 
TYR CA  CB   sing N N 379 
TYR CA  HA   sing N N 380 
TYR C   O    doub N N 381 
TYR C   OXT  sing N N 382 
TYR CB  CG   sing N N 383 
TYR CB  HB2  sing N N 384 
TYR CB  HB3  sing N N 385 
TYR CG  CD1  doub Y N 386 
TYR CG  CD2  sing Y N 387 
TYR CD1 CE1  sing Y N 388 
TYR CD1 HD1  sing N N 389 
TYR CD2 CE2  doub Y N 390 
TYR CD2 HD2  sing N N 391 
TYR CE1 CZ   doub Y N 392 
TYR CE1 HE1  sing N N 393 
TYR CE2 CZ   sing Y N 394 
TYR CE2 HE2  sing N N 395 
TYR CZ  OH   sing N N 396 
TYR OH  HH   sing N N 397 
TYR OXT HXT  sing N N 398 
VAL N   CA   sing N N 399 
VAL N   H    sing N N 400 
VAL N   H2   sing N N 401 
VAL CA  C    sing N N 402 
VAL CA  CB   sing N N 403 
VAL CA  HA   sing N N 404 
VAL C   O    doub N N 405 
VAL C   OXT  sing N N 406 
VAL CB  CG1  sing N N 407 
VAL CB  CG2  sing N N 408 
VAL CB  HB   sing N N 409 
VAL CG1 HG11 sing N N 410 
VAL CG1 HG12 sing N N 411 
VAL CG1 HG13 sing N N 412 
VAL CG2 HG21 sing N N 413 
VAL CG2 HG22 sing N N 414 
VAL CG2 HG23 sing N N 415 
VAL OXT HXT  sing N N 416 
# 
_pdbx_audit_support.funding_organization   
'National Institutes of Health/National Institute Of Allergy and Infectious Diseases (NIH/NIAID)' 
_pdbx_audit_support.country                'United States' 
_pdbx_audit_support.grant_number           U19AI171399 
_pdbx_audit_support.ordinal                1 
# 
_pdbx_deposit_group.group_id            G_1002288 
_pdbx_deposit_group.group_description   'Crystallographic fragment screening of Coxsackievirus A16 (G-10) 2A protease' 
_pdbx_deposit_group.group_title         
'Group deposition for crystallographic fragment screening of Coxsackievirus A16 (G-10) 2A protease' 
_pdbx_deposit_group.group_type          'changed state' 
# 
_atom_sites.entry_id                    7H4M 
_atom_sites.fract_transf_matrix[1][1]   -0.00933638 
_atom_sites.fract_transf_matrix[1][2]   0.00475735 
_atom_sites.fract_transf_matrix[1][3]   -0.00908708 
_atom_sites.fract_transf_matrix[2][1]   -0.00018793 
_atom_sites.fract_transf_matrix[2][2]   0.01463164 
_atom_sites.fract_transf_matrix[2][3]   0.00785317 
_atom_sites.fract_transf_matrix[3][1]   0.02196260 
_atom_sites.fract_transf_matrix[3][2]   0.01062827 
_atom_sites.fract_transf_matrix[3][3]   -0.01927649 
_atom_sites.fract_transf_vector[1]      0.218991 
_atom_sites.fract_transf_vector[2]      0.136725 
_atom_sites.fract_transf_vector[3]      0.435687 
# 
loop_
_atom_type.symbol 
C  
N  
O  
S  
ZN 
# 
loop_
_atom_site.group_PDB 
_atom_site.id 
_atom_site.type_symbol 
_atom_site.label_atom_id 
_atom_site.label_alt_id 
_atom_site.label_comp_id 
_atom_site.label_asym_id 
_atom_site.label_entity_id 
_atom_site.label_seq_id 
_atom_site.pdbx_PDB_ins_code 
_atom_site.Cartn_x 
_atom_site.Cartn_y 
_atom_site.Cartn_z 
_atom_site.occupancy 
_atom_site.B_iso_or_equiv 
_atom_site.pdbx_formal_charge 
_atom_site.auth_seq_id 
_atom_site.auth_comp_id 
_atom_site.auth_asym_id 
_atom_site.auth_atom_id 
_atom_site.pdbx_PDB_model_num 
ATOM   1    N  N   . SER A 1 7   ? 4.355   4.250   -8.776  1.00 30.36 ? 7   SER A N   1 
ATOM   2    C  CA  . SER A 1 7   ? 2.897   4.439   -8.853  1.00 30.85 ? 7   SER A CA  1 
ATOM   3    C  C   . SER A 1 7   ? 2.194   3.080   -8.782  1.00 29.69 ? 7   SER A C   1 
ATOM   4    O  O   . SER A 1 7   ? 2.890   2.010   -8.850  1.00 26.58 ? 7   SER A O   1 
ATOM   5    C  CB  . SER A 1 7   ? 2.484   5.188   -10.099 1.00 34.51 ? 7   SER A CB  1 
ATOM   6    O  OG  . SER A 1 7   ? 2.941   4.476   -11.236 1.00 38.06 ? 7   SER A OG  1 
ATOM   7    N  N   . GLY A 1 8   ? 0.879   3.143   -8.605  1.00 24.06 ? 8   GLY A N   1 
ATOM   8    C  CA  . GLY A 1 8   ? 0.007   1.960   -8.653  1.00 21.67 ? 8   GLY A CA  1 
ATOM   9    C  C   . GLY A 1 8   ? -1.176  2.089   -7.720  1.00 22.07 ? 8   GLY A C   1 
ATOM   10   O  O   . GLY A 1 8   ? -1.072  2.788   -6.732  1.00 19.70 ? 8   GLY A O   1 
ATOM   11   N  N   . ALA A 1 9   ? -2.261  1.406   -8.020  1.00 19.59 ? 9   ALA A N   1 
ATOM   12   C  CA  . ALA A 1 9   ? -3.476  1.430   -7.173  1.00 23.31 ? 9   ALA A CA  1 
ATOM   13   C  C   . ALA A 1 9   ? -4.050  0.028   -7.037  1.00 20.62 ? 9   ALA A C   1 
ATOM   14   O  O   . ALA A 1 9   ? -3.760  -0.824  -7.885  1.00 18.97 ? 9   ALA A O   1 
ATOM   15   C  CB  . ALA A 1 9   ? -4.557  2.315   -7.751  1.00 26.04 ? 9   ALA A CB  1 
ATOM   16   N  N   . ILE A 1 10  ? -4.943  -0.111  -6.062  1.00 18.71 ? 10  ILE A N   1 
ATOM   17   C  CA  . ILE A 1 10  ? -5.863  -1.259  -5.886  1.00 19.29 ? 10  ILE A CA  1 
ATOM   18   C  C   . ILE A 1 10  ? -7.250  -0.823  -6.305  1.00 19.41 ? 10  ILE A C   1 
ATOM   19   O  O   . ILE A 1 10  ? -7.693  0.271   -5.871  1.00 21.44 ? 10  ILE A O   1 
ATOM   20   C  CB  . ILE A 1 10  ? -5.859  -1.776  -4.440  1.00 20.33 ? 10  ILE A CB  1 
ATOM   21   C  CG1 . ILE A 1 10  ? -4.440  -2.053  -3.925  1.00 18.81 ? 10  ILE A CG1 1 
ATOM   22   C  CG2 . ILE A 1 10  ? -6.764  -2.998  -4.333  1.00 22.99 ? 10  ILE A CG2 1 
ATOM   23   C  CD1 . ILE A 1 10  ? -4.401  -2.187  -2.447  1.00 18.31 ? 10  ILE A CD1 1 
ATOM   24   N  N   . TYR A 1 11  ? -7.907  -1.650  -7.113  1.00 21.16 ? 11  TYR A N   1 
ATOM   25   C  CA  . TYR A 1 11  ? -9.287  -1.432  -7.596  1.00 23.31 ? 11  TYR A CA  1 
ATOM   26   C  C   . TYR A 1 11  ? -10.197 -2.561  -7.107  1.00 26.39 ? 11  TYR A C   1 
ATOM   27   O  O   . TYR A 1 11  ? -10.169 -3.679  -7.688  1.00 27.67 ? 11  TYR A O   1 
ATOM   28   C  CB  . TYR A 1 11  ? -9.281  -1.294  -9.109  1.00 23.21 ? 11  TYR A CB  1 
ATOM   29   C  CG  . TYR A 1 11  ? -8.468  -0.134  -9.610  1.00 24.02 ? 11  TYR A CG  1 
ATOM   30   C  CD1 . TYR A 1 11  ? -9.005  1.140   -9.624  1.00 24.53 ? 11  TYR A CD1 1 
ATOM   31   C  CD2 . TYR A 1 11  ? -7.152  -0.288  -10.025 1.00 23.43 ? 11  TYR A CD2 1 
ATOM   32   C  CE1 . TYR A 1 11  ? -8.282  2.216   -10.114 1.00 25.53 ? 11  TYR A CE1 1 
ATOM   33   C  CE2 . TYR A 1 11  ? -6.404  0.785   -10.486 1.00 22.81 ? 11  TYR A CE2 1 
ATOM   34   C  CZ  . TYR A 1 11  ? -6.978  2.042   -10.519 1.00 23.28 ? 11  TYR A CZ  1 
ATOM   35   O  OH  . TYR A 1 11  ? -6.272  3.108   -10.957 1.00 24.11 ? 11  TYR A OH  1 
ATOM   36   N  N   . VAL A 1 12  ? -11.008 -2.281  -6.090  1.00 26.04 ? 12  VAL A N   1 
ATOM   37   C  CA  . VAL A 1 12  ? -11.921 -3.264  -5.443  1.00 27.87 ? 12  VAL A CA  1 
ATOM   38   C  C   . VAL A 1 12  ? -13.304 -2.615  -5.351  1.00 29.17 ? 12  VAL A C   1 
ATOM   39   O  O   . VAL A 1 12  ? -13.405 -1.483  -4.783  1.00 24.89 ? 12  VAL A O   1 
ATOM   40   C  CB  . VAL A 1 12  ? -11.369 -3.733  -4.072  1.00 26.05 ? 12  VAL A CB  1 
ATOM   41   C  CG1 . VAL A 1 12  ? -10.904 -2.588  -3.185  1.00 25.77 ? 12  VAL A CG1 1 
ATOM   42   C  CG2 . VAL A 1 12  ? -12.369 -4.613  -3.341  1.00 30.98 ? 12  VAL A CG2 1 
ATOM   43   N  N   . GLY A 1 13  ? -14.328 -3.262  -5.943  1.00 30.31 ? 13  GLY A N   1 
ATOM   44   C  CA  . GLY A 1 13  ? -15.687 -2.707  -6.099  1.00 31.38 ? 13  GLY A CA  1 
ATOM   45   C  C   . GLY A 1 13  ? -15.674 -1.275  -6.641  1.00 31.65 ? 13  GLY A C   1 
ATOM   46   O  O   . GLY A 1 13  ? -15.074 -1.057  -7.687  1.00 32.68 ? 13  GLY A O   1 
ATOM   47   N  N   . ASN A 1 14  ? -16.287 -0.318  -5.944  1.00 33.71 ? 14  ASN A N   1 
ATOM   48   C  CA  . ASN A 1 14  ? -16.307 1.107   -6.378  1.00 37.70 ? 14  ASN A CA  1 
ATOM   49   C  C   . ASN A 1 14  ? -15.249 1.917   -5.616  1.00 33.25 ? 14  ASN A C   1 
ATOM   50   O  O   . ASN A 1 14  ? -15.495 3.091   -5.344  1.00 34.08 ? 14  ASN A O   1 
ATOM   51   C  CB  . ASN A 1 14  ? -17.700 1.719   -6.260  1.00 42.81 ? 14  ASN A CB  1 
ATOM   52   C  CG  . ASN A 1 14  ? -18.594 1.256   -7.385  1.00 48.07 ? 14  ASN A CG  1 
ATOM   53   O  OD1 . ASN A 1 14  ? -18.310 1.514   -8.560  1.00 49.99 ? 14  ASN A OD1 1 
ATOM   54   N  ND2 . ASN A 1 14  ? -19.642 0.534   -7.030  1.00 52.24 ? 14  ASN A ND2 1 
ATOM   55   N  N   . TYR A 1 15  ? -14.094 1.307   -5.321  1.00 30.19 ? 15  TYR A N   1 
ATOM   56   C  CA  . TYR A 1 15  ? -12.998 1.935   -4.560  1.00 27.84 ? 15  TYR A CA  1 
ATOM   57   C  C   . TYR A 1 15  ? -11.709 1.841   -5.370  1.00 27.07 ? 15  TYR A C   1 
ATOM   58   O  O   . TYR A 1 15  ? -11.477 0.805   -6.017  1.00 27.96 ? 15  TYR A O   1 
ATOM   59   C  CB  . TYR A 1 15  ? -12.851 1.298   -3.173  1.00 28.72 ? 15  TYR A CB  1 
ATOM   60   C  CG  . TYR A 1 15  ? -14.058 1.445   -2.280  1.00 29.65 ? 15  TYR A CG  1 
ATOM   61   C  CD1 . TYR A 1 15  ? -14.567 2.712   -1.971  1.00 29.03 ? 15  TYR A CD1 1 
ATOM   62   C  CD2 . TYR A 1 15  ? -14.695 0.332   -1.729  1.00 30.78 ? 15  TYR A CD2 1 
ATOM   63   C  CE1 . TYR A 1 15  ? -15.692 2.851   -1.166  1.00 29.34 ? 15  TYR A CE1 1 
ATOM   64   C  CE2 . TYR A 1 15  ? -15.801 0.464   -0.890  1.00 30.81 ? 15  TYR A CE2 1 
ATOM   65   C  CZ  . TYR A 1 15  ? -16.305 1.732   -0.620  1.00 29.17 ? 15  TYR A CZ  1 
ATOM   66   O  OH  . TYR A 1 15  ? -17.391 1.910   0.196   1.00 30.35 ? 15  TYR A OH  1 
ATOM   67   N  N   . ARG A 1 16  ? -10.923 2.918   -5.312  1.00 24.20 ? 16  ARG A N   1 
ATOM   68   C  CA  . ARG A 1 16  ? -9.513  3.033   -5.716  1.00 22.82 ? 16  ARG A CA  1 
ATOM   69   C  C   . ARG A 1 16  ? -8.659  3.267   -4.463  1.00 22.46 ? 16  ARG A C   1 
ATOM   70   O  O   . ARG A 1 16  ? -8.875  4.268   -3.775  1.00 19.95 ? 16  ARG A O   1 
ATOM   71   C  CB  . ARG A 1 16  ? -9.393  4.187   -6.703  1.00 24.21 ? 16  ARG A CB  1 
ATOM   72   C  CG  . ARG A 1 16  ? -7.974  4.495   -7.148  1.00 25.39 ? 16  ARG A CG  1 
ATOM   73   C  CD  . ARG A 1 16  ? -7.922  5.527   -8.287  1.00 25.62 ? 16  ARG A CD  1 
ATOM   74   N  NE  . ARG A 1 16  ? -6.875  6.510   -8.132  1.00 22.65 ? 16  ARG A NE  1 
ATOM   75   C  CZ  . ARG A 1 16  ? -5.654  6.493   -8.683  1.00 23.08 ? 16  ARG A CZ  1 
ATOM   76   N  NH1 . ARG A 1 16  ? -5.249  5.487   -9.460  1.00 27.35 ? 16  ARG A NH1 1 
ATOM   77   N  NH2 . ARG A 1 16  ? -4.820  7.474   -8.411  1.00 24.09 ? 16  ARG A NH2 1 
ATOM   78   N  N   . VAL A 1 17  ? -7.743  2.357   -4.156  1.00 21.59 ? 17  VAL A N   1 
ATOM   79   C  CA  . VAL A 1 17  ? -6.757  2.551   -3.055  1.00 21.05 ? 17  VAL A CA  1 
ATOM   80   C  C   . VAL A 1 17  ? -5.431  2.992   -3.648  1.00 19.77 ? 17  VAL A C   1 
ATOM   81   O  O   . VAL A 1 17  ? -4.832  2.249   -4.454  1.00 21.93 ? 17  VAL A O   1 
ATOM   82   C  CB  . VAL A 1 17  ? -6.594  1.290   -2.217  1.00 20.59 ? 17  VAL A CB  1 
ATOM   83   C  CG1 . VAL A 1 17  ? -5.774  1.594   -0.943  1.00 22.83 ? 17  VAL A CG1 1 
ATOM   84   C  CG2 . VAL A 1 17  ? -7.966  0.725   -1.940  1.00 22.89 ? 17  VAL A CG2 1 
ATOM   85   N  N   . VAL A 1 18  ? -4.893  4.096   -3.153  1.00 18.64 ? 18  VAL A N   1 
ATOM   86   C  CA  . VAL A 1 18  ? -3.608  4.668   -3.608  1.00 19.91 ? 18  VAL A CA  1 
ATOM   87   C  C   . VAL A 1 18  ? -2.778  5.088   -2.382  1.00 17.96 ? 18  VAL A C   1 
ATOM   88   O  O   . VAL A 1 18  ? -3.341  5.233   -1.266  1.00 19.81 ? 18  VAL A O   1 
ATOM   89   C  CB  . VAL A 1 18  ? -3.840  5.880   -4.521  1.00 20.73 ? 18  VAL A CB  1 
ATOM   90   C  CG1 . VAL A 1 18  ? -4.444  5.455   -5.828  1.00 24.66 ? 18  VAL A CG1 1 
ATOM   91   C  CG2 . VAL A 1 18  ? -4.704  6.953   -3.862  1.00 19.57 ? 18  VAL A CG2 1 
ATOM   92   N  N   . ASN A 1 19  ? -1.498  5.224   -2.573  1.00 16.35 ? 19  ASN A N   1 
ATOM   93   C  CA  . ASN A 1 19  ? -0.650  5.954   -1.598  1.00 17.52 ? 19  ASN A CA  1 
ATOM   94   C  C   . ASN A 1 19  ? -1.232  7.357   -1.439  1.00 20.61 ? 19  ASN A C   1 
ATOM   95   O  O   . ASN A 1 19  ? -1.520  8.027   -2.459  1.00 18.84 ? 19  ASN A O   1 
ATOM   96   C  CB  . ASN A 1 19  ? 0.787   6.005   -2.063  1.00 17.11 ? 19  ASN A CB  1 
ATOM   97   C  CG  . ASN A 1 19  ? 1.405   4.634   -2.172  1.00 15.90 ? 19  ASN A CG  1 
ATOM   98   O  OD1 . ASN A 1 19  ? 1.362   3.996   -3.248  1.00 18.78 ? 19  ASN A OD1 1 
ATOM   99   N  ND2 . ASN A 1 19  ? 1.939   4.189   -1.053  1.00 15.87 ? 19  ASN A ND2 1 
ATOM   100  N  N   . ARG A 1 20  ? -1.477  7.754   -0.204  1.00 20.58 ? 20  ARG A N   1 
ATOM   101  C  CA  . ARG A 1 20  ? -2.009  9.109   0.095   1.00 21.88 ? 20  ARG A CA  1 
ATOM   102  C  C   . ARG A 1 20  ? -1.072  10.144  -0.528  1.00 21.20 ? 20  ARG A C   1 
ATOM   103  O  O   . ARG A 1 20  ? -1.594  11.043  -1.164  1.00 22.88 ? 20  ARG A O   1 
ATOM   104  C  CB  . ARG A 1 20  ? -2.161  9.278   1.607   1.00 21.21 ? 20  ARG A CB  1 
ATOM   105  C  CG  . ARG A 1 20  ? -2.909  10.532  1.992   1.00 20.24 ? 20  ARG A CG  1 
ATOM   106  C  CD  . ARG A 1 20  ? -2.799  10.661  3.493   1.00 21.59 ? 20  ARG A CD  1 
ATOM   107  N  NE  . ARG A 1 20  ? -3.580  11.777  4.001   1.00 23.24 ? 20  ARG A NE  1 
ATOM   108  C  CZ  . ARG A 1 20  ? -3.220  13.046  3.963   1.00 20.54 ? 20  ARG A CZ  1 
ATOM   109  N  NH1 . ARG A 1 20  ? -2.061  13.411  3.457   1.00 24.13 ? 20  ARG A NH1 1 
ATOM   110  N  NH2 . ARG A 1 20  ? -4.018  13.937  4.515   1.00 20.64 ? 20  ARG A NH2 1 
ATOM   111  N  N   . HIS A 1 21  ? 0.250   9.964   -0.481  1.00 22.48 ? 21  HIS A N   1 
ATOM   112  C  CA  . HIS A 1 21  ? 1.216   10.969  -1.014  1.00 24.70 ? 21  HIS A CA  1 
ATOM   113  C  C   . HIS A 1 21  ? 1.205   11.032  -2.544  1.00 25.48 ? 21  HIS A C   1 
ATOM   114  O  O   . HIS A 1 21  ? 1.813   12.001  -3.066  1.00 28.05 ? 21  HIS A O   1 
ATOM   115  C  CB  . HIS A 1 21  ? 2.643   10.788  -0.488  1.00 24.98 ? 21  HIS A CB  1 
ATOM   116  C  CG  . HIS A 1 21  ? 3.332   9.528   -0.896  1.00 26.56 ? 21  HIS A CG  1 
ATOM   117  N  ND1 . HIS A 1 21  ? 4.323   9.485   -1.842  1.00 27.28 ? 21  HIS A ND1 1 
ATOM   118  C  CD2 . HIS A 1 21  ? 3.188   8.255   -0.463  1.00 26.89 ? 21  HIS A CD2 1 
ATOM   119  C  CE1 . HIS A 1 21  ? 4.746   8.236   -1.985  1.00 24.87 ? 21  HIS A CE1 1 
ATOM   120  N  NE2 . HIS A 1 21  ? 4.073   7.476   -1.159  1.00 28.62 ? 21  HIS A NE2 1 
ATOM   121  N  N   . LEU A 1 22  ? 0.571   10.078  -3.237  1.00 22.14 ? 22  LEU A N   1 
ATOM   122  C  CA  . LEU A 1 22  ? 0.465   10.068  -4.720  1.00 23.37 ? 22  LEU A CA  1 
ATOM   123  C  C   . LEU A 1 22  ? -0.977  10.347  -5.151  1.00 22.01 ? 22  LEU A C   1 
ATOM   124  O  O   . LEU A 1 22  ? -1.274  10.211  -6.371  1.00 23.79 ? 22  LEU A O   1 
ATOM   125  C  CB  . LEU A 1 22  ? 0.973   8.719   -5.256  1.00 21.96 ? 22  LEU A CB  1 
ATOM   126  C  CG  . LEU A 1 22  ? 2.412   8.408   -4.878  1.00 23.16 ? 22  LEU A CG  1 
ATOM   127  C  CD1 . LEU A 1 22  ? 2.861   7.056   -5.429  1.00 22.93 ? 22  LEU A CD1 1 
ATOM   128  C  CD2 . LEU A 1 22  ? 3.333   9.517   -5.386  1.00 27.21 ? 22  LEU A CD2 1 
ATOM   129  N  N   . ALA A 1 23  ? -1.906  10.545  -4.215  1.00 20.68 ? 23  ALA A N   1 
ATOM   130  C  CA  . ALA A 1 23  ? -3.316  10.745  -4.582  1.00 21.33 ? 23  ALA A CA  1 
ATOM   131  C  C   . ALA A 1 23  ? -3.416  11.992  -5.485  1.00 21.82 ? 23  ALA A C   1 
ATOM   132  O  O   . ALA A 1 23  ? -2.685  12.966  -5.239  1.00 21.75 ? 23  ALA A O   1 
ATOM   133  C  CB  . ALA A 1 23  ? -4.184  10.852  -3.348  1.00 21.99 ? 23  ALA A CB  1 
ATOM   134  N  N   . THR A 1 24  ? -4.265  11.930  -6.491  1.00 21.90 ? 24  THR A N   1 
ATOM   135  C  CA  . THR A 1 24  ? -4.483  13.021  -7.484  1.00 24.88 ? 24  THR A CA  1 
ATOM   136  C  C   . THR A 1 24  ? -5.619  13.926  -7.014  1.00 25.56 ? 24  THR A C   1 
ATOM   137  O  O   . THR A 1 24  ? -6.312  13.607  -6.001  1.00 24.35 ? 24  THR A O   1 
ATOM   138  C  CB  . THR A 1 24  ? -4.842  12.404  -8.844  1.00 21.79 ? 24  THR A CB  1 
ATOM   139  O  OG1 . THR A 1 24  ? -6.119  11.801  -8.684  1.00 23.97 ? 24  THR A OG1 1 
ATOM   140  C  CG2 . THR A 1 24  ? -3.846  11.367  -9.278  1.00 21.27 ? 24  THR A CG2 1 
ATOM   141  N  N   . HIS A 1 25  ? -5.855  15.016  -7.747  0.50 27.56 ? 25  HIS A N   1 
ATOM   142  C  CA  . HIS A 1 25  ? -7.009  15.921  -7.518  0.50 29.54 ? 25  HIS A CA  1 
ATOM   143  C  C   . HIS A 1 25  ? -8.292  15.086  -7.554  0.50 27.41 ? 25  HIS A C   1 
ATOM   144  O  O   . HIS A 1 25  ? -9.102  15.200  -6.593  0.50 27.64 ? 25  HIS A O   1 
ATOM   145  C  CB  . HIS A 1 25  ? -6.969  17.090  -8.514  0.50 33.88 ? 25  HIS A CB  1 
ATOM   146  C  CG  . HIS A 1 25  ? -5.725  17.900  -8.386  0.50 37.63 ? 25  HIS A CG  1 
ATOM   147  N  ND1 . HIS A 1 25  ? -5.520  18.773  -7.332  0.50 39.38 ? 25  HIS A ND1 1 
ATOM   148  C  CD2 . HIS A 1 25  ? -4.611  17.954  -9.151  0.50 39.76 ? 25  HIS A CD2 1 
ATOM   149  C  CE1 . HIS A 1 25  ? -4.337  19.339  -7.465  0.50 41.72 ? 25  HIS A CE1 1 
ATOM   150  N  NE2 . HIS A 1 25  ? -3.758  18.850  -8.572  0.50 42.21 ? 25  HIS A NE2 1 
ATOM   151  N  N   . ASN A 1 26  ? -8.439  14.228  -8.578  1.00 26.16 ? 26  ASN A N   1 
ATOM   152  C  CA  . ASN A 1 26  ? -9.669  13.411  -8.751  1.00 28.78 ? 26  ASN A CA  1 
ATOM   153  C  C   . ASN A 1 26  ? -9.819  12.466  -7.545  1.00 22.75 ? 26  ASN A C   1 
ATOM   154  O  O   . ASN A 1 26  ? -10.932 12.333  -7.009  1.00 21.63 ? 26  ASN A O   1 
ATOM   155  C  CB  . ASN A 1 26  ? -9.705  12.756  -10.140 1.00 32.17 ? 26  ASN A CB  1 
ATOM   156  C  CG  . ASN A 1 26  ? -10.988 11.965  -10.301 1.00 40.90 ? 26  ASN A CG  1 
ATOM   157  O  OD1 . ASN A 1 26  ? -12.058 12.556  -10.444 1.00 51.90 ? 26  ASN A OD1 1 
ATOM   158  N  ND2 . ASN A 1 26  ? -10.917 10.638  -10.179 1.00 42.53 ? 26  ASN A ND2 1 
ATOM   159  N  N   . ASP A 1 27  ? -8.705  11.882  -7.071  1.00 23.07 ? 27  ASP A N   1 
ATOM   160  C  CA  . ASP A 1 27  ? -8.715  11.107  -5.805  1.00 23.01 ? 27  ASP A CA  1 
ATOM   161  C  C   . ASP A 1 27  ? -9.362  11.958  -4.697  1.00 22.07 ? 27  ASP A C   1 
ATOM   162  O  O   . ASP A 1 27  ? -10.376 11.521  -4.083  1.00 24.72 ? 27  ASP A O   1 
ATOM   163  C  CB  . ASP A 1 27  ? -7.297  10.619  -5.475  1.00 22.82 ? 27  ASP A CB  1 
ATOM   164  C  CG  . ASP A 1 27  ? -6.869  9.429   -6.325  1.00 22.69 ? 27  ASP A CG  1 
ATOM   165  O  OD1 . ASP A 1 27  ? -7.753  8.613   -6.629  1.00 24.36 ? 27  ASP A OD1 1 
ATOM   166  O  OD2 . ASP A 1 27  ? -5.669  9.330   -6.642  1.00 23.17 ? 27  ASP A OD2 1 
ATOM   167  N  N   . TRP A 1 28  ? -8.818  13.141  -4.451  1.00 25.13 ? 28  TRP A N   1 
ATOM   168  C  CA  . TRP A 1 28  ? -9.273  13.996  -3.322  1.00 26.64 ? 28  TRP A CA  1 
ATOM   169  C  C   . TRP A 1 28  ? -10.680 14.558  -3.591  1.00 28.23 ? 28  TRP A C   1 
ATOM   170  O  O   . TRP A 1 28  ? -11.459 14.734  -2.612  1.00 28.28 ? 28  TRP A O   1 
ATOM   171  C  CB  . TRP A 1 28  ? -8.258  15.112  -3.110  1.00 25.21 ? 28  TRP A CB  1 
ATOM   172  C  CG  . TRP A 1 28  ? -7.109  14.718  -2.249  1.00 22.51 ? 28  TRP A CG  1 
ATOM   173  C  CD1 . TRP A 1 28  ? -5.829  14.558  -2.653  1.00 23.54 ? 28  TRP A CD1 1 
ATOM   174  C  CD2 . TRP A 1 28  ? -7.098  14.625  -0.815  1.00 21.09 ? 28  TRP A CD2 1 
ATOM   175  N  NE1 . TRP A 1 28  ? -5.028  14.272  -1.578  1.00 21.00 ? 28  TRP A NE1 1 
ATOM   176  C  CE2 . TRP A 1 28  ? -5.785  14.276  -0.439  1.00 22.87 ? 28  TRP A CE2 1 
ATOM   177  C  CE3 . TRP A 1 28  ? -8.082  14.692  0.174   1.00 22.77 ? 28  TRP A CE3 1 
ATOM   178  C  CZ2 . TRP A 1 28  ? -5.407  14.100  0.899   1.00 20.40 ? 28  TRP A CZ2 1 
ATOM   179  C  CZ3 . TRP A 1 28  ? -7.719  14.495  1.491   1.00 21.85 ? 28  TRP A CZ3 1 
ATOM   180  C  CH2 . TRP A 1 28  ? -6.409  14.166  1.833   1.00 20.58 ? 28  TRP A CH2 1 
ATOM   181  N  N   . ALA A 1 29  ? -11.022 14.791  -4.864  1.00 30.26 ? 29  ALA A N   1 
ATOM   182  C  CA  . ALA A 1 29  ? -12.377 15.209  -5.291  1.00 30.00 ? 29  ALA A CA  1 
ATOM   183  C  C   . ALA A 1 29  ? -13.404 14.121  -4.959  1.00 29.46 ? 29  ALA A C   1 
ATOM   184  O  O   . ALA A 1 29  ? -14.569 14.462  -4.727  1.00 29.21 ? 29  ALA A O   1 
ATOM   185  C  CB  . ALA A 1 29  ? -12.380 15.521  -6.777  1.00 30.99 ? 29  ALA A CB  1 
ATOM   186  N  N   . ASN A 1 30  ? -13.007 12.845  -4.966  1.00 29.34 ? 30  ASN A N   1 
ATOM   187  C  CA  . ASN A 1 30  ? -13.928 11.692  -4.745  1.00 28.47 ? 30  ASN A CA  1 
ATOM   188  C  C   . ASN A 1 30  ? -13.459 10.893  -3.538  1.00 28.24 ? 30  ASN A C   1 
ATOM   189  O  O   . ASN A 1 30  ? -13.707 9.654   -3.521  1.00 26.70 ? 30  ASN A O   1 
ATOM   190  C  CB  . ASN A 1 30  ? -13.960 10.748  -5.952  1.00 27.24 ? 30  ASN A CB  1 
ATOM   191  C  CG  . ASN A 1 30  ? -14.651 11.385  -7.134  1.00 27.63 ? 30  ASN A CG  1 
ATOM   192  O  OD1 . ASN A 1 30  ? -15.863 11.508  -7.114  1.00 31.92 ? 30  ASN A OD1 1 
ATOM   193  N  ND2 . ASN A 1 30  ? -13.874 11.794  -8.118  1.00 26.52 ? 30  ASN A ND2 1 
ATOM   194  N  N   . LEU A 1 31  ? -12.813 11.584  -2.583  1.00 27.59 ? 31  LEU A N   1 
ATOM   195  C  CA  . LEU A 1 31  ? -12.315 11.023  -1.297  1.00 25.00 ? 31  LEU A CA  1 
ATOM   196  C  C   . LEU A 1 31  ? -13.418 10.223  -0.623  1.00 27.62 ? 31  LEU A C   1 
ATOM   197  O  O   . LEU A 1 31  ? -14.543 10.729  -0.550  1.00 30.90 ? 31  LEU A O   1 
ATOM   198  C  CB  . LEU A 1 31  ? -11.836 12.162  -0.396  1.00 27.29 ? 31  LEU A CB  1 
ATOM   199  C  CG  . LEU A 1 31  ? -11.369 11.753  0.990   1.00 24.19 ? 31  LEU A CG  1 
ATOM   200  C  CD1 . LEU A 1 31  ? -10.120 10.867  0.899   1.00 23.10 ? 31  LEU A CD1 1 
ATOM   201  C  CD2 . LEU A 1 31  ? -11.104 12.982  1.837   1.00 23.18 ? 31  LEU A CD2 1 
ATOM   202  N  N   . VAL A 1 32  ? -13.104 8.980   -0.219  1.00 25.27 ? 32  VAL A N   1 
ATOM   203  C  CA  . VAL A 1 32  ? -13.947 8.143   0.666   1.00 25.61 ? 32  VAL A CA  1 
ATOM   204  C  C   . VAL A 1 32  ? -13.309 8.128   2.063   1.00 27.16 ? 32  VAL A C   1 
ATOM   205  O  O   . VAL A 1 32  ? -13.983 8.244   3.049   1.00 27.57 ? 32  VAL A O   1 
ATOM   206  C  CB  . VAL A 1 32  ? -14.097 6.742   0.071   1.00 26.79 ? 32  VAL A CB  1 
ATOM   207  C  CG1 . VAL A 1 32  ? -14.870 5.835   1.000   1.00 27.04 ? 32  VAL A CG1 1 
ATOM   208  C  CG2 . VAL A 1 32  ? -14.739 6.844   -1.302  1.00 28.64 ? 32  VAL A CG2 1 
ATOM   209  N  N   . TRP A 1 33  ? -12.004 8.024   2.122   1.00 26.86 ? 33  TRP A N   1 
ATOM   210  C  CA  . TRP A 1 33  ? -11.302 7.751   3.390   1.00 25.91 ? 33  TRP A CA  1 
ATOM   211  C  C   . TRP A 1 33  ? -9.826  8.017   3.165   1.00 21.98 ? 33  TRP A C   1 
ATOM   212  O  O   . TRP A 1 33  ? -9.337  7.622   2.127   1.00 20.44 ? 33  TRP A O   1 
ATOM   213  C  CB  . TRP A 1 33  ? -11.547 6.327   3.874   1.00 24.00 ? 33  TRP A CB  1 
ATOM   214  C  CG  . TRP A 1 33  ? -10.729 6.012   5.084   1.00 27.39 ? 33  TRP A CG  1 
ATOM   215  C  CD1 . TRP A 1 33  ? -10.949 6.416   6.371   1.00 27.54 ? 33  TRP A CD1 1 
ATOM   216  C  CD2 . TRP A 1 33  ? -9.533  5.221   5.115   1.00 26.80 ? 33  TRP A CD2 1 
ATOM   217  N  NE1 . TRP A 1 33  ? -9.975  5.912   7.193   1.00 29.50 ? 33  TRP A NE1 1 
ATOM   218  C  CE2 . TRP A 1 33  ? -9.094  5.173   6.451   1.00 24.80 ? 33  TRP A CE2 1 
ATOM   219  C  CE3 . TRP A 1 33  ? -8.834  4.497   4.155   1.00 25.16 ? 33  TRP A CE3 1 
ATOM   220  C  CZ2 . TRP A 1 33  ? -7.977  4.445   6.844   1.00 26.32 ? 33  TRP A CZ2 1 
ATOM   221  C  CZ3 . TRP A 1 33  ? -7.718  3.796   4.543   1.00 24.49 ? 33  TRP A CZ3 1 
ATOM   222  C  CH2 . TRP A 1 33  ? -7.295  3.773   5.866   1.00 24.95 ? 33  TRP A CH2 1 
ATOM   223  N  N   . GLU A 1 34  ? -9.171  8.703   4.107   1.00 21.45 ? 34  GLU A N   1 
ATOM   224  C  CA  . GLU A 1 34  ? -7.712  8.840   4.061   1.00 19.64 ? 34  GLU A CA  1 
ATOM   225  C  C   . GLU A 1 34  ? -7.156  8.754   5.477   1.00 20.21 ? 34  GLU A C   1 
ATOM   226  O  O   . GLU A 1 34  ? -7.848  9.145   6.413   1.00 19.63 ? 34  GLU A O   1 
ATOM   227  C  CB  . GLU A 1 34  ? -7.259  10.074  3.282   1.00 21.83 ? 34  GLU A CB  1 
ATOM   228  C  CG  . GLU A 1 34  ? -7.836  11.383  3.784   1.00 22.15 ? 34  GLU A CG  1 
ATOM   229  C  CD  . GLU A 1 34  ? -7.161  11.912  5.046   1.00 22.74 ? 34  GLU A CD  1 
ATOM   230  O  OE1 . GLU A 1 34  ? -7.824  12.657  5.800   1.00 27.17 ? 34  GLU A OE1 1 
ATOM   231  O  OE2 . GLU A 1 34  ? -5.971  11.679  5.210   1.00 23.19 ? 34  GLU A OE2 1 
ATOM   232  N  N   . ASP A 1 35  ? -5.965  8.180   5.582   1.00 20.32 ? 35  ASP A N   1 
ATOM   233  C  CA  . ASP A 1 35  ? -5.208  8.069   6.840   1.00 20.20 ? 35  ASP A CA  1 
ATOM   234  C  C   . ASP A 1 35  ? -3.772  8.479   6.585   1.00 19.54 ? 35  ASP A C   1 
ATOM   235  O  O   . ASP A 1 35  ? -3.017  7.719   6.023   1.00 18.41 ? 35  ASP A O   1 
ATOM   236  C  CB  . ASP A 1 35  ? -5.407  6.731   7.513   1.00 21.00 ? 35  ASP A CB  1 
ATOM   237  C  CG  . ASP A 1 35  ? -4.916  6.788   8.944   1.00 22.89 ? 35  ASP A CG  1 
ATOM   238  O  OD1 . ASP A 1 35  ? -3.940  7.497   9.186   1.00 25.18 ? 35  ASP A OD1 1 
ATOM   239  O  OD2 . ASP A 1 35  ? -5.532  6.148   9.780   1.00 24.02 ? 35  ASP A OD2 1 
ATOM   240  N  N   A SER A 1 36  ? -3.419  9.694   7.005   0.30 18.85 ? 36  SER A N   1 
ATOM   241  N  N   B SER A 1 36  ? -3.397  9.676   7.053   0.31 18.60 ? 36  SER A N   1 
ATOM   242  C  CA  A SER A 1 36  ? -2.046  10.233  6.889   0.30 20.46 ? 36  SER A CA  1 
ATOM   243  C  CA  B SER A 1 36  ? -2.042  10.261  6.892   0.31 20.23 ? 36  SER A CA  1 
ATOM   244  C  C   A SER A 1 36  ? -1.076  9.254   7.563   0.30 20.90 ? 36  SER A C   1 
ATOM   245  C  C   B SER A 1 36  ? -1.010  9.425   7.668   0.31 21.09 ? 36  SER A C   1 
ATOM   246  O  O   A SER A 1 36  ? -0.074  8.867   6.922   0.30 22.34 ? 36  SER A O   1 
ATOM   247  O  O   B SER A 1 36  ? 0.157   9.380   7.235   0.31 24.39 ? 36  SER A O   1 
ATOM   248  C  CB  A SER A 1 36  ? -1.960  11.609  7.466   0.30 21.02 ? 36  SER A CB  1 
ATOM   249  C  CB  B SER A 1 36  ? -2.010  11.713  7.303   0.31 20.36 ? 36  SER A CB  1 
ATOM   250  O  OG  A SER A 1 36  ? -0.642  12.097  7.362   0.30 22.71 ? 36  SER A OG  1 
ATOM   251  O  OG  B SER A 1 36  ? -2.409  11.877  8.658   0.31 20.90 ? 36  SER A OG  1 
ATOM   252  N  N   . SER A 1 37  ? -1.429  8.780   8.756   1.00 20.14 ? 37  SER A N   1 
ATOM   253  C  CA  . SER A 1 37  ? -0.564  7.884   9.574   1.00 22.64 ? 37  SER A CA  1 
ATOM   254  C  C   . SER A 1 37  ? -0.307  6.581   8.812   1.00 20.29 ? 37  SER A C   1 
ATOM   255  O  O   . SER A 1 37  ? 0.693   5.972   9.076   1.00 21.28 ? 37  SER A O   1 
ATOM   256  C  CB  . SER A 1 37  ? -1.136  7.640   10.957  1.00 24.15 ? 37  SER A CB  1 
ATOM   257  O  OG  . SER A 1 37  ? -2.075  6.585   10.955  1.00 26.45 ? 37  SER A OG  1 
ATOM   258  N  N   . ARG A 1 38  ? -1.163  6.218   7.860   1.00 18.78 ? 38  ARG A N   1 
ATOM   259  C  CA  . ARG A 1 38  ? -1.054  4.936   7.108   1.00 20.00 ? 38  ARG A CA  1 
ATOM   260  C  C   . ARG A 1 38  ? -0.541  5.137   5.662   1.00 20.17 ? 38  ARG A C   1 
ATOM   261  O  O   . ARG A 1 38  ? -0.294  4.123   4.994   1.00 17.47 ? 38  ARG A O   1 
ATOM   262  C  CB  . ARG A 1 38  ? -2.410  4.245   7.069   1.00 19.52 ? 38  ARG A CB  1 
ATOM   263  C  CG  . ARG A 1 38  ? -2.912  3.785   8.429   1.00 21.28 ? 38  ARG A CG  1 
ATOM   264  C  CD  . ARG A 1 38  ? -4.215  3.062   8.322   1.00 20.73 ? 38  ARG A CD  1 
ATOM   265  N  NE  . ARG A 1 38  ? -4.166  1.798   7.581   1.00 20.55 ? 38  ARG A NE  1 
ATOM   266  C  CZ  . ARG A 1 38  ? -4.952  0.741   7.782   1.00 21.40 ? 38  ARG A CZ  1 
ATOM   267  N  NH1 . ARG A 1 38  ? -5.904  0.740   8.715   1.00 22.20 ? 38  ARG A NH1 1 
ATOM   268  N  NH2 . ARG A 1 38  ? -4.759  -0.361  7.066   1.00 20.44 ? 38  ARG A NH2 1 
ATOM   269  N  N   . ASP A 1 39  ? -0.430  6.384   5.165   1.00 19.54 ? 39  ASP A N   1 
ATOM   270  C  CA  . ASP A 1 39  ? -0.137  6.689   3.739   1.00 17.28 ? 39  ASP A CA  1 
ATOM   271  C  C   . ASP A 1 39  ? -1.186  6.055   2.833   1.00 16.25 ? 39  ASP A C   1 
ATOM   272  O  O   . ASP A 1 39  ? -0.817  5.681   1.737   1.00 18.68 ? 39  ASP A O   1 
ATOM   273  C  CB  . ASP A 1 39  ? 1.273   6.250   3.332   1.00 18.70 ? 39  ASP A CB  1 
ATOM   274  C  CG  . ASP A 1 39  ? 1.671   6.725   1.943   1.00 19.53 ? 39  ASP A CG  1 
ATOM   275  O  OD1 . ASP A 1 39  ? 1.210   7.838   1.559   1.00 16.67 ? 39  ASP A OD1 1 
ATOM   276  O  OD2 . ASP A 1 39  ? 2.391   5.938   1.219   1.00 19.20 ? 39  ASP A OD2 1 
ATOM   277  N  N   . LEU A 1 40  ? -2.449  5.963   3.243   1.00 16.98 ? 40  LEU A N   1 
ATOM   278  C  CA  . LEU A 1 40  ? -3.540  5.459   2.373   1.00 15.84 ? 40  LEU A CA  1 
ATOM   279  C  C   . LEU A 1 40  ? -4.580  6.538   2.085   1.00 19.23 ? 40  LEU A C   1 
ATOM   280  O  O   . LEU A 1 40  ? -4.789  7.375   2.929   1.00 18.27 ? 40  LEU A O   1 
ATOM   281  C  CB  . LEU A 1 40  ? -4.245  4.299   3.034   1.00 16.59 ? 40  LEU A CB  1 
ATOM   282  C  CG  . LEU A 1 40  ? -3.426  3.012   3.169   1.00 16.28 ? 40  LEU A CG  1 
ATOM   283  C  CD1 . LEU A 1 40  ? -4.340  1.936   3.704   1.00 17.03 ? 40  LEU A CD1 1 
ATOM   284  C  CD2 . LEU A 1 40  ? -2.759  2.602   1.863   1.00 17.15 ? 40  LEU A CD2 1 
ATOM   285  N  N   . LEU A 1 41  ? -5.115  6.499   0.880   1.00 15.72 ? 41  LEU A N   1 
ATOM   286  C  CA  . LEU A 1 41  ? -6.315  7.230   0.450   1.00 17.67 ? 41  LEU A CA  1 
ATOM   287  C  C   . LEU A 1 41  ? -7.121  6.286   -0.419  1.00 16.62 ? 41  LEU A C   1 
ATOM   288  O  O   . LEU A 1 41  ? -6.575  5.616   -1.273  1.00 20.34 ? 41  LEU A O   1 
ATOM   289  C  CB  . LEU A 1 41  ? -5.898  8.490   -0.295  1.00 17.06 ? 41  LEU A CB  1 
ATOM   290  C  CG  . LEU A 1 41  ? -7.038  9.432   -0.701  1.00 19.45 ? 41  LEU A CG  1 
ATOM   291  C  CD1 . LEU A 1 41  ? -6.565  10.882  -0.598  1.00 18.17 ? 41  LEU A CD1 1 
ATOM   292  C  CD2 . LEU A 1 41  ? -7.569  9.100   -2.081  1.00 21.13 ? 41  LEU A CD2 1 
ATOM   293  N  N   . VAL A 1 42  ? -8.399  6.289   -0.189  1.00 18.36 ? 42  VAL A N   1 
ATOM   294  C  CA  . VAL A 1 42  ? -9.375  5.576   -1.007  1.00 18.27 ? 42  VAL A CA  1 
ATOM   295  C  C   . VAL A 1 42  ? -10.284 6.632   -1.609  1.00 20.53 ? 42  VAL A C   1 
ATOM   296  O  O   . VAL A 1 42  ? -10.799 7.508   -0.874  1.00 20.05 ? 42  VAL A O   1 
ATOM   297  C  CB  . VAL A 1 42  ? -10.122 4.553   -0.159  1.00 17.72 ? 42  VAL A CB  1 
ATOM   298  C  CG1 . VAL A 1 42  ? -11.213 3.855   -0.943  1.00 19.26 ? 42  VAL A CG1 1 
ATOM   299  C  CG2 . VAL A 1 42  ? -9.155  3.582   0.535   1.00 17.44 ? 42  VAL A CG2 1 
ATOM   300  N  N   . SER A 1 43  ? -10.453 6.525   -2.901  1.00 20.88 ? 43  SER A N   1 
ATOM   301  C  CA  . SER A 1 43  ? -11.371 7.379   -3.685  1.00 21.36 ? 43  SER A CA  1 
ATOM   302  C  C   . SER A 1 43  ? -12.458 6.493   -4.271  1.00 24.26 ? 43  SER A C   1 
ATOM   303  O  O   . SER A 1 43  ? -12.241 5.271   -4.344  1.00 25.63 ? 43  SER A O   1 
ATOM   304  C  CB  . SER A 1 43  ? -10.621 8.179   -4.694  1.00 20.46 ? 43  SER A CB  1 
ATOM   305  O  OG  . SER A 1 43  ? -9.933  7.351   -5.606  1.00 22.24 ? 43  SER A OG  1 
ATOM   306  N  N   . SER A 1 44  ? -13.592 7.098   -4.635  1.00 24.62 ? 44  SER A N   1 
ATOM   307  C  CA  . SER A 1 44  ? -14.717 6.425   -5.304  1.00 28.06 ? 44  SER A CA  1 
ATOM   308  C  C   . SER A 1 44  ? -14.435 6.344   -6.805  1.00 29.38 ? 44  SER A C   1 
ATOM   309  O  O   . SER A 1 44  ? -13.762 7.224   -7.371  1.00 30.15 ? 44  SER A O   1 
ATOM   310  C  CB  . SER A 1 44  ? -16.026 7.110   -4.984  1.00 29.82 ? 44  SER A CB  1 
ATOM   311  O  OG  . SER A 1 44  ? -15.950 8.464   -5.362  1.00 33.32 ? 44  SER A OG  1 
ATOM   312  N  N   . THR A 1 45  ? -14.921 5.273   -7.432  1.00 30.67 ? 45  THR A N   1 
ATOM   313  C  CA  . THR A 1 45  ? -14.778 4.982   -8.884  1.00 31.42 ? 45  THR A CA  1 
ATOM   314  C  C   . THR A 1 45  ? -16.176 4.730   -9.448  1.00 32.92 ? 45  THR A C   1 
ATOM   315  O  O   . THR A 1 45  ? -17.055 4.278   -8.680  1.00 34.45 ? 45  THR A O   1 
ATOM   316  C  CB  . THR A 1 45  ? -13.871 3.767   -9.137  1.00 31.18 ? 45  THR A CB  1 
ATOM   317  O  OG1 . THR A 1 45  ? -14.548 2.602   -8.663  1.00 30.22 ? 45  THR A OG1 1 
ATOM   318  C  CG2 . THR A 1 45  ? -12.529 3.870   -8.451  1.00 29.96 ? 45  THR A CG2 1 
ATOM   319  N  N   . THR A 1 46  ? -16.346 5.016   -10.742 0.50 35.58 ? 46  THR A N   1 
ATOM   320  C  CA  . THR A 1 46  ? -17.621 4.832   -11.478 0.50 38.28 ? 46  THR A CA  1 
ATOM   321  C  C   . THR A 1 46  ? -17.656 3.405   -12.037 0.50 38.43 ? 46  THR A C   1 
ATOM   322  O  O   . THR A 1 46  ? -18.734 2.793   -12.016 0.50 41.51 ? 46  THR A O   1 
ATOM   323  C  CB  . THR A 1 46  ? -17.781 5.937   -12.529 0.50 37.51 ? 46  THR A CB  1 
ATOM   324  O  OG1 . THR A 1 46  ? -16.542 6.091   -13.218 0.50 37.79 ? 46  THR A OG1 1 
ATOM   325  C  CG2 . THR A 1 46  ? -18.164 7.262   -11.912 0.50 38.74 ? 46  THR A CG2 1 
ATOM   326  N  N   . ALA A 1 47  ? -16.506 2.896   -12.484 0.50 39.68 ? 47  ALA A N   1 
ATOM   327  C  CA  . ALA A 1 47  ? -16.316 1.500   -12.945 0.50 40.44 ? 47  ALA A CA  1 
ATOM   328  C  C   . ALA A 1 47  ? -16.114 0.603   -11.719 0.50 40.81 ? 47  ALA A C   1 
ATOM   329  O  O   . ALA A 1 47  ? -15.533 1.088   -10.736 0.50 38.83 ? 47  ALA A O   1 
ATOM   330  C  CB  . ALA A 1 47  ? -15.146 1.432   -13.898 0.50 40.14 ? 47  ALA A CB  1 
ATOM   331  N  N   . GLN A 1 48  ? -16.591 -0.646  -11.767 0.50 41.98 ? 48  GLN A N   1 
ATOM   332  C  CA  . GLN A 1 48  ? -16.470 -1.615  -10.641 0.50 43.14 ? 48  GLN A CA  1 
ATOM   333  C  C   . GLN A 1 48  ? -15.173 -2.423  -10.788 0.50 42.10 ? 48  GLN A C   1 
ATOM   334  O  O   . GLN A 1 48  ? -15.073 -3.209  -11.743 0.50 43.40 ? 48  GLN A O   1 
ATOM   335  C  CB  . GLN A 1 48  ? -17.701 -2.521  -10.566 0.50 44.07 ? 48  GLN A CB  1 
ATOM   336  C  CG  . GLN A 1 48  ? -18.646 -2.154  -9.428  0.50 44.43 ? 48  GLN A CG  1 
ATOM   337  C  CD  . GLN A 1 48  ? -20.091 -2.453  -9.747  0.50 46.28 ? 48  GLN A CD  1 
ATOM   338  O  OE1 . GLN A 1 48  ? -20.983 -1.636  -9.517  0.50 45.48 ? 48  GLN A OE1 1 
ATOM   339  N  NE2 . GLN A 1 48  ? -20.333 -3.633  -10.297 0.50 45.41 ? 48  GLN A NE2 1 
ATOM   340  N  N   . GLY A 1 49  ? -14.230 -2.232  -9.857  0.50 41.76 ? 49  GLY A N   1 
ATOM   341  C  CA  . GLY A 1 49  ? -12.927 -2.928  -9.818  0.50 41.37 ? 49  GLY A CA  1 
ATOM   342  C  C   . GLY A 1 49  ? -13.071 -4.406  -9.488  0.50 40.26 ? 49  GLY A C   1 
ATOM   343  O  O   . GLY A 1 49  ? -14.068 -4.771  -8.823  0.50 40.49 ? 49  GLY A O   1 
ATOM   344  N  N   . CYS A 1 50  ? -12.098 -5.223  -9.911  0.50 39.57 ? 50  CYS A N   1 
ATOM   345  C  CA  . CYS A 1 50  ? -12.141 -6.710  -9.827  0.50 40.69 ? 50  CYS A CA  1 
ATOM   346  C  C   . CYS A 1 50  ? -10.940 -7.266  -9.043  0.50 34.84 ? 50  CYS A C   1 
ATOM   347  O  O   . CYS A 1 50  ? -10.641 -8.466  -9.202  0.50 32.46 ? 50  CYS A O   1 
ATOM   348  C  CB  . CYS A 1 50  ? -12.184 -7.314  -11.224 0.50 43.68 ? 50  CYS A CB  1 
ATOM   349  S  SG  . CYS A 1 50  ? -13.517 -6.607  -12.243 0.50 51.87 ? 50  CYS A SG  1 
ATOM   350  N  N   . ASP A 1 51  ? -10.289 -6.446  -8.208  0.50 30.70 ? 51  ASP A N   1 
ATOM   351  C  CA  . ASP A 1 51  ? -9.208  -6.926  -7.305  0.50 27.86 ? 51  ASP A CA  1 
ATOM   352  C  C   . ASP A 1 51  ? -9.854  -7.528  -6.050  0.50 27.85 ? 51  ASP A C   1 
ATOM   353  O  O   . ASP A 1 51  ? -10.920 -7.039  -5.609  0.50 26.19 ? 51  ASP A O   1 
ATOM   354  C  CB  . ASP A 1 51  ? -8.182  -5.840  -6.961  0.50 27.79 ? 51  ASP A CB  1 
ATOM   355  C  CG  . ASP A 1 51  ? -7.450  -5.286  -8.174  0.50 28.83 ? 51  ASP A CG  1 
ATOM   356  O  OD1 . ASP A 1 51  ? -7.566  -5.907  -9.243  0.50 28.95 ? 51  ASP A OD1 1 
ATOM   357  O  OD2 . ASP A 1 51  ? -6.765  -4.234  -8.040  0.50 28.26 ? 51  ASP A OD2 1 
ATOM   358  N  N   . THR A 1 52  ? -9.222  -8.574  -5.516  1.00 26.58 ? 52  THR A N   1 
ATOM   359  C  CA  . THR A 1 52  ? -9.629  -9.256  -4.265  1.00 27.04 ? 52  THR A CA  1 
ATOM   360  C  C   . THR A 1 52  ? -8.652  -8.853  -3.156  1.00 25.42 ? 52  THR A C   1 
ATOM   361  O  O   . THR A 1 52  ? -7.428  -8.999  -3.360  1.00 24.10 ? 52  THR A O   1 
ATOM   362  C  CB  . THR A 1 52  ? -9.688  -10.773 -4.477  1.00 28.54 ? 52  THR A CB  1 
ATOM   363  O  OG1 . THR A 1 52  ? -10.656 -11.002 -5.501  1.00 29.24 ? 52  THR A OG1 1 
ATOM   364  C  CG2 . THR A 1 52  ? -10.049 -11.539 -3.224  1.00 29.49 ? 52  THR A CG2 1 
ATOM   365  N  N   . ILE A 1 53  ? -9.174  -8.340  -2.042  1.00 24.32 ? 53  ILE A N   1 
ATOM   366  C  CA  . ILE A 1 53  ? -8.348  -7.969  -0.874  1.00 21.45 ? 53  ILE A CA  1 
ATOM   367  C  C   . ILE A 1 53  ? -8.171  -9.260  -0.085  1.00 22.48 ? 53  ILE A C   1 
ATOM   368  O  O   . ILE A 1 53  ? -9.195  -9.923  0.196   1.00 20.34 ? 53  ILE A O   1 
ATOM   369  C  CB  . ILE A 1 53  ? -8.972  -6.843  -0.057  1.00 21.79 ? 53  ILE A CB  1 
ATOM   370  C  CG1 . ILE A 1 53  ? -9.367  -5.638  -0.926  1.00 22.62 ? 53  ILE A CG1 1 
ATOM   371  C  CG2 . ILE A 1 53  ? -8.025  -6.438  1.061   1.00 19.35 ? 53  ILE A CG2 1 
ATOM   372  C  CD1 . ILE A 1 53  ? -8.168  -5.014  -1.620  1.00 22.89 ? 53  ILE A CD1 1 
ATOM   373  N  N   . ALA A 1 54  ? -6.947  -9.554  0.319   1.00 18.22 ? 54  ALA A N   1 
ATOM   374  C  CA  . ALA A 1 54  ? -6.600  -10.699 1.190   1.00 21.90 ? 54  ALA A CA  1 
ATOM   375  C  C   . ALA A 1 54  ? -7.247  -10.477 2.566   1.00 19.94 ? 54  ALA A C   1 
ATOM   376  O  O   . ALA A 1 54  ? -7.174  -9.371  3.115   1.00 17.30 ? 54  ALA A O   1 
ATOM   377  C  CB  . ALA A 1 54  ? -5.090  -10.847 1.289   1.00 19.42 ? 54  ALA A CB  1 
ATOM   378  N  N   . ARG A 1 55  ? -7.905  -11.507 3.119   1.00 21.12 ? 55  ARG A N   1 
ATOM   379  C  CA  . ARG A 1 55  ? -8.379  -11.465 4.511   1.00 19.32 ? 55  ARG A CA  1 
ATOM   380  C  C   . ARG A 1 55  ? -7.657  -12.580 5.250   1.00 17.85 ? 55  ARG A C   1 
ATOM   381  O  O   . ARG A 1 55  ? -8.072  -13.737 5.081   1.00 20.96 ? 55  ARG A O   1 
ATOM   382  C  CB  . ARG A 1 55  ? -9.896  -11.559 4.459   1.00 22.47 ? 55  ARG A CB  1 
ATOM   383  C  CG  . ARG A 1 55  ? -10.546 -10.498 3.582   1.00 24.78 ? 55  ARG A CG  1 
ATOM   384  C  CD  . ARG A 1 55  ? -10.321 -9.079  4.097   1.00 25.17 ? 55  ARG A CD  1 
ATOM   385  N  NE  . ARG A 1 55  ? -11.051 -8.123  3.275   1.00 23.74 ? 55  ARG A NE  1 
ATOM   386  C  CZ  . ARG A 1 55  ? -10.836 -6.801  3.278   1.00 22.85 ? 55  ARG A CZ  1 
ATOM   387  N  NH1 . ARG A 1 55  ? -9.920  -6.267  4.063   1.00 22.80 ? 55  ARG A NH1 1 
ATOM   388  N  NH2 . ARG A 1 55  ? -11.519 -6.022  2.459   1.00 23.37 ? 55  ARG A NH2 1 
ATOM   389  N  N   . CYS A 1 56  ? -6.550  -12.260 5.896   1.00 20.71 ? 56  CYS A N   1 
ATOM   390  C  CA  . CYS A 1 56  ? -5.580  -13.269 6.380   1.00 19.47 ? 56  CYS A CA  1 
ATOM   391  C  C   . CYS A 1 56  ? -4.517  -12.640 7.218   1.00 19.63 ? 56  CYS A C   1 
ATOM   392  O  O   . CYS A 1 56  ? -4.522  -11.396 7.355   1.00 19.79 ? 56  CYS A O   1 
ATOM   393  C  CB  . CYS A 1 56  ? -4.942  -13.983 5.212   1.00 21.67 ? 56  CYS A CB  1 
ATOM   394  S  SG  . CYS A 1 56  ? -3.789  -12.903 4.290   1.00 20.67 ? 56  CYS A SG  1 
ATOM   395  N  N   . ASP A 1 57  ? -3.616  -13.491 7.745   1.00 21.33 ? 57  ASP A N   1 
ATOM   396  C  CA  . ASP A 1 57  ? -2.422  -13.024 8.474   1.00 24.83 ? 57  ASP A CA  1 
ATOM   397  C  C   . ASP A 1 57  ? -1.177  -13.650 7.853   1.00 23.60 ? 57  ASP A C   1 
ATOM   398  O  O   . ASP A 1 57  ? -0.202  -13.799 8.563   1.00 25.36 ? 57  ASP A O   1 
ATOM   399  C  CB  . ASP A 1 57  ? -2.470  -13.314 9.971   1.00 31.22 ? 57  ASP A CB  1 
ATOM   400  C  CG  . ASP A 1 57  ? -2.492  -14.777 10.305  1.00 32.34 ? 57  ASP A CG  1 
ATOM   401  O  OD1 . ASP A 1 57  ? -2.583  -15.602 9.376   1.00 35.51 ? 57  ASP A OD1 1 
ATOM   402  O  OD2 . ASP A 1 57  ? -2.418  -15.069 11.511  1.00 49.01 ? 57  ASP A OD2 1 
ATOM   403  N  N   . CYS A 1 58  ? -1.191  -13.854 6.542   1.00 22.19 ? 58  CYS A N   1 
ATOM   404  C  CA  . CYS A 1 58  ? 0.024   -14.180 5.749   1.00 22.16 ? 58  CYS A CA  1 
ATOM   405  C  C   . CYS A 1 58  ? 1.175   -13.247 6.111   1.00 20.27 ? 58  CYS A C   1 
ATOM   406  O  O   . CYS A 1 58  ? 0.960   -12.066 6.393   1.00 20.20 ? 58  CYS A O   1 
ATOM   407  C  CB  . CYS A 1 58  ? -0.251  -14.107 4.270   1.00 21.96 ? 58  CYS A CB  1 
ATOM   408  S  SG  . CYS A 1 58  ? -1.214  -15.512 3.686   1.00 21.94 ? 58  CYS A SG  1 
ATOM   409  N  N   . GLN A 1 59  ? 2.365   -13.818 6.200   1.00 18.11 ? 59  GLN A N   1 
ATOM   410  C  CA  . GLN A 1 59  ? 3.589   -13.044 6.391   1.00 19.16 ? 59  GLN A CA  1 
ATOM   411  C  C   . GLN A 1 59  ? 4.530   -13.381 5.244   1.00 15.05 ? 59  GLN A C   1 
ATOM   412  O  O   . GLN A 1 59  ? 5.671   -13.034 5.327   1.00 17.29 ? 59  GLN A O   1 
ATOM   413  C  CB  . GLN A 1 59  ? 4.219   -13.296 7.755   1.00 22.42 ? 59  GLN A CB  1 
ATOM   414  C  CG  . GLN A 1 59  ? 3.584   -12.494 8.868   1.00 24.51 ? 59  GLN A CG  1 
ATOM   415  C  CD  . GLN A 1 59  ? 4.505   -12.541 10.068  1.00 27.82 ? 59  GLN A CD  1 
ATOM   416  O  OE1 . GLN A 1 59  ? 5.621   -11.972 10.100  1.00 26.57 ? 59  GLN A OE1 1 
ATOM   417  N  NE2 . GLN A 1 59  ? 4.087   -13.322 11.035  1.00 24.53 ? 59  GLN A NE2 1 
ATOM   418  N  N   . THR A 1 60  ? 3.991   -13.935 4.179   1.00 15.02 ? 60  THR A N   1 
ATOM   419  C  CA  . THR A 1 60  ? 4.732   -14.191 2.924   1.00 16.18 ? 60  THR A CA  1 
ATOM   420  C  C   . THR A 1 60  ? 3.829   -13.787 1.764   1.00 16.18 ? 60  THR A C   1 
ATOM   421  O  O   . THR A 1 60  ? 2.596   -13.898 1.855   1.00 16.08 ? 60  THR A O   1 
ATOM   422  C  CB  . THR A 1 60  ? 5.260   -15.627 2.818   1.00 18.70 ? 60  THR A CB  1 
ATOM   423  O  OG1 . THR A 1 60  ? 4.135   -16.494 2.674   1.00 23.77 ? 60  THR A OG1 1 
ATOM   424  C  CG2 . THR A 1 60  ? 6.096   -16.013 4.018   1.00 18.53 ? 60  THR A CG2 1 
ATOM   425  N  N   . GLY A 1 61  ? 4.468   -13.322 0.693   1.00 15.12 ? 61  GLY A N   1 
ATOM   426  C  CA  . GLY A 1 61  ? 3.760   -12.867 -0.493  1.00 13.18 ? 61  GLY A CA  1 
ATOM   427  C  C   . GLY A 1 61  ? 4.786   -12.449 -1.533  1.00 12.19 ? 61  GLY A C   1 
ATOM   428  O  O   . GLY A 1 61  ? 5.919   -12.770 -1.367  1.00 14.46 ? 61  GLY A O   1 
ATOM   429  N  N   . VAL A 1 62  ? 4.280   -11.814 -2.569  1.00 13.00 ? 62  VAL A N   1 
ATOM   430  C  CA  . VAL A 1 62  ? 5.048   -11.358 -3.751  1.00 13.00 ? 62  VAL A CA  1 
ATOM   431  C  C   . VAL A 1 62  ? 4.675   -9.903  -3.977  1.00 12.76 ? 62  VAL A C   1 
ATOM   432  O  O   . VAL A 1 62  ? 3.519   -9.565  -4.007  1.00 12.74 ? 62  VAL A O   1 
ATOM   433  C  CB  . VAL A 1 62  ? 4.718   -12.245 -4.955  1.00 14.52 ? 62  VAL A CB  1 
ATOM   434  C  CG1 . VAL A 1 62  ? 5.329   -11.711 -6.237  1.00 14.91 ? 62  VAL A CG1 1 
ATOM   435  C  CG2 . VAL A 1 62  ? 5.139   -13.680 -4.665  1.00 15.05 ? 62  VAL A CG2 1 
ATOM   436  N  N   . TYR A 1 63  ? 5.666   -9.061  -4.213  1.00 12.72 ? 63  TYR A N   1 
ATOM   437  C  CA  . TYR A 1 63  ? 5.353   -7.644  -4.501  1.00 11.78 ? 63  TYR A CA  1 
ATOM   438  C  C   . TYR A 1 63  ? 5.993   -7.286  -5.838  1.00 12.20 ? 63  TYR A C   1 
ATOM   439  O  O   . TYR A 1 63  ? 7.020   -7.835  -6.224  1.00 14.33 ? 63  TYR A O   1 
ATOM   440  C  CB  . TYR A 1 63  ? 5.834   -6.692  -3.410  1.00 12.37 ? 63  TYR A CB  1 
ATOM   441  C  CG  . TYR A 1 63  ? 7.302   -6.316  -3.413  1.00 14.14 ? 63  TYR A CG  1 
ATOM   442  C  CD1 . TYR A 1 63  ? 8.262   -7.156  -2.854  1.00 14.31 ? 63  TYR A CD1 1 
ATOM   443  C  CD2 . TYR A 1 63  ? 7.716   -5.101  -3.915  1.00 13.33 ? 63  TYR A CD2 1 
ATOM   444  C  CE1 . TYR A 1 63  ? 9.598   -6.784  -2.807  1.00 15.30 ? 63  TYR A CE1 1 
ATOM   445  C  CE2 . TYR A 1 63  ? 9.040   -4.719  -3.864  1.00 14.27 ? 63  TYR A CE2 1 
ATOM   446  C  CZ  . TYR A 1 63  ? 9.993   -5.589  -3.360  1.00 15.26 ? 63  TYR A CZ  1 
ATOM   447  O  OH  . TYR A 1 63  ? 11.311  -5.192  -3.243  1.00 16.60 ? 63  TYR A OH  1 
ATOM   448  N  N   . TYR A 1 64  ? 5.347   -6.347  -6.506  1.00 12.71 ? 64  TYR A N   1 
ATOM   449  C  CA  . TYR A 1 64  ? 5.884   -5.837  -7.775  1.00 13.53 ? 64  TYR A CA  1 
ATOM   450  C  C   . TYR A 1 64  ? 6.803   -4.678  -7.452  1.00 14.56 ? 64  TYR A C   1 
ATOM   451  O  O   . TYR A 1 64  ? 6.375   -3.742  -6.777  1.00 12.79 ? 64  TYR A O   1 
ATOM   452  C  CB  . TYR A 1 64  ? 4.785   -5.379  -8.721  1.00 14.16 ? 64  TYR A CB  1 
ATOM   453  C  CG  . TYR A 1 64  ? 5.357   -4.874  -10.002 1.00 15.79 ? 64  TYR A CG  1 
ATOM   454  C  CD1 . TYR A 1 64  ? 6.055   -5.743  -10.822 1.00 17.64 ? 64  TYR A CD1 1 
ATOM   455  C  CD2 . TYR A 1 64  ? 5.200   -3.560  -10.388 1.00 16.04 ? 64  TYR A CD2 1 
ATOM   456  C  CE1 . TYR A 1 64  ? 6.641   -5.288  -11.991 1.00 18.32 ? 64  TYR A CE1 1 
ATOM   457  C  CE2 . TYR A 1 64  ? 5.758   -3.099  -11.568 1.00 17.77 ? 64  TYR A CE2 1 
ATOM   458  C  CZ  . TYR A 1 64  ? 6.484   -3.965  -12.355 1.00 20.47 ? 64  TYR A CZ  1 
ATOM   459  O  OH  . TYR A 1 64  ? 7.065   -3.497  -13.500 1.00 23.29 ? 64  TYR A OH  1 
ATOM   460  N  N   . CYS A 1 65  ? 7.994   -4.669  -8.056  1.00 15.47 ? 65  CYS A N   1 
ATOM   461  C  CA  . CYS A 1 65  ? 9.005   -3.615  -7.845  1.00 16.83 ? 65  CYS A CA  1 
ATOM   462  C  C   . CYS A 1 65  ? 9.266   -2.957  -9.221  1.00 19.93 ? 65  CYS A C   1 
ATOM   463  O  O   . CYS A 1 65  ? 9.948   -3.658  -10.047 1.00 19.58 ? 65  CYS A O   1 
ATOM   464  C  CB  . CYS A 1 65  ? 10.288  -4.225  -7.283  1.00 18.50 ? 65  CYS A CB  1 
ATOM   465  S  SG  . CYS A 1 65  ? 11.633  -3.009  -7.145  1.00 19.06 ? 65  CYS A SG  1 
ATOM   466  N  N   . SER A 1 66  ? 8.656   -1.777  -9.475  1.00 18.00 ? 66  SER A N   1 
ATOM   467  C  CA  . SER A 1 66  ? 8.684   -1.126  -10.798 1.00 20.55 ? 66  SER A CA  1 
ATOM   468  C  C   . SER A 1 66  ? 10.137  -0.814  -11.132 1.00 18.63 ? 66  SER A C   1 
ATOM   469  O  O   . SER A 1 66  ? 10.477  -0.972  -12.306 1.00 21.42 ? 66  SER A O   1 
ATOM   470  C  CB  . SER A 1 66  ? 7.807   0.089   -10.982 1.00 22.91 ? 66  SER A CB  1 
ATOM   471  O  OG  . SER A 1 66  ? 8.023   1.072   -9.987  1.00 31.74 ? 66  SER A OG  1 
ATOM   472  N  N   . SER A 1 67  ? 10.962  -0.474  -10.139 1.00 19.65 ? 67  SER A N   1 
ATOM   473  C  CA  . SER A 1 67  ? 12.370  -0.042  -10.342 1.00 19.91 ? 67  SER A CA  1 
ATOM   474  C  C   . SER A 1 67  ? 13.258  -1.223  -10.761 1.00 23.19 ? 67  SER A C   1 
ATOM   475  O  O   . SER A 1 67  ? 14.451  -0.957  -11.125 1.00 24.22 ? 67  SER A O   1 
ATOM   476  C  CB  . SER A 1 67  ? 12.917  0.680   -9.144  1.00 19.78 ? 67  SER A CB  1 
ATOM   477  O  OG  . SER A 1 67  ? 13.108  -0.185  -8.046  1.00 19.62 ? 67  SER A OG  1 
ATOM   478  N  N   . ARG A 1 68  ? 12.734  -2.445  -10.795 1.00 19.31 ? 68  ARG A N   1 
ATOM   479  C  CA  . ARG A 1 68  ? 13.426  -3.651  -11.285 1.00 20.79 ? 68  ARG A CA  1 
ATOM   480  C  C   . ARG A 1 68  ? 12.586  -4.378  -12.325 1.00 20.56 ? 68  ARG A C   1 
ATOM   481  O  O   . ARG A 1 68  ? 13.026  -5.421  -12.831 1.00 22.09 ? 68  ARG A O   1 
ATOM   482  C  CB  . ARG A 1 68  ? 13.760  -4.541  -10.095 1.00 20.83 ? 68  ARG A CB  1 
ATOM   483  C  CG  . ARG A 1 68  ? 14.657  -3.895  -9.056  1.00 23.40 ? 68  ARG A CG  1 
ATOM   484  C  CD  . ARG A 1 68  ? 16.103  -4.096  -9.504  1.00 22.75 ? 68  ARG A CD  1 
ATOM   485  N  NE  . ARG A 1 68  ? 17.050  -3.508  -8.555  1.00 24.50 ? 68  ARG A NE  1 
ATOM   486  C  CZ  . ARG A 1 68  ? 17.355  -2.217  -8.510  1.00 22.46 ? 68  ARG A CZ  1 
ATOM   487  N  NH1 . ARG A 1 68  ? 16.806  -1.380  -9.358  1.00 24.81 ? 68  ARG A NH1 1 
ATOM   488  N  NH2 . ARG A 1 68  ? 18.179  -1.758  -7.589  1.00 26.72 ? 68  ARG A NH2 1 
ATOM   489  N  N   . ARG A 1 69  ? 11.423  -3.844  -12.661 1.00 20.10 ? 69  ARG A N   1 
ATOM   490  C  CA  . ARG A 1 69  ? 10.386  -4.529  -13.445 1.00 22.99 ? 69  ARG A CA  1 
ATOM   491  C  C   . ARG A 1 69  ? 10.359  -6.013  -13.086 1.00 24.10 ? 69  ARG A C   1 
ATOM   492  O  O   . ARG A 1 69  ? 10.384  -6.839  -13.983 1.00 22.29 ? 69  ARG A O   1 
ATOM   493  C  CB  . ARG A 1 69  ? 10.664  -4.357  -14.946 1.00 25.72 ? 69  ARG A CB  1 
ATOM   494  C  CG  . ARG A 1 69  ? 10.364  -2.958  -15.444 1.00 28.32 ? 69  ARG A CG  1 
ATOM   495  C  CD  . ARG A 1 69  ? 10.921  -2.868  -16.856 1.00 32.74 ? 69  ARG A CD  1 
ATOM   496  N  NE  . ARG A 1 69  ? 10.950  -1.514  -17.407 1.00 34.66 ? 69  ARG A NE  1 
ATOM   497  C  CZ  . ARG A 1 69  ? 11.953  -1.005  -18.130 1.00 36.24 ? 69  ARG A CZ  1 
ATOM   498  N  NH1 . ARG A 1 69  ? 13.064  -1.706  -18.325 1.00 36.24 ? 69  ARG A NH1 1 
ATOM   499  N  NH2 . ARG A 1 69  ? 11.877  0.252   -18.558 1.00 35.17 ? 69  ARG A NH2 1 
ATOM   500  N  N   . LYS A 1 70  ? 10.285  -6.324  -11.788 0.50 22.55 ? 70  LYS A N   1 
ATOM   501  C  CA  . LYS A 1 70  ? 10.296  -7.721  -11.281 0.50 21.55 ? 70  LYS A CA  1 
ATOM   502  C  C   . LYS A 1 70  ? 9.435   -7.834  -10.014 0.50 20.33 ? 70  LYS A C   1 
ATOM   503  O  O   . LYS A 1 70  ? 9.343   -6.812  -9.251  0.50 17.53 ? 70  LYS A O   1 
ATOM   504  C  CB  . LYS A 1 70  ? 11.703  -8.163  -10.889 0.50 22.57 ? 70  LYS A CB  1 
ATOM   505  C  CG  . LYS A 1 70  ? 12.585  -8.581  -12.052 0.50 23.37 ? 70  LYS A CG  1 
ATOM   506  C  CD  . LYS A 1 70  ? 14.005  -8.823  -11.629 0.50 24.72 ? 70  LYS A CD  1 
ATOM   507  C  CE  . LYS A 1 70  ? 14.883  -7.593  -11.757 0.50 26.53 ? 70  LYS A CE  1 
ATOM   508  N  NZ  . LYS A 1 70  ? 15.093  -7.184  -13.168 0.50 27.47 ? 70  LYS A NZ  1 
ATOM   509  N  N   . HIS A 1 71  ? 8.789   -9.017  -9.892  1.00 20.35 ? 71  HIS A N   1 
ATOM   510  C  CA  . HIS A 1 71  ? 8.052   -9.409  -8.663  1.00 18.11 ? 71  HIS A CA  1 
ATOM   511  C  C   . HIS A 1 71  ? 9.067   -10.121 -7.782  1.00 18.75 ? 71  HIS A C   1 
ATOM   512  O  O   . HIS A 1 71  ? 9.889   -10.925 -8.285  1.00 19.06 ? 71  HIS A O   1 
ATOM   513  C  CB  . HIS A 1 71  ? 6.856   -10.281 -9.007  1.00 18.29 ? 71  HIS A CB  1 
ATOM   514  C  CG  . HIS A 1 71  ? 5.871   -9.636  -9.918  1.00 19.20 ? 71  HIS A CG  1 
ATOM   515  N  ND1 . HIS A 1 71  ? 4.692   -9.010  -9.439  1.00 19.67 ? 71  HIS A ND1 1 
ATOM   516  C  CD2 . HIS A 1 71  ? 5.877   -9.463  -11.243 1.00 18.02 ? 71  HIS A CD2 1 
ATOM   517  C  CE1 . HIS A 1 71  ? 4.050   -8.529  -10.472 1.00 16.23 ? 71  HIS A CE1 1 
ATOM   518  N  NE2 . HIS A 1 71  ? 4.731   -8.798  -11.573 1.00 23.52 ? 71  HIS A NE2 1 
ATOM   519  N  N   . TYR A 1 72  ? 9.029   -9.870  -6.490  1.00 16.00 ? 72  TYR A N   1 
ATOM   520  C  CA  . TYR A 1 72  ? 9.938   -10.486 -5.519  1.00 15.87 ? 72  TYR A CA  1 
ATOM   521  C  C   . TYR A 1 72  ? 9.068   -11.177 -4.479  1.00 17.29 ? 72  TYR A C   1 
ATOM   522  O  O   . TYR A 1 72  ? 8.201   -10.554 -3.920  1.00 15.03 ? 72  TYR A O   1 
ATOM   523  C  CB  . TYR A 1 72  ? 10.831  -9.464  -4.846  1.00 16.97 ? 72  TYR A CB  1 
ATOM   524  C  CG  . TYR A 1 72  ? 11.896  -8.849  -5.729  1.00 17.96 ? 72  TYR A CG  1 
ATOM   525  C  CD1 . TYR A 1 72  ? 13.029  -9.575  -6.117  1.00 20.41 ? 72  TYR A CD1 1 
ATOM   526  C  CD2 . TYR A 1 72  ? 11.793  -7.538  -6.161  1.00 19.47 ? 72  TYR A CD2 1 
ATOM   527  C  CE1 . TYR A 1 72  ? 14.051  -8.979  -6.872  1.00 20.69 ? 72  TYR A CE1 1 
ATOM   528  C  CE2 . TYR A 1 72  ? 12.795  -6.933  -6.931  1.00 19.42 ? 72  TYR A CE2 1 
ATOM   529  C  CZ  . TYR A 1 72  ? 13.918  -7.666  -7.293  1.00 22.57 ? 72  TYR A CZ  1 
ATOM   530  O  OH  . TYR A 1 72  ? 14.844  -7.027  -8.067  1.00 23.05 ? 72  TYR A OH  1 
ATOM   531  N  N   . PRO A 1 73  ? 9.325   -12.458 -4.200  1.00 17.64 ? 73  PRO A N   1 
ATOM   532  C  CA  . PRO A 1 73  ? 8.769   -13.106 -3.011  1.00 17.50 ? 73  PRO A CA  1 
ATOM   533  C  C   . PRO A 1 73  ? 9.465   -12.566 -1.756  1.00 17.64 ? 73  PRO A C   1 
ATOM   534  O  O   . PRO A 1 73  ? 10.734  -12.514 -1.670  1.00 18.19 ? 73  PRO A O   1 
ATOM   535  C  CB  . PRO A 1 73  ? 9.127   -14.587 -3.236  1.00 18.03 ? 73  PRO A CB  1 
ATOM   536  C  CG  . PRO A 1 73  ? 10.415  -14.497 -3.984  1.00 19.14 ? 73  PRO A CG  1 
ATOM   537  C  CD  . PRO A 1 73  ? 10.269  -13.321 -4.920  1.00 19.48 ? 73  PRO A CD  1 
ATOM   538  N  N   . VAL A 1 74  ? 8.673   -12.238 -0.749  1.00 15.47 ? 74  VAL A N   1 
ATOM   539  C  CA  . VAL A 1 74  ? 9.207   -11.685 0.512   1.00 14.77 ? 74  VAL A CA  1 
ATOM   540  C  C   . VAL A 1 74  ? 8.488   -12.263 1.722   1.00 14.15 ? 74  VAL A C   1 
ATOM   541  O  O   . VAL A 1 74  ? 7.290   -12.585 1.638   1.00 16.05 ? 74  VAL A O   1 
ATOM   542  C  CB  . VAL A 1 74  ? 9.096   -10.154 0.510   1.00 15.21 ? 74  VAL A CB  1 
ATOM   543  C  CG1 . VAL A 1 74  ? 10.067  -9.509  -0.425  1.00 16.22 ? 74  VAL A CG1 1 
ATOM   544  C  CG2 . VAL A 1 74  ? 7.679   -9.685  0.232   1.00 15.26 ? 74  VAL A CG2 1 
ATOM   545  N  N   . SER A 1 75  ? 9.215   -12.318 2.826   1.00 14.25 ? 75  SER A N   1 
ATOM   546  C  CA  . SER A 1 75  ? 8.651   -12.426 4.184   1.00 15.82 ? 75  SER A CA  1 
ATOM   547  C  C   . SER A 1 75  ? 8.436   -11.003 4.681   1.00 14.30 ? 75  SER A C   1 
ATOM   548  O  O   . SER A 1 75  ? 9.330   -10.220 4.518   1.00 14.75 ? 75  SER A O   1 
ATOM   549  C  CB  . SER A 1 75  ? 9.533   -13.156 5.147   1.00 18.17 ? 75  SER A CB  1 
ATOM   550  O  OG  . SER A 1 75  ? 9.730   -14.445 4.671   1.00 22.46 ? 75  SER A OG  1 
ATOM   551  N  N   . PHE A 1 76  ? 7.314   -10.720 5.330   1.00 14.65 ? 76  PHE A N   1 
ATOM   552  C  CA  . PHE A 1 76  ? 7.090   -9.365  5.867   1.00 13.75 ? 76  PHE A CA  1 
ATOM   553  C  C   . PHE A 1 76  ? 6.541   -9.433  7.278   1.00 15.20 ? 76  PHE A C   1 
ATOM   554  O  O   . PHE A 1 76  ? 5.858   -10.398 7.607   1.00 16.53 ? 76  PHE A O   1 
ATOM   555  C  CB  . PHE A 1 76  ? 6.205   -8.548  4.935   1.00 12.76 ? 76  PHE A CB  1 
ATOM   556  C  CG  . PHE A 1 76  ? 4.906   -9.202  4.514   1.00 13.60 ? 76  PHE A CG  1 
ATOM   557  C  CD1 . PHE A 1 76  ? 4.827   -9.984  3.383   1.00 13.40 ? 76  PHE A CD1 1 
ATOM   558  C  CD2 . PHE A 1 76  ? 3.760   -9.081  5.307   1.00 12.65 ? 76  PHE A CD2 1 
ATOM   559  C  CE1 . PHE A 1 76  ? 3.646   -10.598 3.005   1.00 13.84 ? 76  PHE A CE1 1 
ATOM   560  C  CE2 . PHE A 1 76  ? 2.571   -9.636  4.900   1.00 13.21 ? 76  PHE A CE2 1 
ATOM   561  C  CZ  . PHE A 1 76  ? 2.496   -10.422 3.761   1.00 13.75 ? 76  PHE A CZ  1 
ATOM   562  N  N   . SER A 1 77  ? 6.848   -8.400  8.043   1.00 16.47 ? 77  SER A N   1 
ATOM   563  C  CA  . SER A 1 77  ? 6.405   -8.256  9.442   1.00 17.63 ? 77  SER A CA  1 
ATOM   564  C  C   . SER A 1 77  ? 4.907   -7.973  9.468   1.00 18.58 ? 77  SER A C   1 
ATOM   565  O  O   . SER A 1 77  ? 4.334   -7.547  8.455   1.00 17.04 ? 77  SER A O   1 
ATOM   566  C  CB  . SER A 1 77  ? 7.241   -7.214  10.100  1.00 19.33 ? 77  SER A CB  1 
ATOM   567  O  OG  . SER A 1 77  ? 7.085   -5.958  9.465   1.00 17.85 ? 77  SER A OG  1 
ATOM   568  N  N   . LYS A 1 78  ? 4.234   -8.316  10.577  1.00 17.55 ? 78  LYS A N   1 
ATOM   569  C  CA  . LYS A 1 78  ? 2.810   -7.995  10.739  1.00 19.26 ? 78  LYS A CA  1 
ATOM   570  C  C   . LYS A 1 78  ? 2.659   -6.476  10.767  1.00 16.05 ? 78  LYS A C   1 
ATOM   571  O  O   . LYS A 1 78  ? 3.552   -5.755  11.206  1.00 17.72 ? 78  LYS A O   1 
ATOM   572  C  CB  . LYS A 1 78  ? 2.305   -8.704  11.999  1.00 22.55 ? 78  LYS A CB  1 
ATOM   573  C  CG  . LYS A 1 78  ? 2.098   -10.203 11.811  1.00 25.23 ? 78  LYS A CG  1 
ATOM   574  C  CD  . LYS A 1 78  ? 1.652   -10.957 13.085  1.00 28.17 ? 78  LYS A CD  1 
ATOM   575  C  CE  . LYS A 1 78  ? 0.805   -12.151 12.715  1.00 32.31 ? 78  LYS A CE  1 
ATOM   576  N  NZ  . LYS A 1 78  ? 0.471   -12.979 13.901  1.00 37.40 ? 78  LYS A NZ  1 
ATOM   577  N  N   . PRO A 1 79  ? 1.480   -5.944  10.390  1.00 17.93 ? 79  PRO A N   1 
ATOM   578  C  CA  . PRO A 1 79  ? 1.247   -4.503  10.435  1.00 20.11 ? 79  PRO A CA  1 
ATOM   579  C  C   . PRO A 1 79  ? 1.535   -3.922  11.821  1.00 21.58 ? 79  PRO A C   1 
ATOM   580  O  O   . PRO A 1 79  ? 1.007   -4.450  12.793  1.00 20.63 ? 79  PRO A O   1 
ATOM   581  C  CB  . PRO A 1 79  ? -0.240  -4.382  10.090  1.00 20.14 ? 79  PRO A CB  1 
ATOM   582  C  CG  . PRO A 1 79  ? -0.501  -5.574  9.234   1.00 21.65 ? 79  PRO A CG  1 
ATOM   583  C  CD  . PRO A 1 79  ? 0.352   -6.682  9.824   1.00 19.10 ? 79  PRO A CD  1 
ATOM   584  N  N   . SER A 1 80  ? 2.341   -2.880  11.853  1.00 20.10 ? 80  SER A N   1 
ATOM   585  C  CA  . SER A 1 80  ? 2.878   -2.259  13.075  1.00 23.40 ? 80  SER A CA  1 
ATOM   586  C  C   . SER A 1 80  ? 3.053   -0.761  12.889  1.00 23.33 ? 80  SER A C   1 
ATOM   587  O  O   . SER A 1 80  ? 2.989   -0.218  11.711  1.00 22.41 ? 80  SER A O   1 
ATOM   588  C  CB  . SER A 1 80  ? 4.264   -2.812  13.431  1.00 25.48 ? 80  SER A CB  1 
ATOM   589  O  OG  . SER A 1 80  ? 4.298   -4.217  13.374  1.00 37.17 ? 80  SER A OG  1 
ATOM   590  N  N   . LEU A 1 81  ? 3.289   -0.106  14.023  0.60 22.26 ? 81  LEU A N   1 
ATOM   591  C  CA  . LEU A 1 81  ? 3.619   1.330   14.145  0.60 23.07 ? 81  LEU A CA  1 
ATOM   592  C  C   . LEU A 1 81  ? 5.133   1.455   14.008  0.60 23.36 ? 81  LEU A C   1 
ATOM   593  O  O   . LEU A 1 81  ? 5.872   0.994   14.906  0.60 23.29 ? 81  LEU A O   1 
ATOM   594  C  CB  . LEU A 1 81  ? 3.112   1.831   15.501  0.60 23.08 ? 81  LEU A CB  1 
ATOM   595  C  CG  . LEU A 1 81  ? 2.998   3.342   15.652  0.60 22.87 ? 81  LEU A CG  1 
ATOM   596  C  CD1 . LEU A 1 81  ? 1.958   3.904   14.700  0.60 22.24 ? 81  LEU A CD1 1 
ATOM   597  C  CD2 . LEU A 1 81  ? 2.663   3.712   17.090  0.60 23.47 ? 81  LEU A CD2 1 
ATOM   598  N  N   . ILE A 1 82  ? 5.573   1.991   12.878  0.60 22.88 ? 82  ILE A N   1 
ATOM   599  C  CA  . ILE A 1 82  ? 6.986   1.945   12.427  0.60 24.14 ? 82  ILE A CA  1 
ATOM   600  C  C   . ILE A 1 82  ? 7.457   3.386   12.200  0.60 24.21 ? 82  ILE A C   1 
ATOM   601  O  O   . ILE A 1 82  ? 6.761   4.131   11.493  0.60 23.14 ? 82  ILE A O   1 
ATOM   602  C  CB  . ILE A 1 82  ? 7.070   1.070   11.157  0.60 23.64 ? 82  ILE A CB  1 
ATOM   603  C  CG1 . ILE A 1 82  ? 6.834   -0.413  11.461  0.60 24.75 ? 82  ILE A CG1 1 
ATOM   604  C  CG2 . ILE A 1 82  ? 8.359   1.318   10.400  0.60 21.94 ? 82  ILE A CG2 1 
ATOM   605  C  CD1 . ILE A 1 82  ? 7.981   -1.115  12.168  0.60 25.71 ? 82  ILE A CD1 1 
ATOM   606  N  N   . PHE A 1 83  ? 8.592   3.766   12.785  0.60 26.19 ? 83  PHE A N   1 
ATOM   607  C  CA  . PHE A 1 83  ? 9.272   5.053   12.488  0.60 30.60 ? 83  PHE A CA  1 
ATOM   608  C  C   . PHE A 1 83  ? 9.769   5.053   11.034  0.60 31.32 ? 83  PHE A C   1 
ATOM   609  O  O   . PHE A 1 83  ? 10.449  4.096   10.630  0.60 33.05 ? 83  PHE A O   1 
ATOM   610  C  CB  . PHE A 1 83  ? 10.420  5.317   13.467  0.60 31.36 ? 83  PHE A CB  1 
ATOM   611  C  CG  . PHE A 1 83  ? 11.125  6.621   13.214  0.60 30.80 ? 83  PHE A CG  1 
ATOM   612  C  CD1 . PHE A 1 83  ? 10.527  7.821   13.560  0.60 32.79 ? 83  PHE A CD1 1 
ATOM   613  C  CD2 . PHE A 1 83  ? 12.362  6.650   12.591  0.60 33.08 ? 83  PHE A CD2 1 
ATOM   614  C  CE1 . PHE A 1 83  ? 11.162  9.028   13.303  0.60 32.58 ? 83  PHE A CE1 1 
ATOM   615  C  CE2 . PHE A 1 83  ? 13.004  7.857   12.346  0.60 34.07 ? 83  PHE A CE2 1 
ATOM   616  C  CZ  . PHE A 1 83  ? 12.398  9.042   12.696  0.60 33.60 ? 83  PHE A CZ  1 
ATOM   617  N  N   . VAL A 1 84  ? 9.428   6.106   10.281  0.60 34.00 ? 84  VAL A N   1 
ATOM   618  C  CA  . VAL A 1 84  ? 9.859   6.312   8.866   0.60 36.90 ? 84  VAL A CA  1 
ATOM   619  C  C   . VAL A 1 84  ? 10.472  7.712   8.736   0.60 38.11 ? 84  VAL A C   1 
ATOM   620  O  O   . VAL A 1 84  ? 9.876   8.672   9.272   0.60 35.44 ? 84  VAL A O   1 
ATOM   621  C  CB  . VAL A 1 84  ? 8.698   6.111   7.873   0.60 36.12 ? 84  VAL A CB  1 
ATOM   622  C  CG1 . VAL A 1 84  ? 9.193   6.091   6.435   0.60 36.54 ? 84  VAL A CG1 1 
ATOM   623  C  CG2 . VAL A 1 84  ? 7.908   4.849   8.179   0.60 34.19 ? 84  VAL A CG2 1 
ATOM   624  N  N   . GLU A 1 85  ? 11.579  7.801   7.989   0.60 42.68 ? 85  GLU A N   1 
ATOM   625  C  CA  . GLU A 1 85  ? 12.424  9.013   7.788   0.60 47.93 ? 85  GLU A CA  1 
ATOM   626  C  C   . GLU A 1 85  ? 12.294  9.494   6.334   0.60 54.74 ? 85  GLU A C   1 
ATOM   627  O  O   . GLU A 1 85  ? 11.487  8.889   5.585   0.60 52.11 ? 85  GLU A O   1 
ATOM   628  C  CB  . GLU A 1 85  ? 13.885  8.707   8.144   0.60 49.60 ? 85  GLU A CB  1 
ATOM   629  C  CG  . GLU A 1 85  ? 14.336  7.278   7.847   0.60 51.30 ? 85  GLU A CG  1 
ATOM   630  C  CD  . GLU A 1 85  ? 14.176  6.789   6.413   0.60 49.89 ? 85  GLU A CD  1 
ATOM   631  O  OE1 . GLU A 1 85  ? 13.215  6.031   6.147   0.60 49.21 ? 85  GLU A OE1 1 
ATOM   632  O  OE2 . GLU A 1 85  ? 15.032  7.138   5.574   0.60 53.44 ? 85  GLU A OE2 1 
ATOM   633  N  N   . ALA A 1 86  ? 13.032  10.567  5.985   0.60 61.74 ? 86  ALA A N   1 
ATOM   634  C  CA  . ALA A 1 86  ? 13.312  11.115  4.628   0.60 62.29 ? 86  ALA A CA  1 
ATOM   635  C  C   . ALA A 1 86  ? 12.110  10.989  3.683   0.60 61.38 ? 86  ALA A C   1 
ATOM   636  O  O   . ALA A 1 86  ? 11.566  9.872   3.565   0.60 68.82 ? 86  ALA A O   1 
ATOM   637  C  CB  . ALA A 1 86  ? 14.533  10.432  4.048   0.60 64.18 ? 86  ALA A CB  1 
ATOM   638  N  N   . SER A 1 87  ? 11.745  12.076  2.990   0.60 56.62 ? 87  SER A N   1 
ATOM   639  C  CA  . SER A 1 87  ? 10.668  12.101  1.962   0.60 52.01 ? 87  SER A CA  1 
ATOM   640  C  C   . SER A 1 87  ? 10.533  13.506  1.341   0.60 51.50 ? 87  SER A C   1 
ATOM   641  O  O   . SER A 1 87  ? 11.341  13.808  0.435   0.60 51.62 ? 87  SER A O   1 
ATOM   642  C  CB  . SER A 1 87  ? 9.367   11.588  2.545   0.60 50.19 ? 87  SER A CB  1 
ATOM   643  O  OG  . SER A 1 87  ? 8.301   11.728  1.625   0.60 49.66 ? 87  SER A OG  1 
ATOM   644  N  N   . GLU A 1 88  ? 9.563   14.312  1.813   0.60 51.27 ? 88  GLU A N   1 
ATOM   645  C  CA  . GLU A 1 88  ? 9.076   15.607  1.237   0.60 50.34 ? 88  GLU A CA  1 
ATOM   646  C  C   . GLU A 1 88  ? 7.556   15.728  1.430   0.60 46.95 ? 88  GLU A C   1 
ATOM   647  O  O   . GLU A 1 88  ? 7.025   16.849  1.266   0.60 42.72 ? 88  GLU A O   1 
ATOM   648  C  CB  . GLU A 1 88  ? 9.373   15.756  -0.259  0.60 53.09 ? 88  GLU A CB  1 
ATOM   649  C  CG  . GLU A 1 88  ? 8.448   14.941  -1.148  0.60 54.40 ? 88  GLU A CG  1 
ATOM   650  C  CD  . GLU A 1 88  ? 9.019   14.581  -2.506  0.60 55.97 ? 88  GLU A CD  1 
ATOM   651  O  OE1 . GLU A 1 88  ? 8.481   15.073  -3.519  0.60 55.73 ? 88  GLU A OE1 1 
ATOM   652  O  OE2 . GLU A 1 88  ? 9.988   13.794  -2.546  0.60 60.80 ? 88  GLU A OE2 1 
ATOM   653  N  N   . TYR A 1 89  ? 6.879   14.597  1.673   0.60 47.87 ? 89  TYR A N   1 
ATOM   654  C  CA  . TYR A 1 89  ? 5.440   14.496  2.046   0.60 44.55 ? 89  TYR A CA  1 
ATOM   655  C  C   . TYR A 1 89  ? 5.328   14.386  3.571   0.60 46.39 ? 89  TYR A C   1 
ATOM   656  O  O   . TYR A 1 89  ? 4.387   14.965  4.146   0.60 46.42 ? 89  TYR A O   1 
ATOM   657  C  CB  . TYR A 1 89  ? 4.773   13.289  1.380   0.60 40.92 ? 89  TYR A CB  1 
ATOM   658  C  CG  . TYR A 1 89  ? 5.103   13.078  -0.078  0.60 39.22 ? 89  TYR A CG  1 
ATOM   659  C  CD1 . TYR A 1 89  ? 6.074   12.169  -0.461  0.60 36.87 ? 89  TYR A CD1 1 
ATOM   660  C  CD2 . TYR A 1 89  ? 4.432   13.765  -1.079  0.60 37.55 ? 89  TYR A CD2 1 
ATOM   661  C  CE1 . TYR A 1 89  ? 6.379   11.947  -1.793  0.60 35.62 ? 89  TYR A CE1 1 
ATOM   662  C  CE2 . TYR A 1 89  ? 4.725   13.554  -2.419  0.60 37.65 ? 89  TYR A CE2 1 
ATOM   663  C  CZ  . TYR A 1 89  ? 5.697   12.636  -2.777  0.60 35.69 ? 89  TYR A CZ  1 
ATOM   664  O  OH  . TYR A 1 89  ? 6.001   12.404  -4.089  0.60 36.90 ? 89  TYR A OH  1 
ATOM   665  N  N   . TYR A 1 90  ? 6.251   13.627  4.179   0.60 49.89 ? 90  TYR A N   1 
ATOM   666  C  CA  . TYR A 1 90  ? 6.520   13.553  5.642   0.60 55.21 ? 90  TYR A CA  1 
ATOM   667  C  C   . TYR A 1 90  ? 7.907   12.934  5.870   0.60 64.12 ? 90  TYR A C   1 
ATOM   668  O  O   . TYR A 1 90  ? 8.012   11.735  6.140   0.60 73.12 ? 90  TYR A O   1 
ATOM   669  C  CB  . TYR A 1 90  ? 5.408   12.792  6.386   0.60 51.60 ? 90  TYR A CB  1 
ATOM   670  C  CG  . TYR A 1 90  ? 4.358   12.078  5.559   0.60 47.80 ? 90  TYR A CG  1 
ATOM   671  C  CD1 . TYR A 1 90  ? 4.692   11.094  4.637   0.60 47.36 ? 90  TYR A CD1 1 
ATOM   672  C  CD2 . TYR A 1 90  ? 3.008   12.338  5.747   0.60 42.88 ? 90  TYR A CD2 1 
ATOM   673  C  CE1 . TYR A 1 90  ? 3.723   10.425  3.900   0.60 43.33 ? 90  TYR A CE1 1 
ATOM   674  C  CE2 . TYR A 1 90  ? 2.026   11.679  5.021   0.60 41.75 ? 90  TYR A CE2 1 
ATOM   675  C  CZ  . TYR A 1 90  ? 2.382   10.713  4.093   0.60 41.95 ? 90  TYR A CZ  1 
ATOM   676  O  OH  . TYR A 1 90  ? 1.424   10.059  3.364   0.60 35.88 ? 90  TYR A OH  1 
ATOM   677  N  N   . PRO A 1 91  ? 9.008   13.720  5.742   0.60 67.74 ? 91  PRO A N   1 
ATOM   678  C  CA  . PRO A 1 91  ? 10.378  13.215  5.929   0.60 66.58 ? 91  PRO A CA  1 
ATOM   679  C  C   . PRO A 1 91  ? 10.800  12.529  7.245   0.60 66.51 ? 91  PRO A C   1 
ATOM   680  O  O   . PRO A 1 91  ? 11.949  12.119  7.293   0.60 65.26 ? 91  PRO A O   1 
ATOM   681  C  CB  . PRO A 1 91  ? 11.244  14.483  5.819   0.60 68.64 ? 91  PRO A CB  1 
ATOM   682  C  CG  . PRO A 1 91  ? 10.439  15.411  4.933   0.60 71.29 ? 91  PRO A CG  1 
ATOM   683  C  CD  . PRO A 1 91  ? 8.994   15.124  5.294   0.60 70.40 ? 91  PRO A CD  1 
ATOM   684  N  N   . ALA A 1 92  ? 9.931   12.432  8.268   0.60 64.01 ? 92  ALA A N   1 
ATOM   685  C  CA  . ALA A 1 92  ? 10.201  11.690  9.529   0.60 58.47 ? 92  ALA A CA  1 
ATOM   686  C  C   . ALA A 1 92  ? 8.963   11.645  10.440  0.60 54.29 ? 92  ALA A C   1 
ATOM   687  O  O   . ALA A 1 92  ? 8.550   12.720  10.924  0.60 53.75 ? 92  ALA A O   1 
ATOM   688  C  CB  . ALA A 1 92  ? 11.377  12.309  10.247  0.60 61.26 ? 92  ALA A CB  1 
ATOM   689  N  N   . ARG A 1 93  ? 8.417   10.443  10.698  0.60 49.17 ? 93  ARG A N   1 
ATOM   690  C  CA  . ARG A 1 93  ? 7.239   10.218  11.591  0.60 43.06 ? 93  ARG A CA  1 
ATOM   691  C  C   . ARG A 1 93  ? 6.983   8.716   11.788  0.60 38.57 ? 93  ARG A C   1 
ATOM   692  O  O   . ARG A 1 93  ? 7.667   7.906   11.125  0.60 35.32 ? 93  ARG A O   1 
ATOM   693  C  CB  . ARG A 1 93  ? 5.986   10.861  10.990  0.60 44.57 ? 93  ARG A CB  1 
ATOM   694  C  CG  . ARG A 1 93  ? 5.704   10.419  9.558   0.60 45.76 ? 93  ARG A CG  1 
ATOM   695  C  CD  . ARG A 1 93  ? 4.238   10.479  9.178   0.60 47.85 ? 93  ARG A CD  1 
ATOM   696  N  NE  . ARG A 1 93  ? 4.018   9.777   7.917   0.60 50.90 ? 93  ARG A NE  1 
ATOM   697  C  CZ  . ARG A 1 93  ? 3.263   8.692   7.741   0.60 53.42 ? 93  ARG A CZ  1 
ATOM   698  N  NH1 . ARG A 1 93  ? 2.594   8.154   8.749   0.60 54.07 ? 93  ARG A NH1 1 
ATOM   699  N  NH2 . ARG A 1 93  ? 3.169   8.150   6.535   0.60 54.39 ? 93  ARG A NH2 1 
ATOM   700  N  N   . TYR A 1 94  ? 6.014   8.369   12.650  0.60 34.41 ? 94  TYR A N   1 
ATOM   701  C  CA  . TYR A 1 94  ? 5.517   6.982   12.853  0.60 32.20 ? 94  TYR A CA  1 
ATOM   702  C  C   . TYR A 1 94  ? 4.433   6.674   11.815  0.60 30.72 ? 94  TYR A C   1 
ATOM   703  O  O   . TYR A 1 94  ? 3.338   7.296   11.905  0.60 30.78 ? 94  TYR A O   1 
ATOM   704  C  CB  . TYR A 1 94  ? 4.946   6.772   14.257  0.60 32.63 ? 94  TYR A CB  1 
ATOM   705  C  CG  . TYR A 1 94  ? 5.980   6.571   15.336  0.60 31.59 ? 94  TYR A CG  1 
ATOM   706  C  CD1 . TYR A 1 94  ? 6.662   5.372   15.459  0.60 31.42 ? 94  TYR A CD1 1 
ATOM   707  C  CD2 . TYR A 1 94  ? 6.278   7.584   16.239  0.60 32.72 ? 94  TYR A CD2 1 
ATOM   708  C  CE1 . TYR A 1 94  ? 7.615   5.183   16.448  0.60 31.35 ? 94  TYR A CE1 1 
ATOM   709  C  CE2 . TYR A 1 94  ? 7.225   7.408   17.235  0.60 30.86 ? 94  TYR A CE2 1 
ATOM   710  C  CZ  . TYR A 1 94  ? 7.899   6.203   17.337  0.60 31.13 ? 94  TYR A CZ  1 
ATOM   711  O  OH  . TYR A 1 94  ? 8.842   6.018   18.307  0.60 30.65 ? 94  TYR A OH  1 
ATOM   712  N  N   . GLN A 1 95  ? 4.675   5.684   10.943  1.00 28.58 ? 95  GLN A N   1 
ATOM   713  C  CA  . GLN A 1 95  ? 3.607   5.196   10.052  1.00 23.92 ? 95  GLN A CA  1 
ATOM   714  C  C   . GLN A 1 95  ? 2.993   3.968   10.701  1.00 21.35 ? 95  GLN A C   1 
ATOM   715  O  O   . GLN A 1 95  ? 3.754   3.004   11.077  1.00 22.38 ? 95  GLN A O   1 
ATOM   716  C  CB  . GLN A 1 95  ? 4.142   4.931   8.642   1.00 23.67 ? 95  GLN A CB  1 
ATOM   717  C  CG  . GLN A 1 95  ? 3.054   4.521   7.633   1.00 24.34 ? 95  GLN A CG  1 
ATOM   718  C  CD  . GLN A 1 95  ? 3.565   4.580   6.211   1.00 21.36 ? 95  GLN A CD  1 
ATOM   719  O  OE1 . GLN A 1 95  ? 4.417   5.372   5.859   1.00 24.28 ? 95  GLN A OE1 1 
ATOM   720  N  NE2 . GLN A 1 95  ? 3.015   3.770   5.341   1.00 23.43 ? 95  GLN A NE2 1 
ATOM   721  N  N   . SER A 1 96  ? 1.683   3.917   10.779  1.00 18.69 ? 96  SER A N   1 
ATOM   722  C  CA  . SER A 1 96  ? 0.917   2.786   11.330  1.00 21.54 ? 96  SER A CA  1 
ATOM   723  C  C   . SER A 1 96  ? 0.550   1.773   10.231  1.00 19.62 ? 96  SER A C   1 
ATOM   724  O  O   . SER A 1 96  ? 0.536   2.142   9.006   1.00 20.93 ? 96  SER A O   1 
ATOM   725  C  CB  . SER A 1 96  ? -0.322  3.249   12.041  1.00 21.58 ? 96  SER A CB  1 
ATOM   726  O  OG  . SER A 1 96  ? -1.194  3.944   11.176  1.00 25.80 ? 96  SER A OG  1 
ATOM   727  N  N   . HIS A 1 97  ? 0.200   0.565   10.654  1.00 20.18 ? 97  HIS A N   1 
ATOM   728  C  CA  . HIS A 1 97  ? -0.315  -0.497  9.763   1.00 20.47 ? 97  HIS A CA  1 
ATOM   729  C  C   . HIS A 1 97  ? 0.738   -0.732  8.660   1.00 18.35 ? 97  HIS A C   1 
ATOM   730  O  O   . HIS A 1 97  ? 0.348   -1.083  7.522   1.00 18.48 ? 97  HIS A O   1 
ATOM   731  C  CB  . HIS A 1 97  ? -1.663  -0.062  9.191   1.00 20.30 ? 97  HIS A CB  1 
ATOM   732  C  CG  . HIS A 1 97  ? -2.744  0.005   10.228  1.00 20.90 ? 97  HIS A CG  1 
ATOM   733  N  ND1 . HIS A 1 97  ? -3.556  -1.073  10.521  1.00 21.13 ? 97  HIS A ND1 1 
ATOM   734  C  CD2 . HIS A 1 97  ? -3.066  0.984   11.108  1.00 22.47 ? 97  HIS A CD2 1 
ATOM   735  C  CE1 . HIS A 1 97  ? -4.401  -0.752  11.476  1.00 22.22 ? 97  HIS A CE1 1 
ATOM   736  N  NE2 . HIS A 1 97  ? -4.109  0.500   11.859  1.00 20.89 ? 97  HIS A NE2 1 
ATOM   737  N  N   . LEU A 1 98  ? 2.000   -0.632  9.011   1.00 18.78 ? 98  LEU A N   1 
ATOM   738  C  CA  . LEU A 1 98  ? 3.113   -0.808  8.058   1.00 19.28 ? 98  LEU A CA  1 
ATOM   739  C  C   . LEU A 1 98  ? 3.761   -2.185  8.227   1.00 18.78 ? 98  LEU A C   1 
ATOM   740  O  O   . LEU A 1 98  ? 4.045   -2.583  9.355   1.00 20.49 ? 98  LEU A O   1 
ATOM   741  C  CB  . LEU A 1 98  ? 4.155   0.279   8.265   1.00 19.54 ? 98  LEU A CB  1 
ATOM   742  C  CG  . LEU A 1 98  ? 5.220   0.379   7.176   1.00 19.54 ? 98  LEU A CG  1 
ATOM   743  C  CD1 . LEU A 1 98  ? 4.577   0.679   5.830   1.00 20.43 ? 98  LEU A CD1 1 
ATOM   744  C  CD2 . LEU A 1 98  ? 6.243   1.454   7.559   1.00 20.13 ? 98  LEU A CD2 1 
ATOM   745  N  N   . MET A 1 99  ? 4.126   -2.808  7.122   1.00 16.43 ? 99  MET A N   1 
ATOM   746  C  CA  . MET A 1 99  ? 4.744   -4.160  7.124   1.00 14.85 ? 99  MET A CA  1 
ATOM   747  C  C   . MET A 1 99  ? 6.091   -3.993  6.437   1.00 16.46 ? 99  MET A C   1 
ATOM   748  O  O   . MET A 1 99  ? 6.106   -3.376  5.324   1.00 17.60 ? 99  MET A O   1 
ATOM   749  C  CB  . MET A 1 99  ? 3.867   -5.171  6.383   1.00 13.69 ? 99  MET A CB  1 
ATOM   750  C  CG  . MET A 1 99  ? 2.483   -5.387  7.031   1.00 14.52 ? 99  MET A CG  1 
ATOM   751  S  SD  . MET A 1 99  ? 1.403   -6.328  5.995   1.00 17.95 ? 99  MET A SD  1 
ATOM   752  C  CE  . MET A 1 99  ? 1.130   -5.212  4.608   1.00 19.46 ? 99  MET A CE  1 
ATOM   753  N  N   . LEU A 1 100 ? 7.188   -4.468  7.033   1.00 15.05 ? 100 LEU A N   1 
ATOM   754  C  CA  . LEU A 1 100 ? 8.514   -4.379  6.342   1.00 13.99 ? 100 LEU A CA  1 
ATOM   755  C  C   . LEU A 1 100 ? 8.919   -5.765  5.800   1.00 14.59 ? 100 LEU A C   1 
ATOM   756  O  O   . LEU A 1 100 ? 8.761   -6.773  6.538   1.00 13.16 ? 100 LEU A O   1 
ATOM   757  C  CB  . LEU A 1 100 ? 9.625   -3.956  7.305   1.00 16.15 ? 100 LEU A CB  1 
ATOM   758  C  CG  . LEU A 1 100 ? 9.498   -2.551  7.868   1.00 18.56 ? 100 LEU A CG  1 
ATOM   759  C  CD1 . LEU A 1 100 ? 10.788  -2.119  8.493   1.00 23.30 ? 100 LEU A CD1 1 
ATOM   760  C  CD2 . LEU A 1 100 ? 9.085   -1.565  6.816   1.00 21.45 ? 100 LEU A CD2 1 
ATOM   761  N  N   . ALA A 1 101 ? 9.694   -5.734  4.716   1.00 14.43 ? 101 ALA A N   1 
ATOM   762  C  CA  . ALA A 1 101 ? 10.431  -6.898  4.212   1.00 14.08 ? 101 ALA A CA  1 
ATOM   763  C  C   . ALA A 1 101 ? 11.812  -6.398  3.802   1.00 14.43 ? 101 ALA A C   1 
ATOM   764  O  O   . ALA A 1 101 ? 11.979  -5.184  3.621   1.00 14.82 ? 101 ALA A O   1 
ATOM   765  C  CB  . ALA A 1 101 ? 9.728   -7.470  2.999   1.00 14.39 ? 101 ALA A CB  1 
ATOM   766  N  N   . VAL A 1 102 ? 12.730  -7.344  3.678   1.00 15.12 ? 102 VAL A N   1 
ATOM   767  C  CA  . VAL A 1 102 ? 14.061  -7.104  3.089   1.00 14.68 ? 102 VAL A CA  1 
ATOM   768  C  C   . VAL A 1 102 ? 13.839  -7.095  1.566   1.00 17.88 ? 102 VAL A C   1 
ATOM   769  O  O   . VAL A 1 102 ? 13.388  -8.127  0.950   1.00 17.84 ? 102 VAL A O   1 
ATOM   770  C  CB  . VAL A 1 102 ? 15.054  -8.182  3.572   1.00 15.42 ? 102 VAL A CB  1 
ATOM   771  C  CG1 . VAL A 1 102 ? 16.420  -7.997  2.925   1.00 18.30 ? 102 VAL A CG1 1 
ATOM   772  C  CG2 . VAL A 1 102 ? 15.179  -8.198  5.100   1.00 16.68 ? 102 VAL A CG2 1 
ATOM   773  N  N   . GLY A 1 103 ? 14.175  -5.988  0.943   1.00 19.29 ? 103 GLY A N   1 
ATOM   774  C  CA  . GLY A 1 103 ? 13.942  -5.893  -0.495  1.00 19.85 ? 103 GLY A CA  1 
ATOM   775  C  C   . GLY A 1 103 ? 14.215  -4.506  -1.000  1.00 19.78 ? 103 GLY A C   1 
ATOM   776  O  O   . GLY A 1 103 ? 14.384  -3.583  -0.214  1.00 22.04 ? 103 GLY A O   1 
ATOM   777  N  N   . HIS A 1 104 ? 14.189  -4.396  -2.318  1.00 20.11 ? 104 HIS A N   1 
ATOM   778  C  CA  . HIS A 1 104 ? 14.407  -3.139  -3.035  1.00 21.05 ? 104 HIS A CA  1 
ATOM   779  C  C   . HIS A 1 104 ? 13.122  -2.314  -3.101  1.00 17.43 ? 104 HIS A C   1 
ATOM   780  O  O   . HIS A 1 104 ? 12.130  -2.778  -3.645  1.00 16.23 ? 104 HIS A O   1 
ATOM   781  C  CB  . HIS A 1 104 ? 14.986  -3.437  -4.437  1.00 20.69 ? 104 HIS A CB  1 
ATOM   782  C  CG  . HIS A 1 104 ? 15.454  -2.156  -5.030  1.00 24.65 ? 104 HIS A CG  1 
ATOM   783  N  ND1 . HIS A 1 104 ? 16.319  -1.308  -4.335  1.00 23.96 ? 104 HIS A ND1 1 
ATOM   784  C  CD2 . HIS A 1 104 ? 15.092  -1.488  -6.144  1.00 25.32 ? 104 HIS A CD2 1 
ATOM   785  C  CE1 . HIS A 1 104 ? 16.490  -0.205  -5.043  1.00 25.18 ? 104 HIS A CE1 1 
ATOM   786  N  NE2 . HIS A 1 104 ? 15.769  -0.295  -6.142  1.00 23.52 ? 104 HIS A NE2 1 
ATOM   787  N  N   . SER A 1 105 ? 13.220  -1.047  -2.766  1.00 18.13 ? 105 SER A N   1 
ATOM   788  C  CA  . SER A 1 105 ? 12.163  -0.035  -2.963  1.00 23.28 ? 105 SER A CA  1 
ATOM   789  C  C   . SER A 1 105 ? 12.823  1.339   -3.221  1.00 26.74 ? 105 SER A C   1 
ATOM   790  O  O   . SER A 1 105 ? 13.703  1.694   -2.470  1.00 30.01 ? 105 SER A O   1 
ATOM   791  C  CB  . SER A 1 105 ? 11.292  -0.090  -1.721  1.00 22.00 ? 105 SER A CB  1 
ATOM   792  O  OG  . SER A 1 105 ? 10.402  0.999   -1.557  1.00 29.18 ? 105 SER A OG  1 
ATOM   793  N  N   . GLU A 1 106 ? 12.356  2.060   -4.232  1.00 23.82 ? 106 GLU A N   1 
ATOM   794  C  CA  . GLU A 1 106 ? 12.604  3.494   -4.451  1.00 26.49 ? 106 GLU A CA  1 
ATOM   795  C  C   . GLU A 1 106 ? 11.277  4.220   -4.435  1.00 27.04 ? 106 GLU A C   1 
ATOM   796  O  O   . GLU A 1 106 ? 10.227  3.590   -4.543  1.00 28.14 ? 106 GLU A O   1 
ATOM   797  C  CB  . GLU A 1 106 ? 13.238  3.687   -5.833  1.00 30.98 ? 106 GLU A CB  1 
ATOM   798  C  CG  . GLU A 1 106 ? 14.454  2.832   -6.022  1.00 35.32 ? 106 GLU A CG  1 
ATOM   799  C  CD  . GLU A 1 106 ? 15.121  2.933   -7.383  1.00 32.29 ? 106 GLU A CD  1 
ATOM   800  O  OE1 . GLU A 1 106 ? 14.809  3.867   -8.143  1.00 35.76 ? 106 GLU A OE1 1 
ATOM   801  O  OE2 . GLU A 1 106 ? 15.889  2.035   -7.663  1.00 32.23 ? 106 GLU A OE2 1 
ATOM   802  N  N   . PRO A 1 107 ? 11.287  5.563   -4.335  1.00 26.79 ? 107 PRO A N   1 
ATOM   803  C  CA  . PRO A 1 107 ? 10.053  6.337   -4.271  1.00 28.73 ? 107 PRO A CA  1 
ATOM   804  C  C   . PRO A 1 107 ? 8.974   5.966   -5.294  1.00 25.75 ? 107 PRO A C   1 
ATOM   805  O  O   . PRO A 1 107 ? 7.768   5.880   -4.951  1.00 25.86 ? 107 PRO A O   1 
ATOM   806  C  CB  . PRO A 1 107 ? 10.595  7.756   -4.495  1.00 31.68 ? 107 PRO A CB  1 
ATOM   807  C  CG  . PRO A 1 107 ? 11.923  7.738   -3.769  1.00 30.56 ? 107 PRO A CG  1 
ATOM   808  C  CD  . PRO A 1 107 ? 12.489  6.385   -4.115  1.00 28.96 ? 107 PRO A CD  1 
ATOM   809  N  N   . GLY A 1 108 ? 9.418   5.748   -6.518  1.00 25.27 ? 108 GLY A N   1 
ATOM   810  C  CA  . GLY A 1 108 ? 8.559   5.427   -7.660  1.00 27.06 ? 108 GLY A CA  1 
ATOM   811  C  C   . GLY A 1 108 ? 8.018   4.009   -7.579  1.00 21.59 ? 108 GLY A C   1 
ATOM   812  O  O   . GLY A 1 108 ? 7.127   3.738   -8.322  1.00 20.20 ? 108 GLY A O   1 
ATOM   813  N  N   . ASP A 1 109 ? 8.552   3.146   -6.710  1.00 21.17 ? 109 ASP A N   1 
ATOM   814  C  CA  . ASP A 1 109 ? 7.963   1.802   -6.470  1.00 18.63 ? 109 ASP A CA  1 
ATOM   815  C  C   . ASP A 1 109 ? 6.679   1.880   -5.640  1.00 18.95 ? 109 ASP A C   1 
ATOM   816  O  O   . ASP A 1 109 ? 5.937   0.841   -5.623  1.00 16.09 ? 109 ASP A O   1 
ATOM   817  C  CB  . ASP A 1 109 ? 8.935   0.868   -5.785  1.00 17.97 ? 109 ASP A CB  1 
ATOM   818  C  CG  . ASP A 1 109 ? 10.098  0.523   -6.698  1.00 18.51 ? 109 ASP A CG  1 
ATOM   819  O  OD1 . ASP A 1 109 ? 9.839   0.375   -7.872  1.00 17.27 ? 109 ASP A OD1 1 
ATOM   820  O  OD2 . ASP A 1 109 ? 11.247  0.459   -6.214  1.00 20.95 ? 109 ASP A OD2 1 
ATOM   821  N  N   . CYS A 1 110 ? 6.407   3.014   -4.978  1.00 16.89 ? 110 CYS A N   1 
ATOM   822  C  CA  . CYS A 1 110 ? 5.153   3.146   -4.193  1.00 17.52 ? 110 CYS A CA  1 
ATOM   823  C  C   . CYS A 1 110 ? 3.974   2.794   -5.091  1.00 19.15 ? 110 CYS A C   1 
ATOM   824  O  O   . CYS A 1 110 ? 3.948   3.311   -6.227  1.00 20.63 ? 110 CYS A O   1 
ATOM   825  C  CB  . CYS A 1 110 ? 4.980   4.521   -3.560  1.00 18.07 ? 110 CYS A CB  1 
ATOM   826  S  SG  . CYS A 1 110 ? 6.104   4.702   -2.157  1.00 20.70 ? 110 CYS A SG  1 
ATOM   827  N  N   . GLY A 1 111 ? 2.987   2.040   -4.565  1.00 15.98 ? 111 GLY A N   1 
ATOM   828  C  CA  . GLY A 1 111 ? 1.768   1.653   -5.266  1.00 15.94 ? 111 GLY A CA  1 
ATOM   829  C  C   . GLY A 1 111 ? 1.957   0.272   -5.882  1.00 14.90 ? 111 GLY A C   1 
ATOM   830  O  O   . GLY A 1 111 ? 0.995   -0.326  -6.306  1.00 16.30 ? 111 GLY A O   1 
ATOM   831  N  N   . GLY A 1 112 ? 3.146   -0.257  -5.834  1.00 15.94 ? 112 GLY A N   1 
ATOM   832  C  CA  . GLY A 1 112 ? 3.349   -1.658  -6.198  1.00 13.41 ? 112 GLY A CA  1 
ATOM   833  C  C   . GLY A 1 112 ? 2.514   -2.515  -5.250  1.00 13.35 ? 112 GLY A C   1 
ATOM   834  O  O   . GLY A 1 112 ? 2.576   -2.270  -4.045  1.00 13.90 ? 112 GLY A O   1 
ATOM   835  N  N   . ILE A 1 113 ? 1.882   -3.549  -5.792  1.00 12.47 ? 113 ILE A N   1 
ATOM   836  C  CA  . ILE A 1 113 ? 1.011   -4.401  -4.951  1.00 13.63 ? 113 ILE A CA  1 
ATOM   837  C  C   . ILE A 1 113 ? 1.838   -5.518  -4.340  1.00 14.50 ? 113 ILE A C   1 
ATOM   838  O  O   . ILE A 1 113 ? 2.633   -6.157  -5.092  1.00 15.02 ? 113 ILE A O   1 
ATOM   839  C  CB  . ILE A 1 113 ? -0.212  -4.843  -5.749  1.00 16.07 ? 113 ILE A CB  1 
ATOM   840  C  CG1 . ILE A 1 113 ? -1.115  -3.632  -6.013  1.00 17.98 ? 113 ILE A CG1 1 
ATOM   841  C  CG2 . ILE A 1 113 ? -0.940  -5.970  -5.005  1.00 19.36 ? 113 ILE A CG2 1 
ATOM   842  C  CD1 . ILE A 1 113 ? -2.208  -3.931  -6.995  1.00 20.34 ? 113 ILE A CD1 1 
ATOM   843  N  N   . LEU A 1 114 ? 1.515   -5.844  -3.091  1.00 13.87 ? 114 LEU A N   1 
ATOM   844  C  CA  . LEU A 1 114 ? 1.988   -7.048  -2.381  1.00 13.04 ? 114 LEU A CA  1 
ATOM   845  C  C   . LEU A 1 114 ? 0.782   -7.955  -2.348  1.00 15.48 ? 114 LEU A C   1 
ATOM   846  O  O   . LEU A 1 114 ? -0.290  -7.512  -1.923  1.00 14.39 ? 114 LEU A O   1 
ATOM   847  C  CB  . LEU A 1 114 ? 2.437   -6.665  -0.968  1.00 14.33 ? 114 LEU A CB  1 
ATOM   848  C  CG  . LEU A 1 114 ? 2.777   -7.841  -0.044  1.00 13.53 ? 114 LEU A CG  1 
ATOM   849  C  CD1 . LEU A 1 114 ? 4.023   -8.557  -0.519  1.00 13.99 ? 114 LEU A CD1 1 
ATOM   850  C  CD2 . LEU A 1 114 ? 3.003   -7.297  1.380   1.00 15.68 ? 114 LEU A CD2 1 
ATOM   851  N  N   . ARG A 1 115 ? 0.994   -9.199  -2.785  0.50 16.13 ? 115 ARG A N   1 
ATOM   852  C  CA  . ARG A 1 115 ? -0.109  -10.179 -2.840  0.50 18.27 ? 115 ARG A CA  1 
ATOM   853  C  C   . ARG A 1 115 ? 0.305   -11.537 -2.262  0.50 17.58 ? 115 ARG A C   1 
ATOM   854  O  O   . ARG A 1 115 ? 1.476   -11.889 -2.390  0.50 16.05 ? 115 ARG A O   1 
ATOM   855  C  CB  . ARG A 1 115 ? -0.546  -10.422 -4.286  0.50 22.25 ? 115 ARG A CB  1 
ATOM   856  C  CG  . ARG A 1 115 ? -0.385  -9.241  -5.227  0.50 26.98 ? 115 ARG A CG  1 
ATOM   857  C  CD  . ARG A 1 115 ? -0.826  -9.634  -6.623  0.50 30.80 ? 115 ARG A CD  1 
ATOM   858  N  NE  . ARG A 1 115 ? -1.814  -8.718  -7.170  0.50 31.55 ? 115 ARG A NE  1 
ATOM   859  C  CZ  . ARG A 1 115 ? -3.124  -8.920  -7.140  0.50 33.85 ? 115 ARG A CZ  1 
ATOM   860  N  NH1 . ARG A 1 115 ? -3.617  -10.016 -6.591  0.50 34.30 ? 115 ARG A NH1 1 
ATOM   861  N  NH2 . ARG A 1 115 ? -3.936  -8.022  -7.663  0.50 33.48 ? 115 ARG A NH2 1 
ATOM   862  N  N   . CYS A 1 116 ? -0.638  -12.243 -1.639  1.00 18.94 ? 116 CYS A N   1 
ATOM   863  C  CA  . CYS A 1 116 ? -0.462  -13.623 -1.121  1.00 17.97 ? 116 CYS A CA  1 
ATOM   864  C  C   . CYS A 1 116 ? -1.487  -14.473 -1.863  1.00 20.44 ? 116 CYS A C   1 
ATOM   865  O  O   . CYS A 1 116 ? -2.188  -13.904 -2.675  1.00 20.70 ? 116 CYS A O   1 
ATOM   866  C  CB  . CYS A 1 116 ? -0.689  -13.616 0.376   1.00 19.89 ? 116 CYS A CB  1 
ATOM   867  S  SG  . CYS A 1 116 ? -2.392  -13.143 0.797   1.00 18.30 ? 116 CYS A SG  1 
ATOM   868  N  N   . GLN A 1 117 ? -1.625  -15.772 -1.564  1.00 26.94 ? 117 GLN A N   1 
ATOM   869  C  CA  . GLN A 1 117 ? -2.686  -16.646 -2.180  1.00 29.37 ? 117 GLN A CA  1 
ATOM   870  C  C   . GLN A 1 117 ? -4.109  -16.074 -2.010  1.00 28.04 ? 117 GLN A C   1 
ATOM   871  O  O   . GLN A 1 117 ? -4.966  -16.334 -2.904  1.00 31.84 ? 117 GLN A O   1 
ATOM   872  C  CB  . GLN A 1 117 ? -2.603  -18.064 -1.608  1.00 32.33 ? 117 GLN A CB  1 
ATOM   873  C  CG  . GLN A 1 117 ? -2.848  -18.168 -0.116  1.00 36.82 ? 117 GLN A CG  1 
ATOM   874  C  CD  . GLN A 1 117 ? -1.578  -18.242 0.701   1.00 46.07 ? 117 GLN A CD  1 
ATOM   875  O  OE1 . GLN A 1 117 ? -0.743  -17.336 0.666   1.00 56.08 ? 117 GLN A OE1 1 
ATOM   876  N  NE2 . GLN A 1 117 ? -1.430  -19.305 1.484   1.00 44.15 ? 117 GLN A NE2 1 
ATOM   877  N  N   . HIS A 1 118 ? -4.372  -15.296 -0.967  1.00 26.98 ? 118 HIS A N   1 
ATOM   878  C  CA  . HIS A 1 118 ? -5.725  -14.771 -0.623  1.00 26.36 ? 118 HIS A CA  1 
ATOM   879  C  C   . HIS A 1 118 ? -6.038  -13.437 -1.305  1.00 25.94 ? 118 HIS A C   1 
ATOM   880  O  O   . HIS A 1 118 ? -7.209  -12.938 -1.174  1.00 25.43 ? 118 HIS A O   1 
ATOM   881  C  CB  . HIS A 1 118 ? -5.849  -14.626 0.893   1.00 28.34 ? 118 HIS A CB  1 
ATOM   882  C  CG  . HIS A 1 118 ? -5.477  -15.863 1.622   1.00 30.31 ? 118 HIS A CG  1 
ATOM   883  N  ND1 . HIS A 1 118 ? -4.440  -15.887 2.509   1.00 32.09 ? 118 HIS A ND1 1 
ATOM   884  C  CD2 . HIS A 1 118 ? -6.008  -17.108 1.626   1.00 34.26 ? 118 HIS A CD2 1 
ATOM   885  C  CE1 . HIS A 1 118 ? -4.320  -17.101 3.020   1.00 35.06 ? 118 HIS A CE1 1 
ATOM   886  N  NE2 . HIS A 1 118 ? -5.257  -17.861 2.490   1.00 32.92 ? 118 HIS A NE2 1 
ATOM   887  N  N   . GLY A 1 119 ? -5.046  -12.832 -1.980  1.00 21.53 ? 119 GLY A N   1 
ATOM   888  C  CA  . GLY A 1 119 ? -5.259  -11.598 -2.744  1.00 19.79 ? 119 GLY A CA  1 
ATOM   889  C  C   . GLY A 1 119 ? -4.296  -10.489 -2.350  1.00 17.13 ? 119 GLY A C   1 
ATOM   890  O  O   . GLY A 1 119 ? -3.223  -10.746 -1.873  1.00 18.58 ? 119 GLY A O   1 
ATOM   891  N  N   . VAL A 1 120 ? -4.782  -9.266  -2.468  1.00 17.32 ? 120 VAL A N   1 
ATOM   892  C  CA  . VAL A 1 120 ? -4.009  -8.060  -2.199  1.00 16.09 ? 120 VAL A CA  1 
ATOM   893  C  C   . VAL A 1 120 ? -3.840  -7.882  -0.719  1.00 14.98 ? 120 VAL A C   1 
ATOM   894  O  O   . VAL A 1 120 ? -4.884  -7.854  0.061   1.00 16.11 ? 120 VAL A O   1 
ATOM   895  C  CB  . VAL A 1 120 ? -4.673  -6.854  -2.861  1.00 16.81 ? 120 VAL A CB  1 
ATOM   896  C  CG1 . VAL A 1 120 ? -3.930  -5.598  -2.432  1.00 17.71 ? 120 VAL A CG1 1 
ATOM   897  C  CG2 . VAL A 1 120 ? -4.743  -7.008  -4.393  1.00 18.37 ? 120 VAL A CG2 1 
ATOM   898  N  N   . VAL A 1 121 ? -2.604  -7.773  -0.278  1.00 13.74 ? 121 VAL A N   1 
ATOM   899  C  CA  . VAL A 1 121 ? -2.212  -7.569  1.123   1.00 14.50 ? 121 VAL A CA  1 
ATOM   900  C  C   . VAL A 1 121 ? -2.016  -6.071  1.380   1.00 14.43 ? 121 VAL A C   1 
ATOM   901  O  O   . VAL A 1 121 ? -2.440  -5.518  2.382   1.00 15.34 ? 121 VAL A O   1 
ATOM   902  C  CB  . VAL A 1 121 ? -0.928  -8.376  1.378   1.00 13.58 ? 121 VAL A CB  1 
ATOM   903  C  CG1 . VAL A 1 121 ? -0.295  -8.050  2.699   1.00 13.79 ? 121 VAL A CG1 1 
ATOM   904  C  CG2 . VAL A 1 121 ? -1.204  -9.851  1.139   1.00 15.09 ? 121 VAL A CG2 1 
ATOM   905  N  N   . GLY A 1 122 ? -1.292  -5.403  0.464   1.00 14.06 ? 122 GLY A N   1 
ATOM   906  C  CA  . GLY A 1 122 ? -1.054  -3.970  0.635   1.00 14.11 ? 122 GLY A CA  1 
ATOM   907  C  C   . GLY A 1 122 ? -0.262  -3.403  -0.513  1.00 13.25 ? 122 GLY A C   1 
ATOM   908  O  O   . GLY A 1 122 ? -0.125  -4.079  -1.518  1.00 14.22 ? 122 GLY A O   1 
ATOM   909  N  N   . ILE A 1 123 ? 0.197   -2.175  -0.366  1.00 13.88 ? 123 ILE A N   1 
ATOM   910  C  CA  . ILE A 1 123 ? 0.931   -1.502  -1.457  1.00 13.15 ? 123 ILE A CA  1 
ATOM   911  C  C   . ILE A 1 123 ? 2.221   -0.958  -0.877  1.00 13.75 ? 123 ILE A C   1 
ATOM   912  O  O   . ILE A 1 123 ? 2.263   -0.511  0.297   1.00 13.46 ? 123 ILE A O   1 
ATOM   913  C  CB  . ILE A 1 123 ? 0.091   -0.441  -2.164  1.00 13.52 ? 123 ILE A CB  1 
ATOM   914  C  CG1 . ILE A 1 123 ? -0.501  0.568   -1.186  1.00 15.92 ? 123 ILE A CG1 1 
ATOM   915  C  CG2 . ILE A 1 123 ? -0.946  -1.083  -3.076  1.00 16.52 ? 123 ILE A CG2 1 
ATOM   916  C  CD1 . ILE A 1 123 ? -1.123  1.746   -1.870  1.00 17.95 ? 123 ILE A CD1 1 
ATOM   917  N  N   . VAL A 1 124 ? 3.248   -0.917  -1.733  1.00 14.04 ? 124 VAL A N   1 
ATOM   918  C  CA  . VAL A 1 124 ? 4.543   -0.326  -1.367  1.00 14.17 ? 124 VAL A CA  1 
ATOM   919  C  C   . VAL A 1 124 ? 4.322   1.122   -0.943  1.00 15.73 ? 124 VAL A C   1 
ATOM   920  O  O   . VAL A 1 124 ? 3.571   1.888   -1.613  1.00 13.28 ? 124 VAL A O   1 
ATOM   921  C  CB  . VAL A 1 124 ? 5.532   -0.425  -2.530  1.00 14.18 ? 124 VAL A CB  1 
ATOM   922  C  CG1 . VAL A 1 124 ? 6.784   0.361   -2.185  1.00 15.29 ? 124 VAL A CG1 1 
ATOM   923  C  CG2 . VAL A 1 124 ? 5.865   -1.850  -2.912  1.00 14.26 ? 124 VAL A CG2 1 
ATOM   924  N  N   . SER A 1 125 ? 4.930   1.478   0.181   1.00 16.73 ? 125 SER A N   1 
ATOM   925  C  CA  . SER A 1 125 ? 4.710   2.811   0.786   1.00 17.69 ? 125 SER A CA  1 
ATOM   926  C  C   . SER A 1 125 ? 6.019   3.481   1.210   1.00 20.77 ? 125 SER A C   1 
ATOM   927  O  O   . SER A 1 125 ? 6.097   4.733   1.138   1.00 25.02 ? 125 SER A O   1 
ATOM   928  C  CB  . SER A 1 125 ? 3.741   2.702   1.913   1.00 18.64 ? 125 SER A CB  1 
ATOM   929  O  OG  . SER A 1 125 ? 3.494   3.955   2.544   1.00 18.20 ? 125 SER A OG  1 
ATOM   930  N  N   . THR A 1 126 ? 6.997   2.700   1.657   0.60 22.89 ? 126 THR A N   1 
ATOM   931  C  CA  . THR A 1 126 ? 8.276   3.223   2.185   0.60 25.16 ? 126 THR A CA  1 
ATOM   932  C  C   . THR A 1 126 ? 9.421   2.370   1.665   0.60 25.94 ? 126 THR A C   1 
ATOM   933  O  O   . THR A 1 126 ? 9.205   1.172   1.341   0.60 24.99 ? 126 THR A O   1 
ATOM   934  C  CB  . THR A 1 126 ? 8.282   3.289   3.719   0.60 24.95 ? 126 THR A CB  1 
ATOM   935  O  OG1 . THR A 1 126 ? 8.385   1.955   4.213   0.60 27.19 ? 126 THR A OG1 1 
ATOM   936  C  CG2 . THR A 1 126 ? 7.049   3.947   4.293   0.60 25.40 ? 126 THR A CG2 1 
ATOM   937  N  N   . GLY A 1 127 ? 10.596  2.991   1.585   0.60 27.10 ? 127 GLY A N   1 
ATOM   938  C  CA  . GLY A 1 127 ? 11.863  2.322   1.257   0.60 29.51 ? 127 GLY A CA  1 
ATOM   939  C  C   . GLY A 1 127 ? 12.988  2.962   2.035   0.60 28.86 ? 127 GLY A C   1 
ATOM   940  O  O   . GLY A 1 127 ? 12.714  3.964   2.714   0.60 29.76 ? 127 GLY A O   1 
ATOM   941  N  N   . GLY A 1 128 ? 14.198  2.419   1.907   0.60 30.19 ? 128 GLY A N   1 
ATOM   942  C  CA  . GLY A 1 128 ? 15.421  2.923   2.559   0.60 29.98 ? 128 GLY A CA  1 
ATOM   943  C  C   . GLY A 1 128 ? 16.110  1.833   3.353   0.60 28.71 ? 128 GLY A C   1 
ATOM   944  O  O   . GLY A 1 128 ? 15.409  1.086   4.064   0.60 27.69 ? 128 GLY A O   1 
ATOM   945  N  N   . ASN A 1 129 ? 17.430  1.722   3.200   0.60 27.05 ? 129 ASN A N   1 
ATOM   946  C  CA  . ASN A 1 129 ? 18.320  0.807   3.965   0.60 25.97 ? 129 ASN A CA  1 
ATOM   947  C  C   . ASN A 1 129 ? 18.075  -0.644  3.509   0.60 24.99 ? 129 ASN A C   1 
ATOM   948  O  O   . ASN A 1 129 ? 18.519  -1.573  4.217   0.60 26.45 ? 129 ASN A O   1 
ATOM   949  C  CB  . ASN A 1 129 ? 18.174  1.048   5.477   0.60 27.09 ? 129 ASN A CB  1 
ATOM   950  C  CG  . ASN A 1 129 ? 18.313  2.513   5.869   0.60 28.01 ? 129 ASN A CG  1 
ATOM   951  O  OD1 . ASN A 1 129 ? 17.913  3.412   5.129   0.60 29.40 ? 129 ASN A OD1 1 
ATOM   952  N  ND2 . ASN A 1 129 ? 18.861  2.782   7.041   0.60 26.44 ? 129 ASN A ND2 1 
ATOM   953  N  N   . GLY A 1 130 ? 17.458  -0.845  2.337   0.60 22.00 ? 130 GLY A N   1 
ATOM   954  C  CA  . GLY A 1 130 ? 17.212  -2.179  1.759   0.60 20.70 ? 130 GLY A CA  1 
ATOM   955  C  C   . GLY A 1 130 ? 15.959  -2.832  2.334   0.60 19.11 ? 130 GLY A C   1 
ATOM   956  O  O   . GLY A 1 130 ? 15.781  -4.048  2.167   0.60 19.33 ? 130 GLY A O   1 
ATOM   957  N  N   . LEU A 1 131 ? 15.107  -2.040  2.975   0.60 18.37 ? 131 LEU A N   1 
ATOM   958  C  CA  . LEU A 1 131 ? 13.823  -2.502  3.544   0.60 18.86 ? 131 LEU A CA  1 
ATOM   959  C  C   . LEU A 1 131 ? 12.708  -1.837  2.751   0.60 18.77 ? 131 LEU A C   1 
ATOM   960  O  O   . LEU A 1 131 ? 12.866  -0.661  2.333   0.60 18.27 ? 131 LEU A O   1 
ATOM   961  C  CB  . LEU A 1 131 ? 13.749  -2.138  5.021   0.60 20.19 ? 131 LEU A CB  1 
ATOM   962  C  CG  . LEU A 1 131 ? 14.797  -2.830  5.881   0.60 20.52 ? 131 LEU A CG  1 
ATOM   963  C  CD1 . LEU A 1 131 ? 15.087  -2.019  7.129   0.60 21.91 ? 131 LEU A CD1 1 
ATOM   964  C  CD2 . LEU A 1 131 ? 14.347  -4.246  6.221   0.60 22.10 ? 131 LEU A CD2 1 
ATOM   965  N  N   . VAL A 1 132 ? 11.655  -2.601  2.506   0.60 17.17 ? 132 VAL A N   1 
ATOM   966  C  CA  . VAL A 1 132 ? 10.480  -2.110  1.748   0.60 17.30 ? 132 VAL A CA  1 
ATOM   967  C  C   . VAL A 1 132 ? 9.313   -2.170  2.728   0.60 17.17 ? 132 VAL A C   1 
ATOM   968  O  O   . VAL A 1 132 ? 9.168   -3.197  3.430   0.60 18.78 ? 132 VAL A O   1 
ATOM   969  C  CB  . VAL A 1 132 ? 10.282  -2.902  0.440   0.60 16.40 ? 132 VAL A CB  1 
ATOM   970  C  CG1 . VAL A 1 132 ? 10.610  -4.376  0.569   0.60 17.09 ? 132 VAL A CG1 1 
ATOM   971  C  CG2 . VAL A 1 132 ? 8.897   -2.695  -0.150  0.60 16.32 ? 132 VAL A CG2 1 
ATOM   972  N  N   . GLY A 1 133 ? 8.621   -1.038  2.876   0.60 16.84 ? 133 GLY A N   1 
ATOM   973  C  CA  . GLY A 1 133 ? 7.439   -0.903  3.735   0.60 16.24 ? 133 GLY A CA  1 
ATOM   974  C  C   . GLY A 1 133 ? 6.178   -0.948  2.905   0.60 15.34 ? 133 GLY A C   1 
ATOM   975  O  O   . GLY A 1 133 ? 6.035   -0.111  1.973   0.60 15.35 ? 133 GLY A O   1 
ATOM   976  N  N   . PHE A 1 134 ? 5.265   -1.837  3.279   0.60 14.75 ? 134 PHE A N   1 
ATOM   977  C  CA  . PHE A 1 134 ? 3.948   -2.002  2.625   0.60 14.56 ? 134 PHE A CA  1 
ATOM   978  C  C   . PHE A 1 134 ? 2.857   -1.553  3.592   0.60 15.24 ? 134 PHE A C   1 
ATOM   979  O  O   . PHE A 1 134 ? 2.834   -1.998  4.755   0.60 16.80 ? 134 PHE A O   1 
ATOM   980  C  CB  . PHE A 1 134 ? 3.707   -3.450  2.206   0.60 13.36 ? 134 PHE A CB  1 
ATOM   981  C  CG  . PHE A 1 134 ? 4.855   -4.067  1.464   0.60 13.33 ? 134 PHE A CG  1 
ATOM   982  C  CD1 . PHE A 1 134 ? 4.896   -4.025  0.081   0.60 12.97 ? 134 PHE A CD1 1 
ATOM   983  C  CD2 . PHE A 1 134 ? 5.896   -4.689  2.144   0.60 12.76 ? 134 PHE A CD2 1 
ATOM   984  C  CE1 . PHE A 1 134 ? 5.951   -4.607  -0.603  0.60 13.37 ? 134 PHE A CE1 1 
ATOM   985  C  CE2 . PHE A 1 134 ? 6.935   -5.297  1.453   0.60 12.85 ? 134 PHE A CE2 1 
ATOM   986  C  CZ  . PHE A 1 134 ? 6.964   -5.246  0.082   0.60 12.87 ? 134 PHE A CZ  1 
ATOM   987  N  N   . ALA A 1 135 ? 1.981   -0.692  3.094   1.00 15.27 ? 135 ALA A N   1 
ATOM   988  C  CA  . ALA A 1 135 ? 0.799   -0.219  3.827   1.00 15.37 ? 135 ALA A CA  1 
ATOM   989  C  C   . ALA A 1 135 ? -0.196  -1.364  3.700   1.00 14.86 ? 135 ALA A C   1 
ATOM   990  O  O   . ALA A 1 135 ? -0.660  -1.646  2.582   1.00 13.93 ? 135 ALA A O   1 
ATOM   991  C  CB  . ALA A 1 135 ? 0.294   1.069   3.236   1.00 15.26 ? 135 ALA A CB  1 
ATOM   992  N  N   . ASP A 1 136 ? -0.551  -1.968  4.823   1.00 16.03 ? 136 ASP A N   1 
ATOM   993  C  CA  . ASP A 1 136 ? -1.556  -3.038  4.893   1.00 16.24 ? 136 ASP A CA  1 
ATOM   994  C  C   . ASP A 1 136 ? -2.930  -2.475  4.525   1.00 16.37 ? 136 ASP A C   1 
ATOM   995  O  O   . ASP A 1 136 ? -3.211  -1.322  4.935   1.00 18.42 ? 136 ASP A O   1 
ATOM   996  C  CB  . ASP A 1 136 ? -1.543  -3.673  6.285   1.00 16.87 ? 136 ASP A CB  1 
ATOM   997  C  CG  . ASP A 1 136 ? -2.499  -4.825  6.332   1.00 18.28 ? 136 ASP A CG  1 
ATOM   998  O  OD1 . ASP A 1 136 ? -2.398  -5.724  5.487   1.00 17.94 ? 136 ASP A OD1 1 
ATOM   999  O  OD2 . ASP A 1 136 ? -3.394  -4.804  7.235   1.00 24.32 ? 136 ASP A OD2 1 
ATOM   1000 N  N   . VAL A 1 137 ? -3.742  -3.279  3.834   1.00 14.66 ? 137 VAL A N   1 
ATOM   1001 C  CA  . VAL A 1 137 ? -5.148  -2.930  3.518   1.00 15.19 ? 137 VAL A CA  1 
ATOM   1002 C  C   . VAL A 1 137 ? -6.081  -4.022  4.071   1.00 16.91 ? 137 VAL A C   1 
ATOM   1003 O  O   . VAL A 1 137 ? -7.242  -3.904  3.909   1.00 16.78 ? 137 VAL A O   1 
ATOM   1004 C  CB  . VAL A 1 137 ? -5.341  -2.667  2.025   1.00 15.67 ? 137 VAL A CB  1 
ATOM   1005 C  CG1 . VAL A 1 137 ? -4.544  -1.487  1.528   1.00 15.56 ? 137 VAL A CG1 1 
ATOM   1006 C  CG2 . VAL A 1 137 ? -5.080  -3.901  1.158   1.00 14.43 ? 137 VAL A CG2 1 
ATOM   1007 N  N   . ARG A 1 138 ? -5.551  -5.144  4.570   1.00 17.16 ? 138 ARG A N   1 
ATOM   1008 C  CA  . ARG A 1 138 ? -6.348  -6.343  4.889   1.00 17.03 ? 138 ARG A CA  1 
ATOM   1009 C  C   . ARG A 1 138 ? -7.379  -6.061  5.993   1.00 19.14 ? 138 ARG A C   1 
ATOM   1010 O  O   . ARG A 1 138 ? -8.365  -6.826  6.033   1.00 22.74 ? 138 ARG A O   1 
ATOM   1011 C  CB  . ARG A 1 138 ? -5.442  -7.514  5.277   1.00 17.84 ? 138 ARG A CB  1 
ATOM   1012 C  CG  . ARG A 1 138 ? -4.532  -7.933  4.133   1.00 17.00 ? 138 ARG A CG  1 
ATOM   1013 C  CD  . ARG A 1 138 ? -3.644  -9.064  4.590   1.00 15.21 ? 138 ARG A CD  1 
ATOM   1014 N  NE  . ARG A 1 138 ? -2.670  -8.564  5.521   1.00 15.37 ? 138 ARG A NE  1 
ATOM   1015 C  CZ  . ARG A 1 138 ? -1.669  -9.274  5.986   1.00 14.32 ? 138 ARG A CZ  1 
ATOM   1016 N  NH1 . ARG A 1 138 ? -1.656  -10.576 5.756   1.00 17.77 ? 138 ARG A NH1 1 
ATOM   1017 N  NH2 . ARG A 1 138 ? -0.746  -8.693  6.722   1.00 16.10 ? 138 ARG A NH2 1 
ATOM   1018 N  N   . ASP A 1 139 ? -7.139  -5.090  6.856   1.00 21.41 ? 139 ASP A N   1 
ATOM   1019 C  CA  . ASP A 1 139 ? -8.068  -4.724  7.964   1.00 22.37 ? 139 ASP A CA  1 
ATOM   1020 C  C   . ASP A 1 139 ? -9.270  -3.914  7.429   1.00 25.73 ? 139 ASP A C   1 
ATOM   1021 O  O   . ASP A 1 139 ? -10.336 -3.834  8.110   1.00 25.55 ? 139 ASP A O   1 
ATOM   1022 C  CB  . ASP A 1 139 ? -7.305  -3.970  9.051   1.00 23.59 ? 139 ASP A CB  1 
ATOM   1023 C  CG  . ASP A 1 139 ? -6.736  -2.624  8.667   1.00 28.77 ? 139 ASP A CG  1 
ATOM   1024 O  OD1 . ASP A 1 139 ? -6.311  -2.465  7.482   1.00 24.46 ? 139 ASP A OD1 1 
ATOM   1025 O  OD2 . ASP A 1 139 ? -6.599  -1.761  9.580   1.00 28.79 ? 139 ASP A OD2 1 
ATOM   1026 N  N   . LEU A 1 140 ? -9.181  -3.370  6.216   1.00 23.24 ? 140 LEU A N   1 
ATOM   1027 C  CA  . LEU A 1 140 ? -10.197 -2.423  5.668   1.00 20.59 ? 140 LEU A CA  1 
ATOM   1028 C  C   . LEU A 1 140 ? -11.322 -3.269  5.101   1.00 22.19 ? 140 LEU A C   1 
ATOM   1029 O  O   . LEU A 1 140 ? -11.495 -3.341  3.882   1.00 22.55 ? 140 LEU A O   1 
ATOM   1030 C  CB  . LEU A 1 140 ? -9.561  -1.478  4.638   1.00 19.42 ? 140 LEU A CB  1 
ATOM   1031 C  CG  . LEU A 1 140 ? -8.342  -0.725  5.129   1.00 18.90 ? 140 LEU A CG  1 
ATOM   1032 C  CD1 . LEU A 1 140 ? -7.725  0.109   3.998   1.00 20.54 ? 140 LEU A CD1 1 
ATOM   1033 C  CD2 . LEU A 1 140 ? -8.654  0.154   6.325   1.00 21.26 ? 140 LEU A CD2 1 
ATOM   1034 N  N   . LEU A 1 141 ? -12.099 -3.902  5.993   1.00 21.43 ? 141 LEU A N   1 
ATOM   1035 C  CA  . LEU A 1 141 ? -13.080 -4.911  5.574   1.00 24.47 ? 141 LEU A CA  1 
ATOM   1036 C  C   . LEU A 1 141 ? -14.159 -4.213  4.741   1.00 23.35 ? 141 LEU A C   1 
ATOM   1037 O  O   . LEU A 1 141 ? -14.787 -4.870  3.922   1.00 25.55 ? 141 LEU A O   1 
ATOM   1038 C  CB  . LEU A 1 141 ? -13.723 -5.609  6.783   1.00 28.85 ? 141 LEU A CB  1 
ATOM   1039 C  CG  . LEU A 1 141 ? -12.797 -6.245  7.808   1.00 30.80 ? 141 LEU A CG  1 
ATOM   1040 C  CD1 . LEU A 1 141 ? -13.624 -7.142  8.735   1.00 31.92 ? 141 LEU A CD1 1 
ATOM   1041 C  CD2 . LEU A 1 141 ? -11.698 -7.048  7.142   1.00 30.34 ? 141 LEU A CD2 1 
ATOM   1042 N  N   . TRP A 1 142 ? -14.349 -2.910  4.961   1.00 24.76 ? 142 TRP A N   1 
ATOM   1043 C  CA  . TRP A 1 142 ? -15.380 -2.133  4.239   1.00 25.20 ? 142 TRP A CA  1 
ATOM   1044 C  C   . TRP A 1 142 ? -15.067 -2.043  2.755   1.00 25.65 ? 142 TRP A C   1 
ATOM   1045 O  O   . TRP A 1 142 ? -16.013 -1.772  1.992   1.00 27.63 ? 142 TRP A O   1 
ATOM   1046 C  CB  . TRP A 1 142 ? -15.574 -0.760  4.875   1.00 21.65 ? 142 TRP A CB  1 
ATOM   1047 C  CG  . TRP A 1 142 ? -14.341 0.048   5.064   1.00 23.46 ? 142 TRP A CG  1 
ATOM   1048 C  CD1 . TRP A 1 142 ? -13.516 0.093   6.148   1.00 22.86 ? 142 TRP A CD1 1 
ATOM   1049 C  CD2 . TRP A 1 142 ? -13.766 0.930   4.086   1.00 23.67 ? 142 TRP A CD2 1 
ATOM   1050 N  NE1 . TRP A 1 142 ? -12.474 0.948   5.915   1.00 24.44 ? 142 TRP A NE1 1 
ATOM   1051 C  CE2 . TRP A 1 142 ? -12.629 1.506   4.675   1.00 23.65 ? 142 TRP A CE2 1 
ATOM   1052 C  CE3 . TRP A 1 142 ? -14.147 1.318   2.793   1.00 24.57 ? 142 TRP A CE3 1 
ATOM   1053 C  CZ2 . TRP A 1 142 ? -11.838 2.421   3.987   1.00 24.97 ? 142 TRP A CZ2 1 
ATOM   1054 C  CZ3 . TRP A 1 142 ? -13.388 2.254   2.136   1.00 23.55 ? 142 TRP A CZ3 1 
ATOM   1055 C  CH2 . TRP A 1 142 ? -12.251 2.784   2.725   1.00 23.78 ? 142 TRP A CH2 1 
ATOM   1056 N  N   . LEU A 1 143 ? -13.833 -2.313  2.323   1.00 26.84 ? 143 LEU A N   1 
ATOM   1057 C  CA  . LEU A 1 143 ? -13.478 -2.196  0.877   1.00 27.17 ? 143 LEU A CA  1 
ATOM   1058 C  C   . LEU A 1 143 ? -14.317 -3.175  0.063   1.00 30.65 ? 143 LEU A C   1 
ATOM   1059 O  O   . LEU A 1 143 ? -14.479 -2.894  -1.088  1.00 29.97 ? 143 LEU A O   1 
ATOM   1060 C  CB  . LEU A 1 143 ? -11.987 -2.464  0.652   1.00 27.51 ? 143 LEU A CB  1 
ATOM   1061 C  CG  . LEU A 1 143 ? -11.029 -1.401  1.168   1.00 26.24 ? 143 LEU A CG  1 
ATOM   1062 C  CD1 . LEU A 1 143 ? -9.578  -1.860  1.039   1.00 25.93 ? 143 LEU A CD1 1 
ATOM   1063 C  CD2 . LEU A 1 143 ? -11.202 -0.070  0.426   1.00 27.30 ? 143 LEU A CD2 1 
ATOM   1064 N  N   . ASP A 1 144 ? -14.804 -4.282  0.656   1.00 35.94 ? 144 ASP A N   1 
ATOM   1065 C  CA  . ASP A 1 144 ? -15.587 -5.356  -0.016  1.00 41.72 ? 144 ASP A CA  1 
ATOM   1066 C  C   . ASP A 1 144 ? -17.088 -5.288  0.264   1.00 47.79 ? 144 ASP A C   1 
ATOM   1067 O  O   . ASP A 1 144 ? -17.641 -6.385  0.435   1.00 55.27 ? 144 ASP A O   1 
ATOM   1068 C  CB  . ASP A 1 144 ? -15.227 -6.744  0.508   1.00 44.16 ? 144 ASP A CB  1 
ATOM   1069 C  CG  . ASP A 1 144 ? -13.857 -7.198  0.082   1.00 44.31 ? 144 ASP A CG  1 
ATOM   1070 O  OD1 . ASP A 1 144 ? -13.619 -7.275  -1.152  1.00 49.87 ? 144 ASP A OD1 1 
ATOM   1071 O  OD2 . ASP A 1 144 ? -13.047 -7.416  0.980   1.00 39.74 ? 144 ASP A OD2 1 
ATOM   1072 N  N   . GLU A 1 145 ? -17.737 -4.116  0.283   1.00 57.39 ? 145 GLU A N   1 
ATOM   1073 C  CA  . GLU A 1 145 ? -19.233 -4.039  0.349   1.00 70.84 ? 145 GLU A CA  1 
ATOM   1074 C  C   . GLU A 1 145 ? -19.757 -2.603  0.209   1.00 78.61 ? 145 GLU A C   1 
ATOM   1075 O  O   . GLU A 1 145 ? -19.106 -1.675  0.735   1.00 88.33 ? 145 GLU A O   1 
ATOM   1076 C  CB  . GLU A 1 145 ? -19.744 -4.625  1.663   1.00 68.63 ? 145 GLU A CB  1 
ATOM   1077 C  CG  . GLU A 1 145 ? -19.006 -4.095  2.872   1.00 71.90 ? 145 GLU A CG  1 
ATOM   1078 C  CD  . GLU A 1 145 ? -19.173 -4.932  4.127   1.00 80.07 ? 145 GLU A CD  1 
ATOM   1079 O  OE1 . GLU A 1 145 ? -18.944 -4.389  5.235   1.00 76.41 ? 145 GLU A OE1 1 
ATOM   1080 O  OE2 . GLU A 1 145 ? -19.534 -6.123  3.993   1.00 84.70 ? 145 GLU A OE2 1 
HETATM 1081 N  N1  . O3A B 2 .   ? 13.963  2.434   8.088   0.60 52.37 ? 201 O3A A N1  1 
HETATM 1082 C  C4  . O3A B 2 .   ? 13.152  0.274   10.247  0.60 65.75 ? 201 O3A A C4  1 
HETATM 1083 C  C5  . O3A B 2 .   ? 12.428  -0.207  11.556  0.60 70.73 ? 201 O3A A C5  1 
HETATM 1084 C  C6  . O3A B 2 .   ? 12.980  2.116   11.717  0.60 67.03 ? 201 O3A A C6  1 
HETATM 1085 C  C7  . O3A B 2 .   ? 12.839  2.042   7.285   0.60 46.50 ? 201 O3A A C7  1 
HETATM 1086 C  C8  . O3A B 2 .   ? 11.564  2.504   7.589   0.60 44.53 ? 201 O3A A C8  1 
HETATM 1087 C  C10 . O3A B 2 .   ? 10.702  1.381   5.656   0.60 42.30 ? 201 O3A A C10 1 
HETATM 1088 C  C1  . O3A B 2 .   ? 15.190  2.720   7.354   0.60 51.23 ? 201 O3A A C1  1 
HETATM 1089 C  C11 . O3A B 2 .   ? 11.964  0.927   5.351   0.60 42.09 ? 201 O3A A C11 1 
HETATM 1090 C  C12 . O3A B 2 .   ? 13.037  1.249   6.163   0.60 44.27 ? 201 O3A A C12 1 
HETATM 1091 C  C2  . O3A B 2 .   ? 13.964  2.555   9.438   0.60 55.74 ? 201 O3A A C2  1 
HETATM 1092 C  C3  . O3A B 2 .   ? 12.929  1.795   10.242  0.60 62.39 ? 201 O3A A C3  1 
HETATM 1093 C  C9  . O3A B 2 .   ? 10.502  2.166   6.769   0.60 42.17 ? 201 O3A A C9  1 
HETATM 1094 N  N2  . O3A B 2 .   ? 12.297  1.001   12.412  0.60 73.75 ? 201 O3A A N2  1 
HETATM 1095 O  O1  . O3A B 2 .   ? 14.790  3.257   9.991   0.60 53.32 ? 201 O3A A O1  1 
HETATM 1096 ZN ZN  . ZN  C 3 .   ? -2.915  -14.350 2.757   1.00 21.85 ? 202 ZN  A ZN  1 
HETATM 1097 S  S   . DMS D 4 .   ? -4.101  10.120  10.710  1.00 78.42 ? 203 DMS A S   1 
HETATM 1098 O  O   . DMS D 4 .   ? -2.749  10.776  10.848  1.00 78.55 ? 203 DMS A O   1 
HETATM 1099 C  C1  . DMS D 4 .   ? -4.328  9.112   12.159  1.00 70.83 ? 203 DMS A C1  1 
HETATM 1100 C  C2  . DMS D 4 .   ? -5.315  11.371  11.075  1.00 77.49 ? 203 DMS A C2  1 
HETATM 1101 S  S   . DMS E 4 .   ? 2.686   -4.995  -13.665 1.00 95.70 ? 204 DMS A S   1 
HETATM 1102 O  O   . DMS E 4 .   ? 3.714   -5.868  -14.324 1.00 92.68 ? 204 DMS A O   1 
HETATM 1103 C  C1  . DMS E 4 .   ? 1.119   -5.513  -14.325 1.00 94.70 ? 204 DMS A C1  1 
HETATM 1104 C  C2  . DMS E 4 .   ? 2.495   -5.645  -12.044 1.00 84.82 ? 204 DMS A C2  1 
HETATM 1105 S  S   . DMS F 4 .   ? 17.258  -9.667  -1.015  1.00 70.60 ? 205 DMS A S   1 
HETATM 1106 O  O   . DMS F 4 .   ? 17.182  -8.181  -0.674  1.00 48.43 ? 205 DMS A O   1 
HETATM 1107 C  C1  . DMS F 4 .   ? 18.383  -9.815  -2.380  1.00 63.09 ? 205 DMS A C1  1 
HETATM 1108 C  C2  . DMS F 4 .   ? 18.266  -10.466 0.229   1.00 62.37 ? 205 DMS A C2  1 
HETATM 1109 O  O   . HOH G 5 .   ? 12.207  7.901   3.888   0.60 30.12 ? 301 HOH A O   1 
HETATM 1110 O  O   . HOH G 5 .   ? 1.396   -16.316 0.917   1.00 35.49 ? 302 HOH A O   1 
HETATM 1111 O  O   . HOH G 5 .   ? 9.680   3.288   -1.882  0.60 28.45 ? 303 HOH A O   1 
HETATM 1112 O  O   . HOH G 5 .   ? 7.515   13.179  8.770   0.60 33.23 ? 304 HOH A O   1 
HETATM 1113 O  O   . HOH G 5 .   ? 7.114   7.819   -3.574  1.00 26.93 ? 305 HOH A O   1 
HETATM 1114 O  O   . HOH G 5 .   ? -12.591 -0.115  -8.049  1.00 28.08 ? 306 HOH A O   1 
HETATM 1115 O  O   . HOH G 5 .   ? -13.542 15.650  -1.576  1.00 32.82 ? 307 HOH A O   1 
HETATM 1116 O  O   . HOH G 5 .   ? 1.833   9.002   12.989  0.60 24.30 ? 308 HOH A O   1 
HETATM 1117 O  O   . HOH G 5 .   ? -10.214 13.443  5.427   1.00 28.42 ? 309 HOH A O   1 
HETATM 1118 O  O   . HOH G 5 .   ? -3.475  -3.386  9.412   1.00 24.04 ? 310 HOH A O   1 
HETATM 1119 O  O   . HOH G 5 .   ? -11.249 7.438   -7.903  1.00 34.00 ? 311 HOH A O   1 
HETATM 1120 O  O   . HOH G 5 .   ? 17.114  2.832   -9.788  1.00 26.65 ? 312 HOH A O   1 
HETATM 1121 O  O   . HOH G 5 .   ? -4.345  -16.441 7.688   1.00 30.09 ? 313 HOH A O   1 
HETATM 1122 O  O   . HOH G 5 .   ? -4.092  -6.780  8.749   1.00 19.51 ? 314 HOH A O   1 
HETATM 1123 O  O   . HOH G 5 .   ? 15.990  1.039   -11.806 1.00 22.34 ? 315 HOH A O   1 
HETATM 1124 O  O   . HOH G 5 .   ? 4.383   -0.078  -9.369  1.00 19.51 ? 316 HOH A O   1 
HETATM 1125 O  O   . HOH G 5 .   ? -0.199  4.779   -5.251  1.00 16.92 ? 317 HOH A O   1 
HETATM 1126 O  O   . HOH G 5 .   ? 0.658   1.977   6.206   1.00 19.16 ? 318 HOH A O   1 
HETATM 1127 O  O   . HOH G 5 .   ? 12.975  -11.433 -2.586  1.00 25.33 ? 319 HOH A O   1 
HETATM 1128 O  O   . HOH G 5 .   ? -13.292 -6.407  -6.882  1.00 37.02 ? 320 HOH A O   1 
HETATM 1129 O  O   . HOH G 5 .   ? 5.946   -4.084  10.984  0.60 15.57 ? 321 HOH A O   1 
HETATM 1130 O  O   . HOH G 5 .   ? -4.607  -3.222  -9.267  1.00 29.69 ? 322 HOH A O   1 
HETATM 1131 O  O   . HOH G 5 .   ? 14.580  -0.904  -0.333  1.00 33.33 ? 323 HOH A O   1 
HETATM 1132 O  O   . HOH G 5 .   ? 12.013  -10.033 4.475   1.00 13.45 ? 324 HOH A O   1 
HETATM 1133 O  O   . HOH G 5 .   ? -1.943  0.791   6.015   1.00 14.91 ? 325 HOH A O   1 
HETATM 1134 O  O   . HOH G 5 .   ? -17.428 4.234   -3.819  1.00 37.87 ? 326 HOH A O   1 
HETATM 1135 O  O   . HOH G 5 .   ? 6.641   -1.059  -7.430  1.00 15.72 ? 327 HOH A O   1 
HETATM 1136 O  O   . HOH G 5 .   ? -5.557  11.563  7.902   1.00 19.39 ? 328 HOH A O   1 
HETATM 1137 O  O   . HOH G 5 .   ? 5.289   -9.867  12.555  1.00 29.62 ? 329 HOH A O   1 
HETATM 1138 O  O   . HOH G 5 .   ? -3.425  -9.523  9.012   1.00 23.27 ? 330 HOH A O   1 
HETATM 1139 O  O   . HOH G 5 .   ? 6.467   -0.879  -14.005 1.00 31.32 ? 331 HOH A O   1 
HETATM 1140 O  O   . HOH G 5 .   ? -9.008  -13.972 2.501   1.00 34.02 ? 332 HOH A O   1 
HETATM 1141 O  O   . HOH G 5 .   ? 14.043  -10.814 1.027   1.00 25.65 ? 333 HOH A O   1 
HETATM 1142 O  O   . HOH G 5 .   ? 0.993   -10.128 8.372   1.00 24.71 ? 334 HOH A O   1 
HETATM 1143 O  O   . HOH G 5 .   ? 0.014   12.079  2.083   1.00 22.31 ? 335 HOH A O   1 
HETATM 1144 O  O   . HOH G 5 .   ? 17.817  -5.448  0.883   0.60 17.34 ? 336 HOH A O   1 
HETATM 1145 O  O   . HOH G 5 .   ? 18.795  0.954   -7.734  1.00 29.20 ? 337 HOH A O   1 
HETATM 1146 O  O   . HOH G 5 .   ? -16.587 14.091  -7.878  1.00 37.02 ? 338 HOH A O   1 
HETATM 1147 O  O   . HOH G 5 .   ? 16.804  -8.740  -9.071  1.00 32.30 ? 339 HOH A O   1 
HETATM 1148 O  O   . HOH G 5 .   ? 17.885  -2.018  -2.132  0.60 25.86 ? 340 HOH A O   1 
HETATM 1149 O  O   . HOH G 5 .   ? 12.991  -8.550  -1.799  1.00 29.87 ? 341 HOH A O   1 
HETATM 1150 O  O   . HOH G 5 .   ? -0.166  -0.247  13.321  1.00 26.32 ? 342 HOH A O   1 
HETATM 1151 O  O   . HOH G 5 .   ? 3.148   -1.491  16.477  0.60 22.66 ? 343 HOH A O   1 
HETATM 1152 O  O   . HOH G 5 .   ? 2.481   -16.635 5.941   1.00 28.94 ? 344 HOH A O   1 
HETATM 1153 O  O   . HOH G 5 .   ? -1.818  8.214   -8.316  1.00 37.33 ? 345 HOH A O   1 
HETATM 1154 O  O   . HOH G 5 .   ? -6.754  -8.775  -6.928  1.00 40.17 ? 346 HOH A O   1 
HETATM 1155 O  O   . HOH G 5 .   ? -1.740  13.859  -2.696  1.00 37.31 ? 347 HOH A O   1 
HETATM 1156 O  O   . HOH G 5 .   ? 13.751  -6.858  -3.713  1.00 26.12 ? 348 HOH A O   1 
HETATM 1157 O  O   . HOH G 5 .   ? 5.121   6.496   3.228   1.00 34.84 ? 349 HOH A O   1 
HETATM 1158 O  O   . HOH G 5 .   ? -2.160  0.366   -10.762 1.00 33.09 ? 350 HOH A O   1 
HETATM 1159 O  O   . HOH G 5 .   ? -18.378 -1.152  -14.045 1.00 38.96 ? 351 HOH A O   1 
HETATM 1160 O  O   . HOH G 5 .   ? 1.509   -3.753  -8.700  1.00 22.08 ? 352 HOH A O   1 
HETATM 1161 O  O   . HOH G 5 .   ? 1.565   -14.396 -3.963  1.00 28.39 ? 353 HOH A O   1 
HETATM 1162 O  O   . HOH G 5 .   ? 12.009  -11.551 2.198   1.00 26.62 ? 354 HOH A O   1 
HETATM 1163 O  O   . HOH G 5 .   ? 2.542   -8.880  -6.727  1.00 27.61 ? 355 HOH A O   1 
HETATM 1164 O  O   . HOH G 5 .   ? -6.753  9.820   -10.859 1.00 39.61 ? 356 HOH A O   1 
HETATM 1165 O  O   . HOH G 5 .   ? -9.123  17.909  -5.276  1.00 37.05 ? 357 HOH A O   1 
HETATM 1166 O  O   . HOH G 5 .   ? 9.360   -0.079  -15.275 1.00 52.88 ? 358 HOH A O   1 
HETATM 1167 O  O   . HOH G 5 .   ? -2.158  -16.672 6.019   1.00 31.58 ? 359 HOH A O   1 
HETATM 1168 O  O   . HOH G 5 .   ? -11.026 10.076  6.079   1.00 26.14 ? 360 HOH A O   1 
HETATM 1169 O  O   . HOH G 5 .   ? -2.337  16.433  4.031   1.00 24.46 ? 361 HOH A O   1 
HETATM 1170 O  O   . HOH G 5 .   ? 10.601  5.373   -0.370  0.60 31.17 ? 362 HOH A O   1 
HETATM 1171 O  O   . HOH G 5 .   ? -6.733  3.346   10.376  1.00 42.05 ? 363 HOH A O   1 
HETATM 1172 O  O   . HOH G 5 .   ? -13.170 -2.691  8.686   1.00 31.81 ? 364 HOH A O   1 
HETATM 1173 O  O   . HOH G 5 .   ? 0.078   6.036   -7.749  1.00 24.92 ? 365 HOH A O   1 
HETATM 1174 O  O   . HOH G 5 .   ? 13.743  8.435   1.850   0.60 25.37 ? 366 HOH A O   1 
HETATM 1175 O  O   . HOH G 5 .   ? -12.337 0.736   -10.825 1.00 28.52 ? 367 HOH A O   1 
HETATM 1176 O  O   . HOH G 5 .   ? 1.514   15.075  -4.029  0.60 37.22 ? 368 HOH A O   1 
HETATM 1177 O  O   . HOH G 5 .   ? -11.644 -0.153  8.968   1.00 38.38 ? 369 HOH A O   1 
HETATM 1178 O  O   . HOH G 5 .   ? 7.011   8.405   1.610   0.60 42.55 ? 370 HOH A O   1 
HETATM 1179 O  O   . HOH G 5 .   ? 1.610   -7.310  -8.343  1.00 33.41 ? 371 HOH A O   1 
HETATM 1180 O  O   . HOH G 5 .   ? 1.354   -7.734  -10.731 0.60 30.16 ? 372 HOH A O   1 
HETATM 1181 O  O   . HOH G 5 .   ? 17.870  -4.718  -1.943  1.00 31.69 ? 373 HOH A O   1 
HETATM 1182 O  O   . HOH G 5 .   ? -6.341  -19.165 -0.853  1.00 49.02 ? 374 HOH A O   1 
HETATM 1183 O  O   . HOH G 5 .   ? -13.751 17.970  -3.056  1.00 38.38 ? 375 HOH A O   1 
HETATM 1184 O  O   . HOH G 5 .   ? -1.197  -10.025 10.447  1.00 30.02 ? 376 HOH A O   1 
HETATM 1185 O  O   . HOH G 5 .   ? 11.741  7.482   0.268   0.60 34.59 ? 377 HOH A O   1 
HETATM 1186 O  O   . HOH G 5 .   ? 3.134   -15.765 -2.353  1.00 33.72 ? 378 HOH A O   1 
HETATM 1187 O  O   . HOH G 5 .   ? -13.546 16.257  0.892   1.00 29.20 ? 379 HOH A O   1 
HETATM 1188 O  O   . HOH G 5 .   ? 15.728  11.666  -0.499  0.60 24.16 ? 380 HOH A O   1 
# 
